data_6OM2
#
_entry.id   6OM2
#
_cell.length_a   161.190
_cell.length_b   53.850
_cell.length_c   176.620
_cell.angle_alpha   90.00
_cell.angle_beta   111.47
_cell.angle_gamma   90.00
#
_symmetry.space_group_name_H-M   'P 1 21 1'
#
loop_
_entity.id
_entity.type
_entity.pdbx_description
1 polymer 'Integrin alpha-V'
2 polymer 'Integrin beta-8'
3 polymer 'proTGF-beta1 RGD peptide'
4 branched beta-D-mannopyranose-(1-4)-2-acetamido-2-deoxy-beta-D-glucopyranose-(1-4)-2-acetamido-2-deoxy-beta-D-glucopyranose
5 branched alpha-D-mannopyranose-(1-3)-[alpha-D-mannopyranose-(1-6)]alpha-D-mannopyranose-(1-6)-[alpha-D-mannopyranose-(1-3)]beta-D-mannopyranose-(1-4)-2-acetamido-2-deoxy-beta-D-glucopyranose-(1-4)-2-acetamido-2-deoxy-beta-D-glucopyranose
6 branched alpha-D-mannopyranose-(1-3)-[alpha-D-mannopyranose-(1-6)]beta-D-mannopyranose-(1-4)-2-acetamido-2-deoxy-beta-D-glucopyranose-(1-4)-2-acetamido-2-deoxy-beta-D-glucopyranose
7 branched alpha-D-mannopyranose-(1-3)-beta-D-mannopyranose-(1-4)-2-acetamido-2-deoxy-beta-D-glucopyranose-(1-4)-2-acetamido-2-deoxy-beta-D-glucopyranose
8 branched 2-acetamido-2-deoxy-beta-D-glucopyranose-(1-4)-2-acetamido-2-deoxy-beta-D-glucopyranose
9 branched alpha-D-mannopyranose-(1-3)-alpha-D-mannopyranose-(1-6)-[alpha-D-mannopyranose-(1-3)]beta-D-mannopyranose-(1-4)-2-acetamido-2-deoxy-beta-D-glucopyranose-(1-4)-2-acetamido-2-deoxy-beta-D-glucopyranose
10 non-polymer 'CALCIUM ION'
11 non-polymer 2-acetamido-2-deoxy-beta-D-glucopyranose
12 non-polymer DI(HYDROXYETHYL)ETHER
13 non-polymer 'MAGNESIUM ION'
14 non-polymer GLYCINE
15 water water
#
loop_
_entity_poly.entity_id
_entity_poly.type
_entity_poly.pdbx_seq_one_letter_code
_entity_poly.pdbx_strand_id
1 'polypeptide(L)'
;FNLDVDSPAEYSGPEGSYFGFAVDFFVPSASSRMFLLVGAPKANTTQPGIVEGGQVLKCDWSSTRRCQPIEFDATGNRDY
AKDDPLEFKSHQWFGASVRSKQDKILACAPLYHWRTEMKQEREPVGTCFLQDGTKTVEYAPCRSQDIDADGQGFCQGGFS
IDFTKADRVLLGGPGSFYWQGQLISDQVAEIVSKYDPNVYSIKYNNQLATRTAQAIFDDSYLGYSVAVGDFNGDGIDDFV
SGVPRAARTLGMVYIYDGKNMSSLYNFTGEQMAAYFGFSVAATDINGDDYADVFIGAPLFMDRGSDGKLQEVGQVSVSLQ
RASGDFQTTKLNGFEVFARFGSAIAPLGDLDQDGFNDIAIAAPYGGEDKKGIVYIFNGRSTGLNAVPSQILEGQWAARSG
CPPSFGYSMKGATDIDKNGYPDLIVGAFGVDRAILYRARPVITVNAGLEVYPSILNQDNKTCSLPGTALKVSCFNVRFCL
KADGKGVLPRKLNFQVELLLDKLKQKGAIRRALFLYSRSPSHSKNMTISRGGLMQCEELIAYLRDESEFRDKLTPITIFM
EYRLDYRTAADTTGLQPILNQFTPANISRQAHILLTGG
;
A,C
2 'polypeptide(L)'
;EDNRCASSNAASCARCLALGPECGWCVQEDFISGGSRSERCDIVSNLISKGCSVDSIEYPSVHVIIPTENEINTQVTPGE
VSIQLRPGAEANFMLKVHPLKKYPVDLYYLVDVSASMHNNIEKLNSVGNDLSRKMAFFSRDFRLGFGSYVDKTVSPYISI
HPERIHNQCSDYNLDCMPPHGYIHVLSLTENITEFEKAVHRQKISGNIDTPEGGFDAMLQAAVCESHIGWRKEAKRLLLV
MTDQTSHLALDSKLAGIVCPNDGNCHLKNNVYVKSTTMEHPSLGQLSEKLIDNNINVIFAVQGKQFHWYKDLLPLLPGTI
AGEIESKAANLNNLVVEAYQKLISEVKVQVENQVQGIYFNITAICPDGSRKPGMEGCRNVTSNDEVLFNVTVTMKKCDVT
GGKNYAIIKPIGFNETAKIHI
;
B,D
3 'polypeptide(L)' GRRGDLATIHG E,F
#
# COMPACT_ATOMS: atom_id res chain seq x y z
N PHE A 1 30.86 -13.75 -13.67
CA PHE A 1 32.11 -14.19 -14.26
C PHE A 1 33.31 -13.50 -13.62
N ASN A 2 33.05 -12.48 -12.81
CA ASN A 2 34.09 -11.65 -12.23
C ASN A 2 34.30 -11.90 -10.74
N LEU A 3 33.80 -13.02 -10.22
CA LEU A 3 34.07 -13.36 -8.83
C LEU A 3 35.50 -13.88 -8.71
N ASP A 4 36.22 -13.35 -7.73
CA ASP A 4 37.64 -13.67 -7.55
C ASP A 4 37.75 -15.06 -6.92
N VAL A 5 38.11 -16.05 -7.73
CA VAL A 5 38.38 -17.39 -7.22
C VAL A 5 39.82 -17.57 -6.80
N ASP A 6 40.70 -16.61 -7.12
CA ASP A 6 42.12 -16.77 -6.83
C ASP A 6 42.37 -16.73 -5.33
N SER A 7 41.93 -15.66 -4.66
CA SER A 7 42.20 -15.44 -3.24
C SER A 7 40.89 -15.14 -2.52
N PRO A 8 40.05 -16.14 -2.32
CA PRO A 8 38.83 -15.94 -1.53
C PRO A 8 39.11 -16.00 -0.05
N ALA A 9 38.34 -15.21 0.70
CA ALA A 9 38.45 -15.21 2.16
C ALA A 9 37.75 -16.44 2.72
N GLU A 10 38.46 -17.20 3.55
CA GLU A 10 37.94 -18.42 4.12
C GLU A 10 37.77 -18.28 5.63
N TYR A 11 36.67 -18.83 6.15
CA TYR A 11 36.33 -18.76 7.56
C TYR A 11 36.00 -20.14 8.06
N SER A 12 36.48 -20.46 9.27
CA SER A 12 36.33 -21.78 9.85
C SER A 12 35.64 -21.68 11.21
N GLY A 13 35.04 -22.79 11.62
CA GLY A 13 34.36 -22.87 12.89
C GLY A 13 34.64 -24.19 13.59
N PRO A 14 34.09 -24.35 14.80
CA PRO A 14 34.32 -25.58 15.55
C PRO A 14 33.83 -26.80 14.80
N GLU A 15 34.57 -27.90 14.93
CA GLU A 15 34.29 -29.10 14.14
C GLU A 15 32.93 -29.69 14.53
N GLY A 16 32.19 -30.13 13.51
CA GLY A 16 30.91 -30.77 13.72
C GLY A 16 29.76 -29.86 14.06
N SER A 17 29.96 -28.55 14.08
CA SER A 17 28.93 -27.61 14.47
C SER A 17 28.14 -27.07 13.28
N TYR A 18 28.31 -27.65 12.09
CA TYR A 18 27.61 -27.21 10.89
C TYR A 18 27.80 -25.71 10.65
N PHE A 19 29.00 -25.23 10.93
CA PHE A 19 29.33 -23.83 10.68
C PHE A 19 29.17 -23.51 9.19
N GLY A 20 28.30 -22.56 8.88
CA GLY A 20 27.96 -22.24 7.51
C GLY A 20 26.59 -22.73 7.07
N PHE A 21 25.81 -23.30 7.98
CA PHE A 21 24.44 -23.71 7.64
C PHE A 21 23.60 -22.52 7.20
N ALA A 22 23.94 -21.32 7.68
CA ALA A 22 23.24 -20.09 7.32
C ALA A 22 24.23 -18.95 7.35
N VAL A 23 24.09 -18.02 6.39
CA VAL A 23 25.03 -16.91 6.24
C VAL A 23 24.26 -15.65 5.88
N ASP A 24 24.92 -14.51 6.07
CA ASP A 24 24.34 -13.21 5.71
C ASP A 24 25.41 -12.14 5.96
N PHE A 25 25.09 -10.92 5.55
CA PHE A 25 25.92 -9.75 5.82
C PHE A 25 25.39 -9.00 7.02
N PHE A 26 26.18 -8.04 7.49
CA PHE A 26 25.76 -7.17 8.59
C PHE A 26 26.43 -5.82 8.42
N VAL A 27 25.64 -4.81 8.09
CA VAL A 27 26.13 -3.44 7.91
C VAL A 27 25.42 -2.57 8.94
N PRO A 28 25.95 -2.46 10.16
CA PRO A 28 25.15 -1.87 11.25
C PRO A 28 24.72 -0.42 11.01
N SER A 29 25.55 0.39 10.35
CA SER A 29 25.30 1.82 10.20
C SER A 29 25.73 2.57 11.45
N ALA A 30 25.75 3.89 11.38
CA ALA A 30 26.31 4.77 12.39
C ALA A 30 27.83 4.68 12.42
N SER A 31 28.43 3.91 11.51
CA SER A 31 29.87 3.75 11.43
C SER A 31 30.21 3.13 10.08
N SER A 32 31.45 3.34 9.65
CA SER A 32 31.92 2.79 8.38
C SER A 32 32.60 1.44 8.63
N ARG A 33 31.78 0.46 8.99
CA ARG A 33 32.25 -0.88 9.26
C ARG A 33 31.23 -1.90 8.78
N MET A 34 31.72 -3.09 8.45
CA MET A 34 30.88 -4.17 7.93
C MET A 34 31.44 -5.49 8.42
N PHE A 35 30.56 -6.50 8.47
CA PHE A 35 30.93 -7.81 8.95
C PHE A 35 30.11 -8.87 8.23
N LEU A 36 30.51 -10.13 8.42
CA LEU A 36 29.72 -11.28 8.00
C LEU A 36 28.92 -11.83 9.18
N LEU A 37 28.05 -12.80 8.87
CA LEU A 37 27.32 -13.55 9.87
C LEU A 37 27.23 -15.01 9.41
N VAL A 38 27.42 -15.93 10.34
CA VAL A 38 27.39 -17.35 10.02
C VAL A 38 26.70 -18.09 11.16
N GLY A 39 25.92 -19.10 10.80
CA GLY A 39 25.15 -19.87 11.76
C GLY A 39 25.79 -21.23 12.00
N ALA A 40 25.90 -21.58 13.29
CA ALA A 40 26.39 -22.89 13.72
C ALA A 40 25.28 -23.54 14.53
N PRO A 41 24.39 -24.30 13.89
CA PRO A 41 23.20 -24.79 14.61
C PRO A 41 23.52 -25.81 15.69
N LYS A 42 24.56 -26.63 15.50
CA LYS A 42 24.90 -27.68 16.44
C LYS A 42 26.09 -27.32 17.32
N ALA A 43 26.29 -26.03 17.58
CA ALA A 43 27.46 -25.58 18.32
C ALA A 43 27.24 -25.70 19.81
N ASN A 44 28.27 -26.18 20.51
CA ASN A 44 28.25 -26.24 21.96
C ASN A 44 28.47 -24.85 22.56
N THR A 45 27.69 -24.53 23.59
CA THR A 45 27.71 -23.21 24.18
C THR A 45 27.98 -23.30 25.68
N THR A 46 28.28 -22.14 26.28
CA THR A 46 28.50 -22.05 27.72
C THR A 46 27.21 -21.96 28.52
N GLN A 47 26.06 -21.90 27.86
CA GLN A 47 24.80 -21.82 28.57
C GLN A 47 24.71 -22.96 29.59
N PRO A 48 24.18 -22.70 30.79
CA PRO A 48 24.27 -23.72 31.86
C PRO A 48 23.56 -25.01 31.48
N GLY A 49 24.33 -26.10 31.43
CA GLY A 49 23.78 -27.42 31.19
C GLY A 49 22.93 -27.53 29.93
N ILE A 50 23.50 -27.11 28.80
CA ILE A 50 22.82 -27.19 27.51
C ILE A 50 23.81 -27.74 26.48
N VAL A 51 23.37 -28.74 25.72
CA VAL A 51 24.21 -29.44 24.75
C VAL A 51 23.82 -28.99 23.36
N GLU A 52 24.80 -28.53 22.58
CA GLU A 52 24.59 -28.12 21.20
C GLU A 52 23.42 -27.15 21.10
N GLY A 53 23.47 -26.10 21.93
CA GLY A 53 22.42 -25.11 21.94
C GLY A 53 22.43 -24.16 20.77
N GLY A 54 23.30 -24.40 19.80
CA GLY A 54 23.40 -23.54 18.64
C GLY A 54 24.06 -22.22 18.97
N GLN A 55 24.52 -21.50 17.95
CA GLN A 55 25.15 -20.20 18.15
C GLN A 55 25.39 -19.56 16.79
N VAL A 56 25.31 -18.23 16.76
CA VAL A 56 25.55 -17.45 15.56
C VAL A 56 26.78 -16.58 15.81
N LEU A 57 27.74 -16.63 14.91
CA LEU A 57 29.00 -15.92 15.07
C LEU A 57 29.07 -14.74 14.10
N LYS A 58 29.89 -13.76 14.49
CA LYS A 58 30.11 -12.55 13.69
C LYS A 58 31.55 -12.59 13.20
N CYS A 59 31.74 -12.86 11.92
CA CYS A 59 33.06 -12.88 11.30
C CYS A 59 33.34 -11.53 10.65
N ASP A 60 34.52 -10.98 10.93
CA ASP A 60 34.85 -9.63 10.49
C ASP A 60 35.60 -9.66 9.17
N TRP A 61 35.39 -8.61 8.36
CA TRP A 61 36.08 -8.48 7.09
C TRP A 61 37.46 -7.86 7.23
N SER A 62 37.65 -7.00 8.23
CA SER A 62 38.89 -6.25 8.37
C SER A 62 40.09 -7.17 8.62
N SER A 63 40.95 -7.32 7.61
CA SER A 63 42.20 -8.05 7.73
C SER A 63 41.99 -9.49 8.18
N THR A 64 42.14 -9.76 9.47
CA THR A 64 42.06 -11.13 9.95
C THR A 64 40.67 -11.71 9.69
N ARG A 65 40.58 -13.04 9.79
CA ARG A 65 39.36 -13.78 9.48
C ARG A 65 38.75 -14.37 10.75
N ARG A 66 38.80 -13.62 11.85
CA ARG A 66 38.44 -14.15 13.16
C ARG A 66 36.96 -13.91 13.47
N CYS A 67 36.31 -14.94 13.98
CA CYS A 67 34.89 -14.91 14.32
C CYS A 67 34.72 -15.03 15.83
N GLN A 68 33.70 -14.33 16.35
CA GLN A 68 33.35 -14.42 17.76
C GLN A 68 31.86 -14.66 17.88
N PRO A 69 31.41 -15.59 18.72
CA PRO A 69 29.96 -15.80 18.88
C PRO A 69 29.25 -14.56 19.40
N ILE A 70 27.96 -14.50 19.10
CA ILE A 70 27.08 -13.42 19.55
C ILE A 70 26.25 -13.96 20.70
N GLU A 71 26.55 -13.50 21.93
CA GLU A 71 25.75 -13.91 23.07
C GLU A 71 24.34 -13.37 22.95
N PHE A 72 23.45 -14.12 22.30
CA PHE A 72 22.04 -13.74 22.24
C PHE A 72 21.33 -14.04 23.56
N ASP A 73 21.71 -15.12 24.24
CA ASP A 73 21.02 -15.55 25.46
C ASP A 73 21.96 -16.49 26.21
N ALA A 74 22.58 -15.99 27.26
CA ALA A 74 23.51 -16.77 28.07
C ALA A 74 22.79 -17.57 29.16
N THR A 75 21.47 -17.48 29.26
CA THR A 75 20.73 -18.20 30.28
C THR A 75 20.54 -19.66 29.86
N GLY A 76 19.99 -20.45 30.78
CA GLY A 76 19.73 -21.85 30.52
C GLY A 76 18.27 -22.15 30.30
N ASN A 77 17.79 -23.25 30.86
CA ASN A 77 16.39 -23.67 30.72
C ASN A 77 15.62 -23.08 31.89
N ARG A 78 14.86 -22.01 31.62
CA ARG A 78 14.04 -21.42 32.65
C ARG A 78 13.06 -22.45 33.22
N ASP A 79 12.59 -22.17 34.43
CA ASP A 79 11.71 -23.08 35.16
C ASP A 79 10.33 -22.44 35.32
N TYR A 80 9.30 -23.15 34.87
CA TYR A 80 7.93 -22.70 35.10
C TYR A 80 7.55 -22.82 36.57
N ALA A 81 8.20 -23.72 37.30
CA ALA A 81 7.98 -23.91 38.73
C ALA A 81 9.16 -24.70 39.28
N LYS A 82 9.08 -25.08 40.55
CA LYS A 82 10.11 -25.90 41.16
C LYS A 82 10.27 -27.20 40.39
N ASP A 83 11.48 -27.46 39.89
CA ASP A 83 11.81 -28.70 39.20
C ASP A 83 10.93 -28.95 37.99
N ASP A 84 10.34 -27.90 37.42
CA ASP A 84 9.43 -28.01 36.27
C ASP A 84 10.01 -27.21 35.12
N PRO A 85 10.76 -27.85 34.22
CA PRO A 85 11.45 -27.06 33.18
C PRO A 85 10.45 -26.43 32.23
N LEU A 86 10.62 -25.13 31.98
CA LEU A 86 9.74 -24.41 31.08
C LEU A 86 10.16 -24.56 29.62
N GLU A 87 11.46 -24.71 29.37
CA GLU A 87 12.01 -24.72 28.03
C GLU A 87 12.94 -25.91 27.87
N PHE A 88 13.39 -26.11 26.63
CA PHE A 88 14.40 -27.14 26.32
C PHE A 88 15.28 -26.58 25.21
N LYS A 89 16.37 -25.93 25.61
CA LYS A 89 17.27 -25.28 24.66
C LYS A 89 18.37 -26.21 24.16
N SER A 90 18.37 -27.48 24.55
CA SER A 90 19.34 -28.43 24.03
C SER A 90 18.88 -28.96 22.68
N HIS A 91 19.80 -28.99 21.72
CA HIS A 91 19.51 -29.40 20.35
C HIS A 91 18.42 -28.54 19.72
N GLN A 92 18.37 -27.27 20.12
CA GLN A 92 17.36 -26.36 19.57
C GLN A 92 17.73 -25.84 18.19
N TRP A 93 18.96 -26.06 17.74
CA TRP A 93 19.41 -25.60 16.42
C TRP A 93 19.33 -24.09 16.31
N PHE A 94 19.77 -23.38 17.36
CA PHE A 94 19.87 -21.93 17.27
C PHE A 94 20.94 -21.57 16.25
N GLY A 95 20.57 -20.73 15.29
CA GLY A 95 21.44 -20.40 14.17
C GLY A 95 21.14 -21.17 12.91
N ALA A 96 20.12 -22.05 12.92
CA ALA A 96 19.73 -22.74 11.70
C ALA A 96 19.31 -21.75 10.62
N SER A 97 18.82 -20.58 11.02
CA SER A 97 18.41 -19.54 10.07
C SER A 97 18.92 -18.20 10.58
N VAL A 98 19.51 -17.42 9.69
CA VAL A 98 20.06 -16.12 10.03
C VAL A 98 19.53 -15.10 9.05
N ARG A 99 19.48 -13.84 9.48
CA ARG A 99 18.91 -12.78 8.66
C ARG A 99 19.18 -11.43 9.32
N SER A 100 19.67 -10.47 8.54
CA SER A 100 20.08 -9.18 9.07
C SER A 100 19.55 -8.06 8.21
N LYS A 101 19.21 -6.94 8.85
CA LYS A 101 18.77 -5.74 8.14
C LYS A 101 19.29 -4.52 8.91
N GLN A 102 20.43 -3.99 8.47
CA GLN A 102 21.05 -2.80 9.07
C GLN A 102 21.45 -3.16 10.49
N ASP A 103 20.89 -2.52 11.52
CA ASP A 103 21.31 -2.80 12.89
C ASP A 103 20.66 -4.04 13.47
N LYS A 104 19.46 -4.39 13.01
CA LYS A 104 18.74 -5.52 13.58
C LYS A 104 19.31 -6.84 13.07
N ILE A 105 19.39 -7.83 13.97
CA ILE A 105 19.80 -9.19 13.62
C ILE A 105 18.75 -10.14 14.16
N LEU A 106 18.38 -11.14 13.36
CA LEU A 106 17.35 -12.10 13.72
C LEU A 106 17.86 -13.51 13.44
N ALA A 107 18.09 -14.28 14.51
CA ALA A 107 18.42 -15.69 14.42
C ALA A 107 17.32 -16.50 15.10
N CYS A 108 17.19 -17.77 14.70
CA CYS A 108 16.10 -18.60 15.17
C CYS A 108 16.60 -20.00 15.53
N ALA A 109 15.73 -20.75 16.20
CA ALA A 109 16.04 -22.12 16.63
C ALA A 109 14.84 -23.00 16.31
N PRO A 110 14.75 -23.51 15.07
CA PRO A 110 13.57 -24.29 14.67
C PRO A 110 13.23 -25.47 15.57
N LEU A 111 14.22 -26.02 16.29
CA LEU A 111 13.98 -27.22 17.10
C LEU A 111 13.95 -26.93 18.60
N TYR A 112 13.64 -25.70 18.98
CA TYR A 112 13.47 -25.33 20.39
C TYR A 112 12.13 -25.86 20.89
N HIS A 113 12.16 -26.59 22.00
CA HIS A 113 10.96 -27.16 22.60
C HIS A 113 10.63 -26.41 23.88
N TRP A 114 9.35 -26.48 24.28
CA TRP A 114 8.91 -25.86 25.51
C TRP A 114 7.78 -26.70 26.11
N ARG A 115 7.46 -26.40 27.37
CA ARG A 115 6.60 -27.26 28.17
C ARG A 115 5.12 -26.98 27.99
N THR A 116 4.74 -25.77 27.60
CA THR A 116 3.35 -25.30 27.69
C THR A 116 3.02 -25.01 29.15
N GLU A 117 2.29 -23.91 29.40
CA GLU A 117 1.89 -23.57 30.75
C GLU A 117 0.76 -24.44 31.27
N MET A 118 0.19 -25.31 30.43
CA MET A 118 -1.02 -26.05 30.75
C MET A 118 -0.77 -27.52 31.05
N LYS A 119 0.44 -28.02 30.80
CA LYS A 119 0.67 -29.46 30.87
C LYS A 119 2.13 -29.79 30.63
N GLN A 120 2.60 -30.91 31.16
CA GLN A 120 3.99 -31.33 31.01
C GLN A 120 4.15 -32.01 29.65
N GLU A 121 4.49 -31.20 28.65
CA GLU A 121 4.67 -31.67 27.28
C GLU A 121 6.02 -31.15 26.78
N ARG A 122 6.46 -31.69 25.63
CA ARG A 122 7.69 -31.23 24.97
C ARG A 122 7.33 -30.95 23.51
N GLU A 123 7.04 -29.68 23.21
CA GLU A 123 6.52 -29.28 21.92
C GLU A 123 7.49 -28.37 21.20
N PRO A 124 7.88 -28.68 19.95
CA PRO A 124 8.83 -27.80 19.22
C PRO A 124 8.16 -26.60 18.56
N VAL A 125 7.79 -25.61 19.37
CA VAL A 125 7.17 -24.41 18.84
C VAL A 125 8.19 -23.51 18.12
N GLY A 126 9.47 -23.67 18.43
CA GLY A 126 10.49 -22.82 17.83
C GLY A 126 10.46 -21.41 18.37
N THR A 127 11.65 -20.83 18.56
CA THR A 127 11.77 -19.45 19.05
C THR A 127 12.85 -18.73 18.26
N CYS A 128 12.80 -17.40 18.30
CA CYS A 128 13.77 -16.56 17.64
C CYS A 128 14.24 -15.48 18.60
N PHE A 129 15.45 -14.99 18.37
CA PHE A 129 16.04 -13.89 19.14
C PHE A 129 16.39 -12.74 18.22
N LEU A 130 16.11 -11.52 18.68
CA LEU A 130 16.30 -10.31 17.89
C LEU A 130 17.15 -9.33 18.68
N GLN A 131 18.23 -8.85 18.07
CA GLN A 131 19.13 -7.89 18.71
C GLN A 131 19.15 -6.59 17.93
N ASP A 132 19.21 -5.48 18.66
CA ASP A 132 19.29 -4.15 18.04
C ASP A 132 20.12 -3.28 18.96
N GLY A 133 21.34 -2.97 18.55
CA GLY A 133 22.25 -2.20 19.39
C GLY A 133 22.58 -2.92 20.68
N THR A 134 22.08 -2.40 21.80
CA THR A 134 22.28 -3.02 23.11
C THR A 134 21.07 -3.82 23.58
N LYS A 135 19.94 -3.72 22.89
CA LYS A 135 18.73 -4.43 23.27
C LYS A 135 18.67 -5.79 22.58
N THR A 136 18.16 -6.79 23.30
CA THR A 136 17.97 -8.13 22.76
C THR A 136 16.67 -8.69 23.33
N VAL A 137 15.81 -9.19 22.46
CA VAL A 137 14.49 -9.67 22.86
C VAL A 137 14.25 -11.04 22.25
N GLU A 138 13.36 -11.79 22.87
CA GLU A 138 12.93 -13.09 22.38
C GLU A 138 11.62 -12.93 21.61
N TYR A 139 11.44 -13.77 20.60
CA TYR A 139 10.27 -13.68 19.73
C TYR A 139 9.86 -15.10 19.36
N ALA A 140 8.82 -15.61 20.04
CA ALA A 140 8.28 -16.94 19.80
C ALA A 140 6.79 -16.80 19.52
N PRO A 141 6.41 -16.32 18.33
CA PRO A 141 4.99 -16.12 18.03
C PRO A 141 4.19 -17.41 18.03
N CYS A 142 4.85 -18.56 17.92
CA CYS A 142 4.18 -19.85 18.01
C CYS A 142 4.12 -20.38 19.44
N ARG A 143 4.90 -19.81 20.35
CA ARG A 143 4.81 -20.13 21.78
C ARG A 143 3.57 -19.44 22.32
N SER A 144 2.46 -20.17 22.36
CA SER A 144 1.17 -19.58 22.67
C SER A 144 0.33 -20.57 23.46
N GLN A 145 -0.87 -20.13 23.84
CA GLN A 145 -1.82 -21.03 24.47
C GLN A 145 -2.44 -22.00 23.49
N ASP A 146 -2.33 -21.73 22.19
CA ASP A 146 -2.80 -22.63 21.14
C ASP A 146 -1.75 -23.73 20.97
N ILE A 147 -1.94 -24.82 21.71
CA ILE A 147 -0.90 -25.84 21.85
C ILE A 147 -1.25 -27.12 21.10
N ASP A 148 -0.47 -28.17 21.31
CA ASP A 148 -0.65 -29.47 20.66
C ASP A 148 -0.46 -29.37 19.15
N ALA A 149 -0.61 -30.49 18.46
CA ALA A 149 -0.34 -30.53 17.02
C ALA A 149 -1.43 -29.80 16.23
N ASP A 150 -2.70 -30.01 16.59
CA ASP A 150 -3.77 -29.28 15.93
C ASP A 150 -3.65 -27.78 16.10
N GLY A 151 -2.76 -27.31 16.96
CA GLY A 151 -2.49 -25.89 17.11
C GLY A 151 -1.09 -25.53 16.62
N GLN A 152 -0.41 -24.66 17.36
CA GLN A 152 0.93 -24.23 17.02
C GLN A 152 2.00 -24.99 17.80
N GLY A 153 1.67 -26.19 18.30
CA GLY A 153 2.60 -26.90 19.17
C GLY A 153 3.88 -27.31 18.47
N PHE A 154 3.78 -27.68 17.19
CA PHE A 154 4.93 -28.16 16.43
C PHE A 154 5.35 -27.18 15.34
N CYS A 155 4.93 -25.92 15.45
CA CYS A 155 5.09 -24.96 14.38
C CYS A 155 6.54 -24.81 13.94
N GLN A 156 7.49 -24.97 14.87
CA GLN A 156 8.91 -24.76 14.57
C GLN A 156 9.14 -23.40 13.92
N GLY A 157 8.56 -22.36 14.54
CA GLY A 157 8.71 -21.02 14.05
C GLY A 157 10.16 -20.63 13.86
N GLY A 158 10.43 -19.81 12.84
CA GLY A 158 11.78 -19.43 12.51
C GLY A 158 12.48 -20.35 11.54
N PHE A 159 11.84 -21.46 11.16
CA PHE A 159 12.41 -22.35 10.15
C PHE A 159 13.00 -21.55 9.00
N SER A 160 12.24 -20.58 8.49
CA SER A 160 12.74 -19.61 7.51
C SER A 160 12.23 -18.24 7.92
N ILE A 161 12.97 -17.21 7.50
CA ILE A 161 12.72 -15.84 7.94
C ILE A 161 13.18 -14.87 6.86
N ASP A 162 12.76 -13.62 7.01
CA ASP A 162 13.21 -12.54 6.14
C ASP A 162 12.66 -11.22 6.66
N PHE A 163 13.36 -10.14 6.33
CA PHE A 163 12.91 -8.79 6.67
C PHE A 163 12.12 -8.21 5.51
N THR A 164 11.60 -7.00 5.68
CA THR A 164 10.90 -6.28 4.62
C THR A 164 11.46 -4.88 4.49
N LYS A 165 11.00 -4.18 3.46
CA LYS A 165 11.48 -2.82 3.19
C LYS A 165 11.08 -1.87 4.30
N ALA A 166 10.02 -2.17 5.04
CA ALA A 166 9.49 -1.27 6.07
C ALA A 166 9.57 -1.88 7.46
N ASP A 167 10.59 -2.71 7.70
CA ASP A 167 10.86 -3.27 9.02
C ASP A 167 9.65 -4.06 9.55
N ARG A 168 9.26 -5.06 8.77
CA ARG A 168 8.36 -6.11 9.24
C ARG A 168 9.09 -7.44 9.09
N VAL A 169 8.92 -8.30 10.07
CA VAL A 169 9.51 -9.63 10.01
C VAL A 169 8.54 -10.54 9.28
N LEU A 170 9.08 -11.55 8.60
CA LEU A 170 8.29 -12.61 7.98
C LEU A 170 8.87 -13.93 8.43
N LEU A 171 8.02 -14.77 9.01
CA LEU A 171 8.48 -15.98 9.68
C LEU A 171 7.66 -17.19 9.22
N GLY A 172 8.36 -18.28 8.93
CA GLY A 172 7.73 -19.52 8.53
C GLY A 172 7.74 -20.54 9.66
N GLY A 173 6.72 -21.38 9.68
CA GLY A 173 6.63 -22.45 10.66
C GLY A 173 5.82 -23.60 10.10
N PRO A 174 6.50 -24.53 9.41
CA PRO A 174 5.79 -25.54 8.62
C PRO A 174 5.09 -26.62 9.45
N GLY A 175 5.14 -26.55 10.77
CA GLY A 175 4.51 -27.57 11.59
C GLY A 175 3.09 -27.24 12.03
N SER A 176 2.73 -25.97 11.99
CA SER A 176 1.43 -25.53 12.50
C SER A 176 0.30 -26.37 11.92
N PHE A 177 -0.71 -26.63 12.76
CA PHE A 177 -1.98 -27.18 12.30
C PHE A 177 -1.79 -28.51 11.59
N TYR A 178 -1.12 -29.44 12.27
CA TYR A 178 -0.77 -30.74 11.70
C TYR A 178 -0.05 -30.56 10.36
N TRP A 179 0.99 -29.73 10.38
CA TRP A 179 1.90 -29.56 9.26
C TRP A 179 1.24 -28.96 8.03
N GLN A 180 0.11 -28.27 8.22
CA GLN A 180 -0.35 -27.35 7.18
C GLN A 180 0.63 -26.20 7.01
N GLY A 181 1.39 -25.88 8.05
CA GLY A 181 2.32 -24.78 8.03
C GLY A 181 1.63 -23.45 8.24
N GLN A 182 2.44 -22.42 8.48
CA GLN A 182 1.92 -21.11 8.81
C GLN A 182 2.94 -20.05 8.46
N LEU A 183 2.43 -18.84 8.22
CA LEU A 183 3.24 -17.65 8.07
C LEU A 183 2.80 -16.62 9.09
N ILE A 184 3.76 -15.86 9.63
CA ILE A 184 3.49 -14.84 10.64
C ILE A 184 4.36 -13.64 10.34
N SER A 185 3.81 -12.45 10.54
CA SER A 185 4.53 -11.20 10.32
C SER A 185 4.17 -10.20 11.40
N ASP A 186 5.18 -9.54 11.94
CA ASP A 186 5.00 -8.58 13.03
C ASP A 186 5.87 -7.36 12.80
N GLN A 187 5.36 -6.19 13.18
CA GLN A 187 6.14 -4.98 13.12
C GLN A 187 7.28 -5.05 14.13
N VAL A 188 8.50 -4.76 13.66
CA VAL A 188 9.65 -4.78 14.55
C VAL A 188 9.42 -3.85 15.74
N ALA A 189 8.69 -2.75 15.52
CA ALA A 189 8.40 -1.82 16.61
C ALA A 189 7.57 -2.46 17.71
N GLU A 190 6.84 -3.54 17.40
CA GLU A 190 6.03 -4.23 18.39
C GLU A 190 6.78 -5.35 19.08
N ILE A 191 7.67 -6.05 18.36
CA ILE A 191 8.45 -7.13 18.97
C ILE A 191 9.25 -6.60 20.15
N VAL A 192 9.67 -5.34 20.10
CA VAL A 192 10.45 -4.75 21.19
C VAL A 192 9.55 -4.03 22.19
N SER A 193 8.50 -3.36 21.72
CA SER A 193 7.62 -2.63 22.62
C SER A 193 6.87 -3.57 23.56
N LYS A 194 6.35 -4.68 23.02
CA LYS A 194 5.53 -5.61 23.79
C LYS A 194 6.35 -6.76 24.39
N TYR A 195 7.67 -6.63 24.43
CA TYR A 195 8.48 -7.71 25.00
C TYR A 195 8.41 -7.67 26.52
N ASP A 196 8.21 -8.85 27.12
CA ASP A 196 8.16 -9.00 28.57
C ASP A 196 8.81 -10.33 28.93
N PRO A 197 9.86 -10.34 29.76
CA PRO A 197 10.54 -11.60 30.06
C PRO A 197 9.74 -12.53 30.95
N ASN A 198 8.82 -12.01 31.76
CA ASN A 198 8.00 -12.84 32.63
C ASN A 198 6.79 -13.41 31.92
N VAL A 199 6.45 -12.90 30.74
CA VAL A 199 5.35 -13.41 29.93
C VAL A 199 5.92 -14.31 28.85
N TYR A 200 5.36 -15.51 28.69
CA TYR A 200 5.90 -16.50 27.77
C TYR A 200 5.16 -16.53 26.43
N SER A 201 3.89 -16.14 26.40
CA SER A 201 3.08 -16.10 25.18
C SER A 201 2.65 -14.64 24.96
N ILE A 202 3.48 -13.89 24.26
CA ILE A 202 3.22 -12.47 24.06
C ILE A 202 2.27 -12.29 22.89
N LYS A 203 1.41 -11.28 22.99
CA LYS A 203 0.41 -10.97 21.97
C LYS A 203 0.70 -9.60 21.39
N TYR A 204 0.78 -9.53 20.06
CA TYR A 204 1.10 -8.29 19.35
C TYR A 204 -0.12 -7.81 18.60
N ASN A 205 -0.35 -6.49 18.64
CA ASN A 205 -1.53 -5.92 18.00
C ASN A 205 -1.45 -6.07 16.48
N ASN A 206 -0.52 -5.35 15.84
CA ASN A 206 -0.40 -5.36 14.39
C ASN A 206 0.36 -6.60 13.94
N GLN A 207 -0.34 -7.73 14.01
CA GLN A 207 0.21 -9.01 13.54
C GLN A 207 -0.64 -9.53 12.40
N LEU A 208 0.02 -10.14 11.42
CA LEU A 208 -0.64 -10.80 10.30
C LEU A 208 -0.23 -12.27 10.30
N ALA A 209 -1.21 -13.16 10.12
CA ALA A 209 -0.93 -14.58 10.18
C ALA A 209 -1.97 -15.34 9.37
N THR A 210 -1.55 -16.47 8.83
CA THR A 210 -2.48 -17.41 8.21
C THR A 210 -3.17 -18.23 9.28
N ARG A 211 -4.43 -18.58 9.01
CA ARG A 211 -5.23 -19.33 9.95
C ARG A 211 -5.29 -20.81 9.54
N THR A 212 -5.74 -21.63 10.47
CA THR A 212 -5.91 -23.04 10.19
C THR A 212 -6.91 -23.24 9.05
N ALA A 213 -6.69 -24.28 8.26
CA ALA A 213 -7.59 -24.61 7.16
C ALA A 213 -8.05 -26.06 7.28
N GLN A 214 -8.77 -26.54 6.27
CA GLN A 214 -9.34 -27.89 6.33
C GLN A 214 -8.22 -28.92 6.43
N ALA A 215 -8.62 -30.14 6.83
CA ALA A 215 -7.65 -31.19 7.08
C ALA A 215 -6.98 -31.69 5.80
N ILE A 216 -7.62 -31.48 4.64
CA ILE A 216 -7.02 -31.88 3.38
C ILE A 216 -5.66 -31.23 3.20
N PHE A 217 -5.50 -30.00 3.68
CA PHE A 217 -4.23 -29.29 3.58
C PHE A 217 -3.18 -29.80 4.56
N ASP A 218 -3.50 -30.80 5.38
CA ASP A 218 -2.51 -31.36 6.28
C ASP A 218 -1.25 -31.76 5.52
N ASP A 219 -0.09 -31.54 6.14
CA ASP A 219 1.18 -31.99 5.60
C ASP A 219 1.56 -31.21 4.34
N SER A 220 1.45 -29.88 4.41
CA SER A 220 1.79 -29.01 3.30
C SER A 220 3.09 -28.25 3.50
N TYR A 221 3.46 -27.95 4.75
CA TYR A 221 4.73 -27.29 5.07
C TYR A 221 4.75 -25.83 4.59
N LEU A 222 3.63 -25.13 4.74
CA LEU A 222 3.64 -23.69 4.48
C LEU A 222 4.63 -23.01 5.41
N GLY A 223 5.51 -22.19 4.83
CA GLY A 223 6.59 -21.59 5.58
C GLY A 223 7.88 -22.37 5.55
N TYR A 224 7.97 -23.39 4.69
CA TYR A 224 9.22 -24.12 4.53
C TYR A 224 10.33 -23.21 4.01
N SER A 225 9.98 -22.26 3.16
CA SER A 225 10.90 -21.23 2.69
C SER A 225 10.11 -19.94 2.53
N VAL A 226 10.83 -18.82 2.48
CA VAL A 226 10.17 -17.52 2.38
C VAL A 226 11.05 -16.55 1.61
N ALA A 227 10.39 -15.67 0.85
CA ALA A 227 11.03 -14.51 0.23
C ALA A 227 10.02 -13.37 0.27
N VAL A 228 10.47 -12.16 -0.09
CA VAL A 228 9.60 -11.00 -0.08
C VAL A 228 9.87 -10.15 -1.31
N GLY A 229 8.84 -9.38 -1.71
CA GLY A 229 8.91 -8.48 -2.83
C GLY A 229 7.52 -7.97 -3.16
N ASP A 230 7.42 -6.81 -3.81
CA ASP A 230 6.12 -6.24 -4.14
C ASP A 230 5.56 -6.92 -5.38
N PHE A 231 4.27 -7.28 -5.32
CA PHE A 231 3.62 -7.93 -6.46
C PHE A 231 2.22 -7.37 -6.73
N ASN A 232 1.92 -6.16 -6.22
CA ASN A 232 0.68 -5.49 -6.57
C ASN A 232 0.86 -3.98 -6.71
N GLY A 233 2.10 -3.49 -6.75
CA GLY A 233 2.37 -2.09 -6.99
C GLY A 233 2.06 -1.17 -5.83
N ASP A 234 1.64 -1.70 -4.69
CA ASP A 234 1.33 -0.85 -3.54
C ASP A 234 2.58 -0.26 -2.91
N GLY A 235 3.75 -0.79 -3.22
CA GLY A 235 4.98 -0.41 -2.57
C GLY A 235 5.31 -1.26 -1.36
N ILE A 236 4.29 -1.82 -0.71
CA ILE A 236 4.49 -2.67 0.45
C ILE A 236 4.98 -4.04 -0.01
N ASP A 237 6.10 -4.49 0.55
CA ASP A 237 6.60 -5.82 0.25
C ASP A 237 5.57 -6.87 0.60
N ASP A 238 5.36 -7.82 -0.31
CA ASP A 238 4.44 -8.93 -0.10
C ASP A 238 5.23 -10.19 0.24
N PHE A 239 4.52 -11.21 0.66
CA PHE A 239 5.13 -12.40 1.25
C PHE A 239 5.04 -13.58 0.29
N VAL A 240 6.19 -14.18 0.01
CA VAL A 240 6.29 -15.36 -0.85
C VAL A 240 6.81 -16.51 0.00
N SER A 241 6.13 -17.66 -0.06
CA SER A 241 6.54 -18.82 0.73
C SER A 241 6.33 -20.09 -0.07
N GLY A 242 7.26 -21.03 0.10
CA GLY A 242 7.15 -22.33 -0.52
C GLY A 242 6.31 -23.29 0.31
N VAL A 243 5.64 -24.21 -0.37
CA VAL A 243 4.77 -25.19 0.26
C VAL A 243 5.09 -26.54 -0.39
N PRO A 244 6.23 -27.15 -0.05
CA PRO A 244 6.72 -28.26 -0.88
C PRO A 244 5.80 -29.47 -0.98
N ARG A 245 5.15 -29.88 0.11
CA ARG A 245 4.31 -31.06 0.09
C ARG A 245 2.87 -30.74 -0.32
N ALA A 246 2.61 -29.57 -0.89
CA ALA A 246 1.25 -29.18 -1.24
C ALA A 246 0.77 -29.89 -2.49
N ALA A 247 -0.53 -29.77 -2.76
CA ALA A 247 -1.17 -30.27 -3.97
C ALA A 247 -0.70 -31.68 -4.29
N ARG A 248 -0.97 -32.59 -3.36
CA ARG A 248 -0.60 -33.99 -3.50
C ARG A 248 0.90 -34.16 -3.74
N THR A 249 1.69 -33.24 -3.19
CA THR A 249 3.15 -33.22 -3.25
C THR A 249 3.66 -32.61 -4.55
N LEU A 250 2.80 -32.13 -5.44
CA LEU A 250 3.28 -31.36 -6.58
C LEU A 250 4.05 -30.13 -6.12
N GLY A 251 3.78 -29.64 -4.91
CA GLY A 251 4.42 -28.46 -4.40
C GLY A 251 3.73 -27.20 -4.87
N MET A 252 3.82 -26.14 -4.08
CA MET A 252 3.23 -24.86 -4.45
C MET A 252 4.06 -23.75 -3.83
N VAL A 253 3.76 -22.52 -4.25
CA VAL A 253 4.38 -21.32 -3.68
C VAL A 253 3.27 -20.30 -3.53
N TYR A 254 2.89 -20.01 -2.29
CA TYR A 254 1.85 -19.02 -2.03
C TYR A 254 2.46 -17.63 -2.01
N ILE A 255 1.73 -16.66 -2.57
CA ILE A 255 2.04 -15.24 -2.41
C ILE A 255 0.87 -14.61 -1.69
N TYR A 256 1.14 -14.00 -0.53
CA TYR A 256 0.14 -13.26 0.22
C TYR A 256 0.46 -11.78 0.16
N ASP A 257 -0.57 -10.95 0.29
CA ASP A 257 -0.36 -9.51 0.36
C ASP A 257 0.28 -9.14 1.69
N GLY A 258 1.19 -8.17 1.65
CA GLY A 258 1.91 -7.76 2.83
C GLY A 258 1.19 -6.78 3.72
N LYS A 259 -0.04 -6.40 3.37
CA LYS A 259 -0.81 -5.45 4.16
C LYS A 259 -1.98 -6.09 4.89
N ASN A 260 -2.57 -7.15 4.33
CA ASN A 260 -3.69 -7.83 4.98
C ASN A 260 -3.59 -9.35 4.90
N MET A 261 -2.49 -9.90 4.39
CA MET A 261 -2.27 -11.35 4.35
C MET A 261 -3.33 -12.05 3.50
N SER A 262 -3.88 -11.37 2.51
CA SER A 262 -4.83 -11.97 1.60
C SER A 262 -4.11 -12.58 0.40
N SER A 263 -4.59 -13.74 -0.04
CA SER A 263 -3.93 -14.47 -1.12
C SER A 263 -3.87 -13.64 -2.39
N LEU A 264 -2.76 -13.79 -3.13
CA LEU A 264 -2.55 -13.06 -4.37
C LEU A 264 -2.34 -13.99 -5.55
N TYR A 265 -1.24 -14.75 -5.57
CA TYR A 265 -0.98 -15.71 -6.64
C TYR A 265 -0.56 -17.04 -6.04
N ASN A 266 -0.83 -18.12 -6.78
CA ASN A 266 -0.34 -19.45 -6.46
C ASN A 266 0.55 -19.94 -7.60
N PHE A 267 1.63 -20.63 -7.24
CA PHE A 267 2.40 -21.42 -8.18
C PHE A 267 2.20 -22.90 -7.84
N THR A 268 2.28 -23.75 -8.86
CA THR A 268 2.09 -25.18 -8.67
C THR A 268 3.14 -25.91 -9.50
N GLY A 269 3.99 -26.69 -8.82
CA GLY A 269 4.95 -27.53 -9.52
C GLY A 269 4.26 -28.46 -10.48
N GLU A 270 5.06 -29.24 -11.22
CA GLU A 270 4.51 -30.11 -12.25
C GLU A 270 4.97 -31.56 -12.13
N GLN A 271 5.84 -31.86 -11.18
CA GLN A 271 6.30 -33.24 -10.94
C GLN A 271 6.11 -33.55 -9.46
N MET A 272 5.57 -34.74 -9.18
CA MET A 272 5.37 -35.16 -7.80
C MET A 272 6.71 -35.50 -7.15
N ALA A 273 6.85 -35.13 -5.88
CA ALA A 273 8.04 -35.36 -5.06
C ALA A 273 9.21 -34.49 -5.47
N ALA A 274 9.07 -33.65 -6.49
CA ALA A 274 10.15 -32.75 -6.89
C ALA A 274 10.46 -31.69 -5.85
N TYR A 275 9.66 -31.59 -4.80
CA TYR A 275 9.87 -30.61 -3.73
C TYR A 275 9.92 -29.19 -4.31
N PHE A 276 9.02 -28.90 -5.25
CA PHE A 276 8.77 -27.55 -5.71
C PHE A 276 8.49 -26.65 -4.52
N GLY A 277 9.45 -25.80 -4.15
CA GLY A 277 9.26 -24.89 -3.03
C GLY A 277 10.28 -25.04 -1.92
N PHE A 278 11.32 -25.86 -2.13
CA PHE A 278 12.38 -25.97 -1.13
C PHE A 278 13.10 -24.64 -0.97
N SER A 279 13.21 -23.86 -2.04
CA SER A 279 13.86 -22.56 -2.00
C SER A 279 13.01 -21.58 -2.80
N VAL A 280 13.13 -20.30 -2.46
CA VAL A 280 12.43 -19.25 -3.17
C VAL A 280 13.24 -17.97 -3.05
N ALA A 281 13.15 -17.12 -4.08
CA ALA A 281 13.83 -15.83 -4.07
C ALA A 281 13.04 -14.86 -4.92
N ALA A 282 13.26 -13.57 -4.68
CA ALA A 282 12.59 -12.51 -5.41
C ALA A 282 13.56 -11.37 -5.67
N THR A 283 13.56 -10.86 -6.90
CA THR A 283 14.43 -9.76 -7.29
C THR A 283 14.16 -9.39 -8.74
N ASP A 284 14.29 -8.11 -9.07
CA ASP A 284 14.12 -7.66 -10.46
C ASP A 284 15.33 -8.10 -11.26
N ILE A 285 15.13 -9.06 -12.17
CA ILE A 285 16.23 -9.66 -12.90
C ILE A 285 16.38 -9.11 -14.32
N ASN A 286 15.56 -8.13 -14.71
CA ASN A 286 15.60 -7.62 -16.08
C ASN A 286 15.35 -6.11 -16.14
N GLY A 287 15.70 -5.39 -15.07
CA GLY A 287 15.62 -3.94 -15.09
C GLY A 287 14.24 -3.38 -15.41
N ASP A 288 13.19 -4.18 -15.27
CA ASP A 288 11.83 -3.71 -15.50
C ASP A 288 11.23 -3.03 -14.29
N ASP A 289 11.87 -3.14 -13.12
CA ASP A 289 11.42 -2.54 -11.86
C ASP A 289 10.36 -3.38 -11.17
N TYR A 290 10.12 -4.61 -11.64
CA TYR A 290 9.15 -5.51 -11.03
C TYR A 290 9.86 -6.75 -10.54
N ALA A 291 9.71 -7.05 -9.26
CA ALA A 291 10.34 -8.24 -8.68
C ALA A 291 9.97 -9.47 -9.50
N ASP A 292 10.94 -10.37 -9.64
CA ASP A 292 10.76 -11.61 -10.37
C ASP A 292 10.95 -12.78 -9.42
N VAL A 293 10.18 -13.85 -9.61
CA VAL A 293 10.10 -14.95 -8.66
C VAL A 293 10.94 -16.13 -9.16
N PHE A 294 11.77 -16.66 -8.28
CA PHE A 294 12.57 -17.85 -8.57
C PHE A 294 12.22 -18.94 -7.56
N ILE A 295 11.90 -20.13 -8.06
CA ILE A 295 11.44 -21.23 -7.23
C ILE A 295 12.31 -22.45 -7.49
N GLY A 296 12.70 -23.14 -6.43
CA GLY A 296 13.59 -24.28 -6.52
C GLY A 296 12.85 -25.60 -6.37
N ALA A 297 13.32 -26.60 -7.11
CA ALA A 297 12.79 -27.96 -7.04
C ALA A 297 13.95 -28.93 -7.12
N PRO A 298 14.68 -29.12 -6.00
CA PRO A 298 15.96 -29.83 -6.08
C PRO A 298 15.86 -31.28 -6.50
N LEU A 299 14.71 -31.92 -6.35
CA LEU A 299 14.57 -33.35 -6.59
C LEU A 299 13.88 -33.66 -7.91
N PHE A 300 13.76 -32.68 -8.79
CA PHE A 300 13.13 -32.90 -10.08
C PHE A 300 14.03 -33.73 -11.00
N MET A 301 13.43 -34.69 -11.69
CA MET A 301 14.15 -35.54 -12.64
C MET A 301 13.52 -35.38 -14.02
N ASP A 302 14.33 -35.03 -15.01
CA ASP A 302 13.87 -34.78 -16.36
C ASP A 302 14.12 -35.99 -17.24
N ARG A 303 13.27 -36.15 -18.25
CA ARG A 303 13.43 -37.21 -19.24
C ARG A 303 14.64 -36.86 -20.11
N GLY A 304 15.76 -37.53 -19.87
CA GLY A 304 17.01 -37.19 -20.53
C GLY A 304 17.02 -37.50 -22.02
N SER A 305 18.22 -37.64 -22.57
CA SER A 305 18.37 -37.85 -24.01
C SER A 305 17.99 -39.27 -24.43
N ASP A 306 18.02 -40.23 -23.50
CA ASP A 306 17.74 -41.63 -23.82
C ASP A 306 16.39 -42.08 -23.27
N GLY A 307 15.44 -41.16 -23.15
CA GLY A 307 14.13 -41.51 -22.63
C GLY A 307 14.14 -42.08 -21.23
N LYS A 308 15.20 -41.83 -20.47
CA LYS A 308 15.32 -42.31 -19.10
C LYS A 308 15.24 -41.14 -18.14
N LEU A 309 14.79 -41.41 -16.92
CA LEU A 309 14.65 -40.41 -15.88
C LEU A 309 15.88 -40.39 -14.99
N GLN A 310 16.26 -39.19 -14.55
CA GLN A 310 17.42 -39.03 -13.69
C GLN A 310 17.28 -37.73 -12.91
N GLU A 311 17.54 -37.80 -11.60
CA GLU A 311 17.37 -36.66 -10.72
C GLU A 311 18.46 -35.63 -10.97
N VAL A 312 18.06 -34.40 -11.33
CA VAL A 312 19.02 -33.35 -11.65
C VAL A 312 18.62 -32.05 -10.96
N GLY A 313 17.32 -31.79 -10.86
CA GLY A 313 16.81 -30.57 -10.28
C GLY A 313 16.30 -29.60 -11.34
N GLN A 314 15.65 -28.55 -10.85
CA GLN A 314 15.04 -27.56 -11.75
C GLN A 314 14.60 -26.31 -11.00
N VAL A 315 14.95 -25.15 -11.54
CA VAL A 315 14.50 -23.86 -11.04
C VAL A 315 13.53 -23.26 -12.05
N SER A 316 12.46 -22.64 -11.55
CA SER A 316 11.48 -21.97 -12.39
C SER A 316 11.66 -20.47 -12.25
N VAL A 317 11.65 -19.76 -13.37
CA VAL A 317 11.89 -18.31 -13.41
C VAL A 317 10.61 -17.65 -13.89
N SER A 318 10.07 -16.73 -13.11
CA SER A 318 8.84 -16.03 -13.44
C SER A 318 9.08 -14.54 -13.39
N LEU A 319 8.67 -13.84 -14.45
CA LEU A 319 8.83 -12.39 -14.56
C LEU A 319 7.49 -11.72 -14.33
N GLN A 320 7.43 -10.86 -13.32
CA GLN A 320 6.21 -10.11 -13.04
C GLN A 320 5.90 -9.18 -14.19
N ARG A 321 4.67 -9.27 -14.69
CA ARG A 321 4.21 -8.41 -15.78
C ARG A 321 3.43 -7.23 -15.23
N ALA A 322 3.36 -6.17 -16.03
CA ALA A 322 2.57 -5.00 -15.65
C ALA A 322 1.11 -5.36 -15.45
N SER A 323 0.61 -6.34 -16.19
CA SER A 323 -0.77 -6.78 -16.05
C SER A 323 -1.02 -7.59 -14.79
N GLY A 324 0.04 -8.01 -14.09
CA GLY A 324 -0.07 -8.91 -12.98
C GLY A 324 0.27 -10.35 -13.29
N ASP A 325 0.37 -10.70 -14.57
CA ASP A 325 0.68 -12.06 -14.97
C ASP A 325 2.16 -12.36 -14.72
N PHE A 326 2.55 -13.60 -14.98
CA PHE A 326 3.93 -14.05 -14.83
C PHE A 326 4.35 -14.79 -16.09
N GLN A 327 5.42 -14.33 -16.72
CA GLN A 327 6.04 -15.04 -17.84
C GLN A 327 7.04 -16.02 -17.25
N THR A 328 6.68 -17.30 -17.21
CA THR A 328 7.44 -18.30 -16.49
C THR A 328 8.29 -19.13 -17.45
N THR A 329 9.57 -19.28 -17.12
CA THR A 329 10.49 -20.13 -17.86
C THR A 329 11.24 -21.01 -16.88
N LYS A 330 11.62 -22.21 -17.34
CA LYS A 330 12.23 -23.22 -16.49
C LYS A 330 13.71 -23.37 -16.83
N LEU A 331 14.39 -24.18 -16.01
CA LEU A 331 15.84 -24.27 -16.06
C LEU A 331 16.28 -25.51 -15.28
N ASN A 332 16.67 -26.57 -16.00
CA ASN A 332 17.04 -27.82 -15.37
C ASN A 332 18.50 -27.81 -14.94
N GLY A 333 18.86 -28.78 -14.10
CA GLY A 333 20.22 -28.95 -13.66
C GLY A 333 21.07 -29.66 -14.70
N PHE A 334 22.33 -29.88 -14.32
CA PHE A 334 23.31 -30.47 -15.23
C PHE A 334 23.82 -31.81 -14.73
N GLU A 335 24.23 -31.91 -13.48
CA GLU A 335 24.74 -33.15 -12.91
C GLU A 335 23.63 -33.86 -12.14
N VAL A 336 23.73 -35.19 -12.10
CA VAL A 336 22.72 -36.02 -11.46
C VAL A 336 22.95 -36.02 -9.94
N PHE A 337 21.85 -36.03 -9.18
CA PHE A 337 21.87 -36.03 -7.73
C PHE A 337 22.59 -34.83 -7.14
N ALA A 338 22.92 -33.84 -7.96
CA ALA A 338 23.56 -32.63 -7.44
C ALA A 338 22.60 -31.73 -6.69
N ARG A 339 21.29 -32.01 -6.75
CA ARG A 339 20.28 -31.22 -6.05
C ARG A 339 20.28 -29.77 -6.53
N PHE A 340 20.43 -29.59 -7.84
CA PHE A 340 20.42 -28.25 -8.42
C PHE A 340 19.15 -27.51 -8.01
N GLY A 341 19.32 -26.29 -7.51
CA GLY A 341 18.21 -25.50 -7.04
C GLY A 341 17.98 -25.52 -5.54
N SER A 342 18.91 -26.10 -4.77
CA SER A 342 18.74 -26.12 -3.31
C SER A 342 18.75 -24.71 -2.73
N ALA A 343 19.66 -23.87 -3.20
CA ALA A 343 19.77 -22.50 -2.72
C ALA A 343 19.74 -21.54 -3.90
N ILE A 344 19.12 -20.39 -3.70
CA ILE A 344 18.94 -19.37 -4.74
C ILE A 344 19.22 -18.03 -4.11
N ALA A 345 20.34 -17.41 -4.48
CA ALA A 345 20.76 -16.16 -3.85
C ALA A 345 20.72 -15.01 -4.84
N PRO A 346 19.86 -14.01 -4.64
CA PRO A 346 20.01 -12.76 -5.40
C PRO A 346 21.37 -12.15 -5.15
N LEU A 347 21.91 -11.49 -6.18
CA LEU A 347 23.25 -10.94 -6.12
C LEU A 347 23.33 -9.44 -6.38
N GLY A 348 22.23 -8.81 -6.80
CA GLY A 348 22.38 -7.48 -7.34
C GLY A 348 23.07 -7.56 -8.69
N ASP A 349 23.66 -6.45 -9.10
CA ASP A 349 24.36 -6.39 -10.39
C ASP A 349 25.79 -6.81 -10.13
N LEU A 350 26.05 -8.11 -10.21
CA LEU A 350 27.38 -8.65 -9.93
C LEU A 350 28.44 -8.09 -10.87
N ASP A 351 28.05 -7.61 -12.05
CA ASP A 351 29.00 -7.07 -13.03
C ASP A 351 28.73 -5.62 -13.37
N GLN A 352 27.78 -4.97 -12.72
CA GLN A 352 27.48 -3.56 -12.94
C GLN A 352 27.24 -3.25 -14.42
N ASP A 353 26.36 -4.05 -15.03
CA ASP A 353 26.01 -3.87 -16.44
C ASP A 353 24.59 -3.35 -16.62
N GLY A 354 23.83 -3.16 -15.55
CA GLY A 354 22.49 -2.63 -15.61
C GLY A 354 21.39 -3.59 -15.19
N PHE A 355 21.68 -4.88 -15.08
CA PHE A 355 20.68 -5.88 -14.72
C PHE A 355 21.17 -6.70 -13.56
N ASN A 356 20.26 -7.09 -12.68
CA ASN A 356 20.63 -7.89 -11.52
C ASN A 356 20.96 -9.32 -11.95
N ASP A 357 21.65 -10.02 -11.08
CA ASP A 357 22.16 -11.36 -11.33
C ASP A 357 21.81 -12.25 -10.15
N ILE A 358 21.95 -13.56 -10.34
CA ILE A 358 21.51 -14.51 -9.32
C ILE A 358 22.43 -15.72 -9.32
N ALA A 359 22.68 -16.26 -8.13
CA ALA A 359 23.43 -17.49 -7.96
C ALA A 359 22.46 -18.64 -7.66
N ILE A 360 22.82 -19.83 -8.14
CA ILE A 360 22.02 -21.03 -7.91
C ILE A 360 22.98 -22.17 -7.59
N ALA A 361 22.71 -22.87 -6.50
CA ALA A 361 23.64 -23.85 -5.95
C ALA A 361 23.16 -25.27 -6.20
N ALA A 362 24.12 -26.16 -6.42
CA ALA A 362 23.90 -27.60 -6.49
C ALA A 362 24.85 -28.23 -5.48
N PRO A 363 24.44 -28.35 -4.21
CA PRO A 363 25.41 -28.60 -3.14
C PRO A 363 26.06 -29.98 -3.19
N TYR A 364 25.58 -30.90 -4.03
CA TYR A 364 26.10 -32.26 -4.08
C TYR A 364 26.58 -32.63 -5.47
N GLY A 365 27.10 -31.65 -6.23
CA GLY A 365 27.67 -31.88 -7.53
C GLY A 365 29.18 -31.64 -7.53
N GLY A 366 29.76 -31.87 -8.71
CA GLY A 366 31.18 -31.66 -8.89
C GLY A 366 32.00 -32.90 -8.59
N GLU A 367 33.30 -32.69 -8.55
CA GLU A 367 34.23 -33.77 -8.23
C GLU A 367 34.03 -34.22 -6.78
N ASP A 368 33.79 -35.51 -6.60
CA ASP A 368 33.63 -36.12 -5.28
C ASP A 368 32.47 -35.52 -4.49
N LYS A 369 31.52 -34.89 -5.18
CA LYS A 369 30.32 -34.35 -4.55
C LYS A 369 30.67 -33.26 -3.53
N LYS A 370 31.71 -32.48 -3.83
CA LYS A 370 32.13 -31.40 -2.96
C LYS A 370 31.28 -30.14 -3.10
N GLY A 371 30.35 -30.12 -4.03
CA GLY A 371 29.41 -29.02 -4.18
C GLY A 371 29.79 -28.07 -5.30
N ILE A 372 28.78 -27.41 -5.86
CA ILE A 372 28.96 -26.48 -6.97
C ILE A 372 27.98 -25.32 -6.81
N VAL A 373 28.34 -24.18 -7.38
CA VAL A 373 27.47 -23.01 -7.44
C VAL A 373 27.56 -22.43 -8.85
N TYR A 374 26.42 -22.01 -9.40
CA TYR A 374 26.34 -21.48 -10.75
C TYR A 374 25.89 -20.03 -10.72
N ILE A 375 26.58 -19.17 -11.46
CA ILE A 375 26.25 -17.76 -11.55
C ILE A 375 25.51 -17.52 -12.86
N PHE A 376 24.35 -16.88 -12.76
CA PHE A 376 23.52 -16.56 -13.91
C PHE A 376 23.34 -15.05 -14.00
N ASN A 377 23.53 -14.50 -15.19
CA ASN A 377 23.40 -13.07 -15.41
C ASN A 377 22.06 -12.76 -16.08
N GLY A 378 21.53 -11.58 -15.73
CA GLY A 378 20.22 -11.17 -16.20
C GLY A 378 20.31 -10.22 -17.38
N ARG A 379 19.21 -10.15 -18.12
CA ARG A 379 19.13 -9.34 -19.33
C ARG A 379 17.74 -8.73 -19.41
N SER A 380 17.57 -7.83 -20.38
CA SER A 380 16.27 -7.21 -20.60
C SER A 380 15.22 -8.25 -20.99
N THR A 381 15.63 -9.33 -21.63
CA THR A 381 14.72 -10.39 -22.06
C THR A 381 14.42 -11.40 -20.96
N GLY A 382 15.17 -11.36 -19.85
CA GLY A 382 15.00 -12.33 -18.79
C GLY A 382 16.34 -12.79 -18.24
N LEU A 383 16.44 -14.05 -17.83
CA LEU A 383 17.66 -14.61 -17.29
C LEU A 383 18.43 -15.34 -18.39
N ASN A 384 19.71 -15.00 -18.54
CA ASN A 384 20.59 -15.74 -19.43
C ASN A 384 20.78 -17.15 -18.88
N ALA A 385 20.30 -18.16 -19.61
CA ALA A 385 20.21 -19.51 -19.08
C ALA A 385 21.55 -20.24 -19.05
N VAL A 386 22.60 -19.69 -19.64
CA VAL A 386 23.93 -20.29 -19.61
C VAL A 386 24.74 -19.61 -18.51
N PRO A 387 25.22 -20.35 -17.52
CA PRO A 387 25.92 -19.69 -16.41
C PRO A 387 27.26 -19.12 -16.86
N SER A 388 27.63 -17.98 -16.27
CA SER A 388 28.86 -17.29 -16.62
C SER A 388 30.03 -17.68 -15.72
N GLN A 389 29.79 -18.44 -14.65
CA GLN A 389 30.86 -18.80 -13.73
C GLN A 389 30.40 -20.02 -12.93
N ILE A 390 31.37 -20.85 -12.55
CA ILE A 390 31.11 -22.06 -11.79
C ILE A 390 32.08 -22.12 -10.62
N LEU A 391 31.55 -22.24 -9.41
CA LEU A 391 32.36 -22.31 -8.20
C LEU A 391 32.40 -23.75 -7.71
N GLU A 392 33.60 -24.33 -7.66
CA GLU A 392 33.78 -25.73 -7.30
C GLU A 392 34.19 -25.86 -5.84
N GLY A 393 33.58 -26.82 -5.15
CA GLY A 393 33.90 -27.03 -3.75
C GLY A 393 35.30 -27.59 -3.60
N GLN A 394 35.98 -27.14 -2.55
CA GLN A 394 37.40 -27.44 -2.35
C GLN A 394 37.66 -28.50 -1.28
N TRP A 395 36.66 -28.84 -0.46
CA TRP A 395 36.84 -29.72 0.67
C TRP A 395 36.20 -31.08 0.40
N ALA A 396 36.97 -32.14 0.62
CA ALA A 396 36.44 -33.50 0.53
C ALA A 396 35.69 -33.86 1.79
N ALA A 397 34.82 -34.87 1.66
CA ALA A 397 33.97 -35.29 2.77
C ALA A 397 34.78 -35.48 4.04
N ARG A 398 34.29 -34.94 5.15
CA ARG A 398 34.98 -35.06 6.44
C ARG A 398 34.66 -36.40 7.09
N SER A 399 33.39 -36.62 7.45
CA SER A 399 33.01 -37.85 8.15
C SER A 399 31.50 -38.01 8.02
N GLY A 400 31.08 -38.77 7.01
CA GLY A 400 29.68 -39.13 6.84
C GLY A 400 28.83 -38.18 6.01
N CYS A 401 28.81 -36.91 6.37
CA CYS A 401 27.98 -35.93 5.68
C CYS A 401 28.80 -35.24 4.58
N PRO A 402 28.27 -35.09 3.36
CA PRO A 402 29.03 -34.42 2.31
C PRO A 402 29.32 -32.98 2.69
N PRO A 403 30.28 -32.33 2.01
CA PRO A 403 30.61 -30.94 2.38
C PRO A 403 29.43 -29.99 2.27
N SER A 404 28.58 -30.15 1.26
CA SER A 404 27.40 -29.32 1.08
C SER A 404 27.79 -27.88 0.76
N PHE A 405 28.70 -27.72 -0.20
CA PHE A 405 29.12 -26.40 -0.64
C PHE A 405 28.03 -25.80 -1.52
N GLY A 406 27.40 -24.72 -1.03
CA GLY A 406 26.30 -24.09 -1.71
C GLY A 406 24.94 -24.28 -1.06
N TYR A 407 24.86 -25.09 0.01
CA TYR A 407 23.59 -25.29 0.69
C TYR A 407 22.99 -23.96 1.14
N SER A 408 23.84 -23.03 1.57
CA SER A 408 23.42 -21.68 1.90
C SER A 408 24.38 -20.70 1.24
N MET A 409 23.92 -19.46 1.09
CA MET A 409 24.73 -18.39 0.52
C MET A 409 23.92 -17.11 0.52
N LYS A 410 24.62 -15.99 0.40
CA LYS A 410 24.00 -14.67 0.46
C LYS A 410 24.86 -13.69 -0.33
N GLY A 411 24.20 -12.78 -1.04
CA GLY A 411 24.90 -11.76 -1.79
C GLY A 411 24.23 -10.40 -1.71
N ALA A 412 24.48 -9.55 -2.71
CA ALA A 412 23.86 -8.23 -2.87
C ALA A 412 24.47 -7.16 -1.98
N THR A 413 25.63 -7.42 -1.36
CA THR A 413 26.29 -6.43 -0.52
C THR A 413 27.72 -6.27 -0.99
N ASP A 414 28.16 -5.02 -1.12
CA ASP A 414 29.54 -4.70 -1.51
C ASP A 414 30.30 -4.41 -0.22
N ILE A 415 30.99 -5.42 0.30
CA ILE A 415 31.57 -5.32 1.63
C ILE A 415 32.95 -4.67 1.60
N ASP A 416 33.75 -4.96 0.57
CA ASP A 416 35.05 -4.31 0.44
C ASP A 416 34.93 -2.89 -0.10
N LYS A 417 33.71 -2.41 -0.32
CA LYS A 417 33.47 -1.04 -0.81
C LYS A 417 34.35 -0.75 -2.02
N ASN A 418 34.25 -1.62 -3.03
CA ASN A 418 34.90 -1.42 -4.31
C ASN A 418 33.93 -1.03 -5.43
N GLY A 419 32.65 -1.36 -5.27
CA GLY A 419 31.63 -1.01 -6.25
C GLY A 419 30.86 -2.20 -6.79
N TYR A 420 31.24 -3.43 -6.45
CA TYR A 420 30.60 -4.60 -7.02
C TYR A 420 30.07 -5.52 -5.91
N PRO A 421 28.88 -6.09 -6.09
CA PRO A 421 28.32 -6.95 -5.04
C PRO A 421 29.15 -8.20 -4.84
N ASP A 422 29.36 -8.56 -3.59
CA ASP A 422 30.14 -9.74 -3.22
C ASP A 422 29.20 -10.87 -2.81
N LEU A 423 29.78 -12.05 -2.63
CA LEU A 423 29.01 -13.27 -2.39
C LEU A 423 29.60 -14.05 -1.23
N ILE A 424 28.72 -14.62 -0.41
CA ILE A 424 29.10 -15.52 0.67
C ILE A 424 28.53 -16.90 0.34
N VAL A 425 29.34 -17.94 0.57
CA VAL A 425 28.91 -19.32 0.37
C VAL A 425 29.26 -20.11 1.62
N GLY A 426 28.40 -21.06 1.99
CA GLY A 426 28.59 -21.86 3.17
C GLY A 426 28.58 -23.35 2.85
N ALA A 427 29.38 -24.10 3.61
CA ALA A 427 29.47 -25.55 3.48
C ALA A 427 29.50 -26.14 4.89
N PHE A 428 28.32 -26.37 5.46
CA PHE A 428 28.23 -26.86 6.84
C PHE A 428 28.83 -28.26 6.99
N GLY A 429 28.94 -29.03 5.90
CA GLY A 429 29.48 -30.37 5.99
C GLY A 429 30.94 -30.41 6.42
N VAL A 430 31.64 -29.29 6.35
CA VAL A 430 33.03 -29.21 6.78
C VAL A 430 33.20 -27.98 7.67
N ASP A 431 32.09 -27.33 8.02
CA ASP A 431 32.11 -26.20 8.94
C ASP A 431 32.93 -25.04 8.36
N ARG A 432 32.51 -24.58 7.18
CA ARG A 432 33.24 -23.55 6.46
C ARG A 432 32.28 -22.56 5.81
N ALA A 433 32.77 -21.34 5.62
CA ALA A 433 32.08 -20.31 4.85
C ALA A 433 33.11 -19.53 4.07
N ILE A 434 32.76 -19.13 2.85
CA ILE A 434 33.70 -18.47 1.94
C ILE A 434 33.09 -17.15 1.48
N LEU A 435 33.93 -16.13 1.33
CA LEU A 435 33.52 -14.82 0.82
C LEU A 435 34.25 -14.58 -0.48
N TYR A 436 33.52 -14.67 -1.59
CA TYR A 436 34.07 -14.38 -2.92
C TYR A 436 33.87 -12.90 -3.23
N ARG A 437 34.95 -12.24 -3.63
CA ARG A 437 34.94 -10.81 -3.92
C ARG A 437 34.75 -10.58 -5.41
N ALA A 438 33.97 -9.57 -5.76
CA ALA A 438 33.66 -9.27 -7.15
C ALA A 438 34.76 -8.41 -7.75
N ARG A 439 35.38 -8.90 -8.83
CA ARG A 439 36.42 -8.17 -9.53
C ARG A 439 35.80 -7.12 -10.44
N PRO A 440 36.43 -5.95 -10.58
CA PRO A 440 35.90 -4.95 -11.51
C PRO A 440 35.91 -5.47 -12.94
N VAL A 441 35.09 -4.83 -13.78
CA VAL A 441 34.91 -5.24 -15.17
C VAL A 441 35.38 -4.10 -16.07
N ILE A 442 36.33 -4.39 -16.95
CA ILE A 442 36.76 -3.46 -17.98
C ILE A 442 36.00 -3.78 -19.27
N THR A 443 35.40 -2.75 -19.87
CA THR A 443 34.71 -2.88 -21.15
C THR A 443 35.59 -2.28 -22.25
N VAL A 444 35.82 -3.05 -23.31
CA VAL A 444 36.76 -2.68 -24.37
C VAL A 444 35.98 -2.48 -25.67
N ASN A 445 36.17 -1.32 -26.30
CA ASN A 445 35.71 -1.08 -27.66
C ASN A 445 36.92 -1.17 -28.58
N ALA A 446 36.99 -2.24 -29.38
CA ALA A 446 38.09 -2.46 -30.29
C ALA A 446 37.65 -2.22 -31.73
N GLY A 447 38.57 -1.71 -32.54
CA GLY A 447 38.28 -1.41 -33.93
C GLY A 447 39.45 -1.80 -34.81
N LEU A 448 39.12 -2.22 -36.03
CA LEU A 448 40.12 -2.73 -36.96
C LEU A 448 39.71 -2.39 -38.39
N GLU A 449 40.64 -1.79 -39.13
CA GLU A 449 40.38 -1.42 -40.52
C GLU A 449 41.55 -1.87 -41.39
N VAL A 450 41.24 -2.15 -42.65
CA VAL A 450 42.22 -2.63 -43.63
C VAL A 450 41.91 -1.93 -44.94
N TYR A 451 42.77 -1.00 -45.34
CA TYR A 451 42.55 -0.18 -46.54
C TYR A 451 43.84 -0.07 -47.33
N PRO A 452 43.81 -0.34 -48.65
CA PRO A 452 42.67 -0.84 -49.43
C PRO A 452 42.36 -2.31 -49.12
N SER A 453 41.16 -2.76 -49.50
CA SER A 453 40.76 -4.15 -49.29
C SER A 453 40.77 -4.96 -50.57
N ILE A 454 40.55 -4.33 -51.73
CA ILE A 454 40.78 -4.96 -53.03
C ILE A 454 42.21 -4.64 -53.42
N LEU A 455 43.10 -5.61 -53.27
CA LEU A 455 44.53 -5.39 -53.46
C LEU A 455 44.95 -5.68 -54.89
N ASN A 456 45.79 -4.80 -55.43
CA ASN A 456 46.25 -4.87 -56.82
C ASN A 456 47.72 -5.26 -56.83
N GLN A 457 48.02 -6.46 -57.35
CA GLN A 457 49.39 -6.95 -57.32
C GLN A 457 50.34 -6.02 -58.07
N ASP A 458 49.90 -5.48 -59.21
CA ASP A 458 50.74 -4.61 -60.01
C ASP A 458 50.78 -3.17 -59.52
N ASN A 459 50.16 -2.88 -58.37
CA ASN A 459 50.20 -1.56 -57.76
C ASN A 459 51.26 -1.58 -56.68
N LYS A 460 52.52 -1.44 -57.10
CA LYS A 460 53.67 -1.51 -56.20
C LYS A 460 54.06 -0.08 -55.81
N THR A 461 53.68 0.32 -54.60
CA THR A 461 53.89 1.68 -54.13
C THR A 461 55.00 1.77 -53.09
N CYS A 462 54.86 1.08 -51.97
CA CYS A 462 55.85 1.18 -50.90
C CYS A 462 57.09 0.36 -51.25
N SER A 463 58.23 0.79 -50.69
CA SER A 463 59.48 0.07 -50.82
C SER A 463 59.85 -0.53 -49.46
N LEU A 464 60.40 -1.73 -49.50
CA LEU A 464 60.77 -2.40 -48.25
C LEU A 464 61.80 -1.56 -47.49
N PRO A 465 61.78 -1.61 -46.16
CA PRO A 465 62.72 -0.78 -45.40
C PRO A 465 64.16 -1.12 -45.73
N GLY A 466 64.91 -0.11 -46.12
CA GLY A 466 66.32 -0.28 -46.46
C GLY A 466 66.60 -0.59 -47.91
N THR A 467 65.86 -1.56 -48.48
CA THR A 467 66.08 -1.96 -49.86
C THR A 467 65.37 -1.01 -50.81
N ALA A 468 65.54 -1.27 -52.11
CA ALA A 468 64.92 -0.48 -53.15
C ALA A 468 63.80 -1.22 -53.88
N LEU A 469 63.46 -2.43 -53.45
CA LEU A 469 62.36 -3.16 -54.05
C LEU A 469 61.06 -2.40 -53.82
N LYS A 470 60.02 -2.83 -54.53
CA LYS A 470 58.70 -2.22 -54.39
C LYS A 470 57.65 -3.33 -54.35
N VAL A 471 56.63 -3.12 -53.52
CA VAL A 471 55.62 -4.12 -53.25
C VAL A 471 54.25 -3.45 -53.17
N SER A 472 53.21 -4.24 -53.33
CA SER A 472 51.84 -3.76 -53.18
C SER A 472 51.49 -3.76 -51.70
N CYS A 473 51.43 -2.57 -51.11
CA CYS A 473 51.21 -2.40 -49.69
C CYS A 473 49.75 -2.03 -49.40
N PHE A 474 49.41 -2.05 -48.12
CA PHE A 474 48.08 -1.70 -47.64
C PHE A 474 48.16 -1.60 -46.11
N ASN A 475 47.31 -0.76 -45.55
CA ASN A 475 47.38 -0.44 -44.13
C ASN A 475 46.48 -1.34 -43.31
N VAL A 476 46.94 -1.64 -42.10
CA VAL A 476 46.16 -2.34 -41.08
C VAL A 476 46.21 -1.49 -39.83
N ARG A 477 45.07 -0.95 -39.41
CA ARG A 477 44.98 -0.05 -38.27
C ARG A 477 44.05 -0.65 -37.23
N PHE A 478 44.60 -0.98 -36.06
CA PHE A 478 43.82 -1.49 -34.94
C PHE A 478 43.69 -0.40 -33.88
N CYS A 479 42.53 -0.34 -33.25
CA CYS A 479 42.22 0.70 -32.28
C CYS A 479 41.73 0.06 -30.98
N LEU A 480 42.01 0.73 -29.87
CA LEU A 480 41.72 0.19 -28.54
C LEU A 480 41.29 1.31 -27.60
N LYS A 481 40.16 1.11 -26.93
CA LYS A 481 39.62 2.09 -25.99
C LYS A 481 38.84 1.34 -24.93
N ALA A 482 39.07 1.67 -23.66
CA ALA A 482 38.46 0.91 -22.57
C ALA A 482 38.17 1.81 -21.37
N ASP A 483 37.24 1.35 -20.56
CA ASP A 483 36.93 1.99 -19.27
C ASP A 483 36.19 0.97 -18.43
N GLY A 484 35.88 1.36 -17.19
CA GLY A 484 35.18 0.45 -16.29
C GLY A 484 34.69 1.15 -15.05
N LYS A 485 33.77 0.49 -14.37
CA LYS A 485 33.25 0.95 -13.09
C LYS A 485 34.07 0.33 -11.96
N GLY A 486 34.35 1.11 -10.94
CA GLY A 486 34.97 0.61 -9.74
C GLY A 486 36.42 1.01 -9.60
N VAL A 487 37.10 0.35 -8.67
CA VAL A 487 38.46 0.70 -8.27
C VAL A 487 39.43 0.21 -9.33
N LEU A 488 40.04 1.13 -10.06
CA LEU A 488 40.96 0.79 -11.14
C LEU A 488 41.99 1.91 -11.24
N PRO A 489 43.13 1.65 -11.89
CA PRO A 489 44.08 2.73 -12.17
C PRO A 489 43.68 3.46 -13.45
N ARG A 490 44.48 4.46 -13.82
CA ARG A 490 44.18 5.30 -14.96
C ARG A 490 44.83 4.83 -16.26
N LYS A 491 45.55 3.71 -16.24
CA LYS A 491 46.21 3.21 -17.43
C LYS A 491 46.25 1.69 -17.38
N LEU A 492 45.99 1.07 -18.53
CA LEU A 492 45.89 -0.37 -18.64
C LEU A 492 46.88 -0.89 -19.68
N ASN A 493 47.42 -2.08 -19.42
CA ASN A 493 48.41 -2.71 -20.30
C ASN A 493 47.74 -3.86 -21.03
N PHE A 494 47.60 -3.73 -22.35
CA PHE A 494 47.02 -4.77 -23.18
C PHE A 494 48.12 -5.51 -23.94
N GLN A 495 47.72 -6.57 -24.63
CA GLN A 495 48.64 -7.45 -25.36
C GLN A 495 47.96 -7.84 -26.67
N VAL A 496 48.23 -7.08 -27.72
CA VAL A 496 47.55 -7.23 -28.99
C VAL A 496 48.30 -8.24 -29.86
N GLU A 497 47.54 -9.09 -30.57
CA GLU A 497 48.09 -10.13 -31.42
C GLU A 497 47.39 -10.05 -32.78
N LEU A 498 48.13 -9.67 -33.81
CA LEU A 498 47.60 -9.66 -35.18
C LEU A 498 48.19 -10.81 -35.97
N LEU A 499 47.39 -11.35 -36.89
CA LEU A 499 47.81 -12.44 -37.76
C LEU A 499 47.22 -12.23 -39.14
N LEU A 500 48.07 -12.36 -40.17
CA LEU A 500 47.67 -12.16 -41.56
C LEU A 500 47.45 -13.50 -42.25
N ASP A 501 46.40 -13.56 -43.07
CA ASP A 501 46.06 -14.77 -43.83
C ASP A 501 45.87 -15.96 -42.89
N LYS A 502 44.94 -15.78 -41.95
CA LYS A 502 44.72 -16.77 -40.90
C LYS A 502 44.25 -18.10 -41.46
N LEU A 503 43.47 -18.08 -42.55
CA LEU A 503 42.95 -19.33 -43.12
C LEU A 503 44.07 -20.28 -43.49
N LYS A 504 45.24 -19.77 -43.84
CA LYS A 504 46.34 -20.64 -44.26
C LYS A 504 46.92 -21.38 -43.06
N GLN A 505 47.29 -22.64 -43.28
CA GLN A 505 47.81 -23.50 -42.23
C GLN A 505 49.34 -23.51 -42.26
N LYS A 506 49.92 -24.18 -41.26
CA LYS A 506 51.37 -24.21 -41.11
C LYS A 506 52.06 -24.58 -42.41
N GLY A 507 51.66 -25.71 -43.01
CA GLY A 507 52.27 -26.14 -44.25
C GLY A 507 51.95 -25.24 -45.42
N ALA A 508 50.73 -24.68 -45.45
CA ALA A 508 50.33 -23.80 -46.53
C ALA A 508 51.18 -22.54 -46.53
N ILE A 509 51.28 -21.92 -47.71
CA ILE A 509 52.09 -20.72 -47.89
C ILE A 509 51.28 -19.50 -47.50
N ARG A 510 51.91 -18.57 -46.81
CA ARG A 510 51.27 -17.33 -46.36
C ARG A 510 51.59 -16.23 -47.36
N ARG A 511 50.55 -15.48 -47.75
CA ARG A 511 50.65 -14.57 -48.88
C ARG A 511 50.86 -13.12 -48.49
N ALA A 512 50.51 -12.73 -47.26
CA ALA A 512 50.63 -11.35 -46.82
C ALA A 512 51.51 -11.30 -45.58
N LEU A 513 52.47 -10.38 -45.58
CA LEU A 513 53.41 -10.21 -44.48
C LEU A 513 53.42 -8.74 -44.08
N PHE A 514 54.09 -8.46 -42.95
CA PHE A 514 54.20 -7.10 -42.45
C PHE A 514 55.48 -6.45 -42.95
N LEU A 515 55.38 -5.18 -43.31
CA LEU A 515 56.47 -4.51 -44.03
C LEU A 515 57.78 -4.57 -43.25
N TYR A 516 57.71 -4.35 -41.93
CA TYR A 516 58.92 -4.20 -41.13
C TYR A 516 59.33 -5.48 -40.42
N SER A 517 58.60 -6.57 -40.59
CA SER A 517 59.00 -7.85 -40.02
C SER A 517 59.09 -8.98 -41.07
N ARG A 518 58.36 -8.87 -42.18
CA ARG A 518 58.32 -9.94 -43.18
C ARG A 518 57.78 -11.23 -42.57
N SER A 519 56.69 -11.11 -41.82
CA SER A 519 56.13 -12.23 -41.07
C SER A 519 54.62 -12.07 -41.02
N PRO A 520 53.89 -13.17 -40.85
CA PRO A 520 52.42 -13.05 -40.74
C PRO A 520 51.98 -12.38 -39.45
N SER A 521 52.67 -12.63 -38.35
CA SER A 521 52.22 -12.23 -37.02
C SER A 521 52.89 -10.95 -36.56
N HIS A 522 52.21 -10.27 -35.64
CA HIS A 522 52.69 -9.00 -35.09
C HIS A 522 52.12 -8.82 -33.69
N SER A 523 52.99 -8.84 -32.68
CA SER A 523 52.58 -8.58 -31.31
C SER A 523 52.80 -7.11 -30.96
N LYS A 524 52.07 -6.64 -29.96
CA LYS A 524 52.19 -5.26 -29.51
C LYS A 524 51.77 -5.20 -28.04
N ASN A 525 52.50 -4.42 -27.26
CA ASN A 525 52.13 -4.13 -25.88
C ASN A 525 51.68 -2.68 -25.82
N MET A 526 50.39 -2.48 -26.03
CA MET A 526 49.78 -1.15 -26.04
C MET A 526 49.38 -0.76 -24.61
N THR A 527 49.29 0.56 -24.39
CA THR A 527 48.99 1.11 -23.08
C THR A 527 48.09 2.33 -23.26
N ILE A 528 46.80 2.15 -22.98
CA ILE A 528 45.81 3.22 -23.13
C ILE A 528 45.48 3.79 -21.75
N SER A 529 45.11 5.06 -21.72
CA SER A 529 44.57 5.66 -20.51
C SER A 529 43.09 5.35 -20.39
N ARG A 530 42.65 5.06 -19.16
CA ARG A 530 41.29 4.63 -18.93
C ARG A 530 40.30 5.74 -19.27
N GLY A 531 39.24 5.38 -19.98
CA GLY A 531 38.23 6.35 -20.36
C GLY A 531 38.70 7.40 -21.34
N GLY A 532 39.84 7.18 -21.99
CA GLY A 532 40.35 8.11 -22.97
C GLY A 532 39.65 7.95 -24.31
N LEU A 533 40.15 8.71 -25.28
CA LEU A 533 39.69 8.56 -26.65
C LEU A 533 40.36 7.37 -27.31
N MET A 534 39.85 6.99 -28.48
CA MET A 534 40.40 5.87 -29.21
C MET A 534 41.88 6.09 -29.48
N GLN A 535 42.70 5.11 -29.11
CA GLN A 535 44.13 5.12 -29.38
C GLN A 535 44.43 4.04 -30.40
N CYS A 536 45.07 4.42 -31.50
CA CYS A 536 45.24 3.55 -32.65
C CYS A 536 46.69 3.47 -33.07
N GLU A 537 47.04 2.36 -33.69
CA GLU A 537 48.37 2.12 -34.25
C GLU A 537 48.20 1.70 -35.71
N GLU A 538 48.92 2.35 -36.61
CA GLU A 538 48.77 2.13 -38.05
C GLU A 538 49.97 1.32 -38.55
N LEU A 539 49.68 0.17 -39.17
CA LEU A 539 50.71 -0.72 -39.68
C LEU A 539 50.66 -0.76 -41.21
N ILE A 540 51.76 -1.24 -41.80
CA ILE A 540 51.90 -1.39 -43.24
C ILE A 540 52.21 -2.85 -43.54
N ALA A 541 51.33 -3.50 -44.29
CA ALA A 541 51.55 -4.86 -44.77
C ALA A 541 51.76 -4.85 -46.28
N TYR A 542 52.20 -5.98 -46.81
CA TYR A 542 52.47 -6.10 -48.24
C TYR A 542 52.26 -7.54 -48.67
N LEU A 543 52.21 -7.73 -49.98
CA LEU A 543 52.02 -9.05 -50.57
C LEU A 543 53.36 -9.63 -51.04
N ARG A 544 53.48 -10.95 -50.94
CA ARG A 544 54.60 -11.62 -51.58
C ARG A 544 54.60 -11.33 -53.07
N ASP A 545 55.71 -11.64 -53.73
CA ASP A 545 55.80 -11.43 -55.16
C ASP A 545 54.76 -12.27 -55.89
N GLU A 546 54.35 -11.78 -57.06
CA GLU A 546 53.28 -12.44 -57.82
C GLU A 546 53.58 -13.91 -58.05
N SER A 547 54.86 -14.28 -58.18
CA SER A 547 55.26 -15.60 -58.63
C SER A 547 55.60 -16.56 -57.49
N GLU A 548 55.24 -16.22 -56.25
CA GLU A 548 55.58 -17.06 -55.11
C GLU A 548 54.43 -17.93 -54.63
N PHE A 549 53.21 -17.72 -55.13
CA PHE A 549 52.07 -18.50 -54.69
C PHE A 549 51.04 -18.55 -55.81
N ARG A 550 50.23 -19.62 -55.81
CA ARG A 550 49.26 -19.85 -56.86
C ARG A 550 47.85 -19.45 -56.48
N ASP A 551 47.48 -19.54 -55.20
CA ASP A 551 46.11 -19.29 -54.77
C ASP A 551 45.86 -17.79 -54.70
N LYS A 552 44.96 -17.30 -55.56
CA LYS A 552 44.54 -15.91 -55.55
C LYS A 552 43.07 -15.75 -55.16
N LEU A 553 42.37 -16.84 -54.92
CA LEU A 553 40.93 -16.83 -54.68
C LEU A 553 40.59 -16.87 -53.19
N THR A 554 41.22 -17.76 -52.44
CA THR A 554 41.01 -17.82 -51.00
C THR A 554 41.18 -16.42 -50.40
N PRO A 555 40.23 -15.96 -49.58
CA PRO A 555 40.39 -14.63 -48.98
C PRO A 555 41.62 -14.57 -48.10
N ILE A 556 42.01 -13.36 -47.75
CA ILE A 556 43.11 -13.12 -46.81
C ILE A 556 42.48 -12.51 -45.57
N THR A 557 42.37 -13.31 -44.51
CA THR A 557 41.73 -12.87 -43.28
C THR A 557 42.77 -12.26 -42.34
N ILE A 558 42.34 -11.24 -41.60
CA ILE A 558 43.20 -10.49 -40.70
C ILE A 558 42.56 -10.52 -39.32
N PHE A 559 43.17 -11.27 -38.41
CA PHE A 559 42.61 -11.54 -37.09
C PHE A 559 43.34 -10.74 -36.03
N MET A 560 42.60 -10.09 -35.15
CA MET A 560 43.15 -9.43 -33.98
C MET A 560 42.58 -10.06 -32.71
N GLU A 561 43.38 -10.06 -31.66
CA GLU A 561 42.92 -10.44 -30.33
C GLU A 561 43.74 -9.68 -29.31
N TYR A 562 43.07 -9.21 -28.26
CA TYR A 562 43.68 -8.38 -27.23
C TYR A 562 43.47 -9.03 -25.87
N ARG A 563 44.56 -9.25 -25.15
CA ARG A 563 44.52 -9.65 -23.74
C ARG A 563 44.82 -8.46 -22.86
N LEU A 564 44.57 -8.64 -21.56
CA LEU A 564 44.80 -7.60 -20.57
C LEU A 564 45.73 -8.14 -19.50
N ASP A 565 46.75 -7.37 -19.16
CA ASP A 565 47.68 -7.70 -18.09
C ASP A 565 46.99 -7.53 -16.75
N TYR A 566 46.46 -8.62 -16.20
CA TYR A 566 45.69 -8.54 -14.96
C TYR A 566 46.60 -8.26 -13.76
N ARG A 567 47.72 -8.96 -13.66
CA ARG A 567 48.56 -8.89 -12.47
C ARG A 567 48.96 -7.46 -12.12
N THR A 568 48.97 -6.54 -13.09
CA THR A 568 49.41 -5.17 -12.84
C THR A 568 48.27 -4.24 -12.48
N ALA A 569 47.08 -4.47 -13.01
CA ALA A 569 45.93 -3.62 -12.73
C ALA A 569 45.29 -3.92 -11.37
N ALA A 570 45.98 -4.59 -10.47
CA ALA A 570 45.41 -4.95 -9.18
C ALA A 570 45.25 -3.72 -8.30
N ASP A 571 44.32 -3.82 -7.35
CA ASP A 571 44.03 -2.74 -6.42
C ASP A 571 44.85 -2.96 -5.14
N THR A 572 44.48 -2.29 -4.06
CA THR A 572 45.25 -2.34 -2.82
C THR A 572 45.23 -3.71 -2.15
N THR A 573 44.33 -4.61 -2.56
CA THR A 573 44.21 -5.92 -1.94
C THR A 573 44.54 -7.06 -2.91
N GLY A 574 45.08 -6.76 -4.08
CA GLY A 574 45.39 -7.77 -5.06
C GLY A 574 44.22 -8.20 -5.93
N LEU A 575 43.06 -7.58 -5.78
CA LEU A 575 41.89 -7.93 -6.58
C LEU A 575 42.11 -7.45 -8.00
N GLN A 576 42.21 -8.39 -8.95
CA GLN A 576 42.56 -8.03 -10.31
C GLN A 576 41.31 -7.78 -11.15
N PRO A 577 41.30 -6.72 -11.97
CA PRO A 577 40.19 -6.53 -12.90
C PRO A 577 40.10 -7.66 -13.91
N ILE A 578 38.95 -7.75 -14.57
CA ILE A 578 38.71 -8.77 -15.57
C ILE A 578 38.02 -8.12 -16.77
N LEU A 579 38.20 -8.72 -17.94
CA LEU A 579 37.60 -8.20 -19.16
C LEU A 579 36.12 -8.62 -19.23
N ASN A 580 35.28 -7.66 -19.64
CA ASN A 580 33.87 -7.92 -19.84
C ASN A 580 33.70 -9.12 -20.77
N GLN A 581 33.20 -10.23 -20.23
CA GLN A 581 32.97 -11.44 -21.01
C GLN A 581 31.89 -11.25 -22.07
N PHE A 582 31.15 -10.14 -22.03
CA PHE A 582 30.08 -9.92 -22.99
C PHE A 582 30.63 -9.81 -24.42
N THR A 583 31.68 -8.98 -24.60
CA THR A 583 32.23 -8.76 -25.94
C THR A 583 33.24 -9.84 -26.31
N PRO A 584 33.40 -10.14 -27.59
CA PRO A 584 34.50 -11.03 -28.01
C PRO A 584 35.83 -10.31 -27.94
N ALA A 585 36.81 -10.96 -27.31
CA ALA A 585 38.15 -10.40 -27.22
C ALA A 585 38.94 -10.51 -28.52
N ASN A 586 38.26 -10.70 -29.64
CA ASN A 586 38.89 -10.81 -30.95
C ASN A 586 37.94 -10.24 -31.99
N ILE A 587 38.52 -9.74 -33.09
CA ILE A 587 37.73 -9.29 -34.23
C ILE A 587 38.53 -9.57 -35.49
N SER A 588 37.82 -9.76 -36.60
CA SER A 588 38.43 -10.20 -37.84
C SER A 588 37.90 -9.38 -39.00
N ARG A 589 38.77 -9.09 -39.96
CA ARG A 589 38.42 -8.39 -41.18
C ARG A 589 38.92 -9.24 -42.34
N GLN A 590 39.02 -8.64 -43.53
CA GLN A 590 39.41 -9.41 -44.69
C GLN A 590 39.75 -8.50 -45.86
N ALA A 591 40.67 -8.97 -46.69
CA ALA A 591 41.01 -8.33 -47.97
C ALA A 591 41.25 -9.43 -48.99
N HIS A 592 41.06 -9.09 -50.26
CA HIS A 592 41.15 -10.07 -51.34
C HIS A 592 42.06 -9.57 -52.45
N ILE A 593 42.65 -10.51 -53.19
CA ILE A 593 43.47 -10.19 -54.34
C ILE A 593 42.58 -9.81 -55.51
N LEU A 594 43.02 -8.84 -56.30
CA LEU A 594 42.31 -8.42 -57.50
C LEU A 594 42.75 -9.28 -58.68
N LEU A 595 41.77 -9.68 -59.51
CA LEU A 595 42.03 -10.61 -60.61
C LEU A 595 41.53 -10.01 -61.92
N THR A 596 42.45 -9.83 -62.86
CA THR A 596 42.15 -9.44 -64.25
C THR A 596 41.38 -8.12 -64.23
N GLY A 597 40.41 -7.93 -65.13
CA GLY A 597 39.66 -6.69 -65.19
C GLY A 597 39.69 -6.04 -66.56
N GLY A 598 39.99 -4.75 -66.61
CA GLY A 598 40.06 -4.02 -67.87
C GLY A 598 40.61 -2.62 -67.73
N ILE B 72 26.07 -70.66 -24.62
CA ILE B 72 26.02 -69.34 -25.23
C ILE B 72 24.63 -68.70 -25.12
N ASN B 73 24.15 -68.44 -23.91
CA ASN B 73 22.78 -67.95 -23.74
C ASN B 73 22.52 -67.44 -22.31
N THR B 74 21.45 -66.69 -22.21
CA THR B 74 20.80 -66.25 -20.97
C THR B 74 19.30 -66.35 -21.24
N GLN B 75 18.49 -65.61 -20.49
CA GLN B 75 17.05 -65.57 -20.75
C GLN B 75 16.64 -64.38 -21.61
N VAL B 76 17.60 -63.69 -22.24
CA VAL B 76 17.32 -62.56 -23.12
C VAL B 76 18.07 -62.79 -24.42
N THR B 77 17.40 -62.48 -25.54
CA THR B 77 17.98 -62.69 -26.87
C THR B 77 18.29 -61.34 -27.51
N PRO B 78 19.56 -61.00 -27.80
CA PRO B 78 20.81 -61.72 -27.53
C PRO B 78 21.40 -61.40 -26.16
N GLY B 79 22.62 -61.91 -25.91
CA GLY B 79 23.29 -61.65 -24.66
C GLY B 79 24.19 -60.43 -24.71
N ASN B 92 17.10 -50.38 -39.14
CA ASN B 92 16.32 -50.61 -37.93
C ASN B 92 16.71 -51.92 -37.26
N PHE B 93 17.66 -51.86 -36.34
CA PHE B 93 18.11 -53.05 -35.62
C PHE B 93 17.23 -53.23 -34.38
N MET B 94 16.58 -54.38 -34.29
CA MET B 94 15.68 -54.71 -33.20
C MET B 94 16.28 -55.76 -32.28
N LEU B 95 15.63 -55.92 -31.12
CA LEU B 95 16.02 -56.91 -30.13
C LEU B 95 14.75 -57.49 -29.52
N LYS B 96 14.88 -58.67 -28.91
CA LYS B 96 13.73 -59.36 -28.35
C LYS B 96 14.14 -59.96 -27.00
N VAL B 97 13.18 -60.62 -26.34
CA VAL B 97 13.41 -61.26 -25.05
C VAL B 97 12.70 -62.60 -25.01
N HIS B 98 13.17 -63.47 -24.12
CA HIS B 98 12.59 -64.79 -23.93
C HIS B 98 11.65 -64.80 -22.73
N PRO B 104 10.67 -69.20 -9.86
CA PRO B 104 11.41 -68.75 -8.67
C PRO B 104 11.06 -67.33 -8.28
N VAL B 105 10.28 -67.18 -7.19
CA VAL B 105 9.82 -65.88 -6.72
C VAL B 105 10.21 -65.72 -5.27
N ASP B 106 10.63 -64.51 -4.90
CA ASP B 106 10.91 -64.13 -3.52
C ASP B 106 10.08 -62.90 -3.19
N LEU B 107 9.11 -63.07 -2.29
CA LEU B 107 8.26 -61.97 -1.85
C LEU B 107 8.72 -61.50 -0.48
N TYR B 108 8.70 -60.20 -0.24
CA TYR B 108 9.04 -59.64 1.05
C TYR B 108 7.91 -58.71 1.48
N TYR B 109 7.27 -59.06 2.60
CA TYR B 109 6.16 -58.28 3.13
C TYR B 109 6.73 -57.16 4.00
N LEU B 110 6.81 -55.97 3.43
CA LEU B 110 7.23 -54.77 4.15
C LEU B 110 5.95 -54.02 4.51
N VAL B 111 5.52 -54.14 5.76
CA VAL B 111 4.21 -53.67 6.19
C VAL B 111 4.37 -52.46 7.09
N ASP B 112 3.52 -51.46 6.88
CA ASP B 112 3.43 -50.32 7.77
C ASP B 112 2.67 -50.74 9.03
N VAL B 113 3.30 -50.58 10.18
CA VAL B 113 2.67 -50.97 11.45
C VAL B 113 2.37 -49.72 12.25
N SER B 114 2.06 -48.62 11.56
CA SER B 114 1.66 -47.40 12.25
C SER B 114 0.30 -47.60 12.92
N ALA B 115 -0.11 -46.60 13.71
CA ALA B 115 -1.35 -46.71 14.45
C ALA B 115 -2.56 -46.78 13.52
N SER B 116 -2.51 -46.03 12.41
CA SER B 116 -3.63 -46.03 11.47
C SER B 116 -3.88 -47.39 10.84
N MET B 117 -2.92 -48.30 10.92
CA MET B 117 -3.04 -49.63 10.33
C MET B 117 -3.59 -50.67 11.30
N HIS B 118 -4.15 -50.26 12.43
CA HIS B 118 -4.57 -51.21 13.44
C HIS B 118 -5.58 -52.22 12.90
N ASN B 119 -6.39 -51.83 11.92
CA ASN B 119 -7.43 -52.70 11.40
C ASN B 119 -6.94 -53.62 10.28
N ASN B 120 -5.83 -53.29 9.63
CA ASN B 120 -5.36 -54.07 8.50
C ASN B 120 -4.43 -55.20 8.92
N ILE B 121 -3.68 -55.04 10.01
CA ILE B 121 -2.80 -56.10 10.48
C ILE B 121 -3.61 -57.32 10.90
N GLU B 122 -4.73 -57.09 11.61
CA GLU B 122 -5.57 -58.20 12.04
C GLU B 122 -6.06 -59.03 10.86
N LYS B 123 -6.14 -58.44 9.67
CA LYS B 123 -6.55 -59.16 8.47
C LYS B 123 -5.37 -59.78 7.74
N LEU B 124 -4.14 -59.31 7.99
CA LEU B 124 -2.95 -59.87 7.38
C LEU B 124 -2.57 -61.21 7.96
N ASN B 125 -3.21 -61.64 9.05
CA ASN B 125 -2.73 -62.81 9.79
C ASN B 125 -2.73 -64.06 8.92
N SER B 126 -3.87 -64.38 8.33
CA SER B 126 -4.00 -65.61 7.55
C SER B 126 -3.81 -65.33 6.06
N ASN B 129 -1.15 -68.70 4.30
CA ASN B 129 -1.50 -70.08 3.99
C ASN B 129 -2.21 -70.17 2.65
N ASP B 130 -3.21 -69.32 2.45
CA ASP B 130 -3.94 -69.30 1.19
C ASP B 130 -3.09 -68.74 0.05
N LEU B 131 -2.13 -67.89 0.37
CA LEU B 131 -1.25 -67.32 -0.66
C LEU B 131 -0.63 -68.43 -1.49
N SER B 132 -0.06 -69.42 -0.81
CA SER B 132 0.55 -70.56 -1.49
C SER B 132 -0.48 -71.36 -2.27
N ARG B 133 -1.71 -71.44 -1.76
CA ARG B 133 -2.77 -72.19 -2.45
C ARG B 133 -3.03 -71.65 -3.86
N LYS B 134 -3.22 -70.32 -3.98
CA LYS B 134 -3.48 -69.74 -5.28
C LYS B 134 -2.20 -69.58 -6.12
N MET B 135 -1.07 -69.33 -5.46
CA MET B 135 0.17 -68.96 -6.13
C MET B 135 1.05 -70.13 -6.54
N ALA B 136 0.84 -71.33 -5.99
CA ALA B 136 1.77 -72.42 -6.23
C ALA B 136 1.87 -72.80 -7.71
N PHE B 137 0.76 -72.74 -8.43
CA PHE B 137 0.75 -73.23 -9.81
C PHE B 137 1.54 -72.32 -10.76
N PHE B 138 1.64 -71.03 -10.46
CA PHE B 138 2.22 -70.08 -11.40
C PHE B 138 3.65 -69.68 -11.08
N SER B 139 4.04 -69.65 -9.81
CA SER B 139 5.38 -69.20 -9.45
C SER B 139 6.43 -70.29 -9.61
N ARG B 140 6.03 -71.55 -9.67
CA ARG B 140 6.97 -72.66 -9.82
C ARG B 140 7.95 -72.68 -8.64
N ASP B 141 7.37 -72.78 -7.43
CA ASP B 141 8.06 -72.68 -6.15
C ASP B 141 8.35 -71.23 -5.78
N PHE B 142 8.19 -70.88 -4.50
CA PHE B 142 8.32 -69.51 -4.05
C PHE B 142 8.63 -69.48 -2.55
N ARG B 143 9.06 -68.30 -2.07
CA ARG B 143 9.37 -68.06 -0.68
C ARG B 143 8.76 -66.72 -0.28
N LEU B 144 8.87 -66.38 1.02
CA LEU B 144 8.38 -65.08 1.46
C LEU B 144 8.99 -64.70 2.79
N GLY B 145 9.43 -63.43 2.89
CA GLY B 145 9.90 -62.86 4.13
C GLY B 145 8.90 -61.87 4.71
N PHE B 146 9.37 -61.13 5.73
CA PHE B 146 8.48 -60.20 6.43
C PHE B 146 9.31 -59.18 7.19
N GLY B 147 8.87 -57.91 7.10
CA GLY B 147 9.48 -56.83 7.85
C GLY B 147 8.48 -55.72 8.07
N SER B 148 8.79 -54.83 9.01
CA SER B 148 7.88 -53.75 9.38
C SER B 148 8.61 -52.42 9.42
N TYR B 149 7.83 -51.35 9.30
CA TYR B 149 8.36 -49.99 9.39
C TYR B 149 7.26 -49.08 9.94
N VAL B 150 7.70 -47.92 10.45
CA VAL B 150 6.77 -46.91 10.96
C VAL B 150 7.21 -45.54 10.46
N ASP B 151 8.24 -44.99 11.06
CA ASP B 151 8.72 -43.64 10.74
C ASP B 151 10.03 -43.43 11.48
N LYS B 152 10.65 -42.28 11.24
CA LYS B 152 11.89 -41.95 11.94
C LYS B 152 11.60 -41.60 13.39
N THR B 153 12.40 -42.14 14.30
CA THR B 153 12.14 -42.04 15.73
C THR B 153 12.81 -40.79 16.33
N VAL B 154 12.42 -39.64 15.79
CA VAL B 154 12.93 -38.35 16.25
C VAL B 154 11.81 -37.33 16.18
N SER B 155 11.99 -36.25 16.92
CA SER B 155 11.07 -35.12 16.82
C SER B 155 11.26 -34.42 15.48
N PRO B 156 10.19 -33.88 14.89
CA PRO B 156 8.80 -33.82 15.36
C PRO B 156 7.92 -34.95 14.82
N TYR B 157 8.52 -36.01 14.29
CA TYR B 157 7.72 -37.09 13.72
C TYR B 157 7.08 -37.93 14.80
N ILE B 158 7.70 -38.02 15.98
CA ILE B 158 7.13 -38.71 17.12
C ILE B 158 7.12 -37.72 18.29
N SER B 159 6.44 -38.13 19.37
CA SER B 159 6.44 -37.35 20.60
C SER B 159 7.66 -37.75 21.41
N ILE B 160 8.43 -36.74 21.84
CA ILE B 160 9.68 -37.01 22.56
C ILE B 160 9.40 -37.04 24.06
N HIS B 161 8.14 -37.13 24.44
CA HIS B 161 7.79 -37.19 25.85
C HIS B 161 8.19 -38.55 26.42
N PRO B 162 8.87 -38.60 27.57
CA PRO B 162 9.34 -39.89 28.09
C PRO B 162 8.26 -40.97 28.15
N GLU B 163 7.02 -40.61 28.47
CA GLU B 163 5.98 -41.62 28.62
C GLU B 163 5.59 -42.24 27.28
N ARG B 164 5.61 -41.46 26.21
CA ARG B 164 5.25 -41.98 24.90
C ARG B 164 6.41 -42.08 23.92
N ILE B 165 7.60 -41.59 24.28
CA ILE B 165 8.74 -41.71 23.38
C ILE B 165 9.00 -43.18 23.06
N HIS B 166 8.79 -44.06 24.04
CA HIS B 166 8.90 -45.50 23.83
C HIS B 166 7.55 -46.15 23.56
N ASN B 167 6.47 -45.57 24.06
CA ASN B 167 5.11 -46.05 23.79
C ASN B 167 4.29 -44.85 23.32
N GLN B 168 4.15 -44.71 22.01
CA GLN B 168 3.46 -43.55 21.43
C GLN B 168 1.96 -43.60 21.64
N CYS B 169 1.45 -44.56 22.40
CA CYS B 169 0.02 -44.70 22.65
C CYS B 169 -0.29 -44.54 24.14
N SER B 170 0.51 -43.74 24.84
CA SER B 170 0.38 -43.62 26.28
C SER B 170 -0.93 -42.98 26.69
N ASP B 171 -1.44 -42.03 25.89
CA ASP B 171 -2.70 -41.37 26.22
C ASP B 171 -3.86 -42.36 26.21
N TYR B 172 -3.75 -43.43 25.42
CA TYR B 172 -4.77 -44.47 25.34
C TYR B 172 -4.32 -45.76 26.01
N ASN B 173 -3.24 -45.74 26.79
CA ASN B 173 -2.68 -46.90 27.47
C ASN B 173 -2.88 -48.17 26.64
N LEU B 174 -2.53 -48.09 25.36
CA LEU B 174 -2.66 -49.22 24.46
C LEU B 174 -1.33 -49.96 24.37
N ASP B 175 -1.42 -51.27 24.11
CA ASP B 175 -0.25 -52.14 24.04
C ASP B 175 0.46 -51.94 22.71
N CYS B 176 1.12 -50.79 22.61
CA CYS B 176 1.89 -50.44 21.41
C CYS B 176 3.37 -50.72 21.67
N MET B 177 4.03 -51.30 20.67
CA MET B 177 5.47 -51.49 20.72
C MET B 177 6.16 -50.19 20.34
N PRO B 178 7.46 -50.07 20.60
CA PRO B 178 8.14 -48.79 20.37
C PRO B 178 8.17 -48.46 18.87
N PRO B 179 8.21 -47.18 18.53
CA PRO B 179 8.38 -46.81 17.12
C PRO B 179 9.76 -47.22 16.61
N HIS B 180 9.88 -47.24 15.28
CA HIS B 180 11.13 -47.65 14.66
C HIS B 180 11.09 -47.26 13.19
N GLY B 181 12.28 -47.07 12.62
CA GLY B 181 12.39 -46.75 11.21
C GLY B 181 12.15 -47.96 10.34
N TYR B 182 12.82 -49.06 10.65
CA TYR B 182 12.65 -50.30 9.91
C TYR B 182 13.27 -51.44 10.71
N ILE B 183 12.57 -52.57 10.76
CA ILE B 183 13.02 -53.75 11.48
C ILE B 183 12.86 -54.96 10.57
N HIS B 184 13.88 -55.82 10.55
CA HIS B 184 13.87 -57.06 9.78
C HIS B 184 13.72 -58.22 10.76
N VAL B 185 12.61 -58.93 10.67
CA VAL B 185 12.32 -60.01 11.59
C VAL B 185 12.49 -61.39 10.95
N LEU B 186 12.25 -61.53 9.66
CA LEU B 186 12.25 -62.84 9.01
C LEU B 186 12.91 -62.72 7.64
N SER B 187 14.12 -63.24 7.51
CA SER B 187 14.76 -63.34 6.20
C SER B 187 13.94 -64.26 5.29
N LEU B 188 14.21 -64.14 4.00
CA LEU B 188 13.50 -64.98 3.03
C LEU B 188 13.62 -66.44 3.41
N THR B 189 12.48 -67.06 3.70
CA THR B 189 12.42 -68.44 4.15
C THR B 189 11.31 -69.17 3.42
N GLU B 190 11.58 -70.44 3.08
CA GLU B 190 10.61 -71.27 2.39
C GLU B 190 9.59 -71.90 3.33
N ASN B 191 9.86 -71.95 4.63
CA ASN B 191 8.92 -72.45 5.63
C ASN B 191 7.80 -71.44 5.83
N ILE B 192 6.61 -71.73 5.30
CA ILE B 192 5.51 -70.78 5.34
C ILE B 192 5.04 -70.54 6.78
N THR B 193 5.07 -71.57 7.62
CA THR B 193 4.56 -71.44 8.98
C THR B 193 5.33 -70.39 9.76
N GLU B 194 6.60 -70.16 9.43
CA GLU B 194 7.37 -69.15 10.14
C GLU B 194 6.82 -67.75 9.88
N PHE B 195 6.48 -67.46 8.62
CA PHE B 195 5.85 -66.18 8.31
C PHE B 195 4.54 -66.01 9.06
N GLU B 196 3.68 -67.04 9.06
CA GLU B 196 2.42 -66.96 9.78
C GLU B 196 2.65 -66.67 11.26
N LYS B 197 3.70 -67.26 11.85
CA LYS B 197 3.97 -67.02 13.26
C LYS B 197 4.52 -65.61 13.47
N ALA B 198 5.43 -65.17 12.60
CA ALA B 198 6.03 -63.86 12.76
C ALA B 198 4.99 -62.75 12.66
N VAL B 199 3.95 -62.96 11.85
CA VAL B 199 2.90 -61.96 11.71
C VAL B 199 1.99 -61.96 12.94
N HIS B 200 1.46 -63.12 13.31
CA HIS B 200 0.58 -63.21 14.47
C HIS B 200 1.24 -62.60 15.71
N ARG B 201 2.56 -62.70 15.82
CA ARG B 201 3.29 -62.16 16.95
C ARG B 201 3.52 -60.64 16.86
N GLN B 202 3.10 -60.01 15.76
CA GLN B 202 3.45 -58.62 15.52
C GLN B 202 2.54 -57.70 16.33
N LYS B 203 3.13 -56.62 16.84
CA LYS B 203 2.41 -55.61 17.61
C LYS B 203 2.31 -54.33 16.77
N ILE B 204 1.60 -53.35 17.32
CA ILE B 204 1.32 -52.09 16.64
C ILE B 204 2.13 -50.99 17.29
N SER B 205 2.64 -50.07 16.46
CA SER B 205 3.34 -48.89 16.92
C SER B 205 2.46 -47.67 16.69
N GLY B 206 3.04 -46.49 16.90
CA GLY B 206 2.33 -45.25 16.67
C GLY B 206 3.30 -44.10 16.56
N ASN B 207 2.85 -43.06 15.88
CA ASN B 207 3.60 -41.81 15.80
C ASN B 207 2.59 -40.69 15.60
N ILE B 208 3.06 -39.54 15.13
CA ILE B 208 2.22 -38.35 15.08
C ILE B 208 1.79 -38.06 13.65
N ASP B 209 2.72 -37.60 12.81
CA ASP B 209 2.36 -37.10 11.49
C ASP B 209 1.87 -38.23 10.60
N THR B 210 0.79 -37.97 9.87
CA THR B 210 0.13 -38.94 9.00
C THR B 210 1.14 -39.65 8.09
N PRO B 211 1.92 -38.92 7.29
CA PRO B 211 2.86 -39.60 6.39
C PRO B 211 3.84 -40.47 7.15
N GLU B 212 4.19 -41.61 6.55
CA GLU B 212 5.05 -42.60 7.18
C GLU B 212 6.33 -42.76 6.38
N GLY B 213 7.41 -43.11 7.07
CA GLY B 213 8.71 -43.27 6.43
C GLY B 213 8.88 -44.64 5.79
N GLY B 214 8.23 -44.87 4.65
CA GLY B 214 8.27 -46.15 4.00
C GLY B 214 9.43 -46.34 3.04
N PHE B 215 9.82 -45.29 2.34
CA PHE B 215 10.92 -45.40 1.39
C PHE B 215 12.20 -45.78 2.10
N ASP B 216 12.33 -45.35 3.36
CA ASP B 216 13.46 -45.71 4.19
C ASP B 216 13.59 -47.23 4.34
N ALA B 217 12.48 -47.91 4.57
CA ALA B 217 12.52 -49.36 4.70
C ALA B 217 12.70 -50.04 3.34
N MET B 218 12.02 -49.53 2.31
CA MET B 218 12.12 -50.13 0.98
C MET B 218 13.57 -50.17 0.51
N LEU B 219 14.29 -49.07 0.67
CA LEU B 219 15.69 -49.03 0.24
C LEU B 219 16.51 -50.11 0.93
N GLN B 220 16.46 -50.16 2.26
CA GLN B 220 17.22 -51.16 3.00
C GLN B 220 16.85 -52.56 2.55
N ALA B 221 15.57 -52.81 2.28
CA ALA B 221 15.15 -54.12 1.82
C ALA B 221 15.74 -54.47 0.46
N ALA B 222 16.09 -53.46 -0.35
CA ALA B 222 16.61 -53.69 -1.68
C ALA B 222 18.12 -53.93 -1.67
N VAL B 223 18.86 -53.12 -0.93
CA VAL B 223 20.32 -53.22 -0.94
C VAL B 223 20.81 -54.31 0.00
N CYS B 224 20.13 -54.55 1.11
CA CYS B 224 20.53 -55.56 2.08
C CYS B 224 20.18 -56.94 1.54
N GLU B 225 21.09 -57.52 0.75
CA GLU B 225 20.84 -58.84 0.18
C GLU B 225 21.24 -59.96 1.14
N SER B 226 22.31 -59.77 1.92
CA SER B 226 22.77 -60.83 2.80
C SER B 226 21.82 -61.03 3.98
N HIS B 227 21.12 -59.98 4.40
CA HIS B 227 20.20 -60.10 5.53
C HIS B 227 18.86 -60.66 5.10
N ILE B 228 18.36 -60.24 3.94
CA ILE B 228 17.09 -60.77 3.44
C ILE B 228 17.32 -62.06 2.68
N GLY B 229 18.38 -62.14 1.88
CA GLY B 229 18.71 -63.35 1.18
C GLY B 229 18.07 -63.48 -0.19
N TRP B 230 17.90 -62.36 -0.91
CA TRP B 230 17.27 -62.40 -2.23
C TRP B 230 17.93 -63.46 -3.11
N ARG B 231 17.10 -64.35 -3.67
CA ARG B 231 17.63 -65.40 -4.52
C ARG B 231 18.21 -64.81 -5.80
N LYS B 232 19.29 -65.40 -6.28
CA LYS B 232 19.99 -64.91 -7.45
C LYS B 232 19.08 -64.83 -8.67
N GLU B 233 18.67 -65.98 -9.19
CA GLU B 233 17.83 -66.07 -10.38
C GLU B 233 16.39 -66.27 -9.92
N ALA B 234 15.75 -65.16 -9.52
CA ALA B 234 14.38 -65.19 -9.04
C ALA B 234 13.81 -63.78 -9.10
N LYS B 235 12.65 -63.64 -9.71
CA LYS B 235 11.98 -62.34 -9.79
C LYS B 235 11.74 -61.78 -8.40
N ARG B 236 12.53 -60.79 -8.00
CA ARG B 236 12.51 -60.26 -6.64
C ARG B 236 11.33 -59.30 -6.48
N LEU B 237 10.39 -59.65 -5.62
CA LEU B 237 9.23 -58.82 -5.35
C LEU B 237 9.31 -58.23 -3.95
N LEU B 238 8.80 -57.00 -3.81
CA LEU B 238 8.75 -56.29 -2.53
C LEU B 238 7.37 -55.68 -2.40
N LEU B 239 6.52 -56.28 -1.55
CA LEU B 239 5.17 -55.81 -1.33
C LEU B 239 5.17 -54.84 -0.15
N VAL B 240 4.89 -53.57 -0.42
CA VAL B 240 4.80 -52.53 0.61
C VAL B 240 3.33 -52.35 0.97
N MET B 241 3.02 -52.47 2.26
CA MET B 241 1.64 -52.42 2.75
C MET B 241 1.50 -51.21 3.67
N THR B 242 0.70 -50.24 3.23
CA THR B 242 0.45 -49.02 3.99
C THR B 242 -0.90 -48.46 3.58
N ASP B 243 -1.38 -47.46 4.31
CA ASP B 243 -2.65 -46.82 3.99
C ASP B 243 -2.52 -45.31 3.86
N GLN B 244 -1.30 -44.78 3.81
CA GLN B 244 -1.10 -43.34 3.82
C GLN B 244 0.13 -42.99 3.00
N THR B 245 0.26 -41.69 2.71
CA THR B 245 1.37 -41.22 1.89
C THR B 245 2.69 -41.37 2.65
N SER B 246 3.78 -41.28 1.90
CA SER B 246 5.12 -41.54 2.45
C SER B 246 5.90 -40.25 2.59
N HIS B 247 6.86 -40.28 3.51
CA HIS B 247 7.78 -39.16 3.70
C HIS B 247 8.78 -39.10 2.56
N LEU B 248 9.13 -37.88 2.15
CA LEU B 248 10.06 -37.66 1.06
C LEU B 248 11.44 -37.28 1.61
N ALA B 249 12.41 -37.18 0.70
CA ALA B 249 13.79 -36.96 1.09
C ALA B 249 13.94 -35.75 2.00
N LEU B 250 13.46 -34.59 1.55
CA LEU B 250 13.70 -33.34 2.25
C LEU B 250 12.70 -33.06 3.36
N ASP B 251 11.78 -33.98 3.64
CA ASP B 251 10.96 -33.86 4.83
C ASP B 251 11.81 -33.89 6.10
N SER B 252 13.02 -34.46 6.01
CA SER B 252 13.86 -34.64 7.18
C SER B 252 14.46 -33.34 7.70
N LYS B 253 14.46 -32.28 6.88
CA LYS B 253 14.99 -31.00 7.34
C LYS B 253 14.32 -30.53 8.62
N LEU B 254 13.04 -30.85 8.80
CA LEU B 254 12.34 -30.47 10.04
C LEU B 254 13.04 -31.05 11.26
N ALA B 255 13.45 -32.32 11.19
CA ALA B 255 14.09 -32.98 12.31
C ALA B 255 15.57 -32.62 12.44
N GLY B 256 16.09 -31.74 11.60
CA GLY B 256 17.51 -31.44 11.61
C GLY B 256 18.37 -32.48 10.92
N ILE B 257 17.78 -33.31 10.08
CA ILE B 257 18.51 -34.31 9.31
C ILE B 257 18.73 -33.73 7.91
N VAL B 258 19.99 -33.46 7.57
CA VAL B 258 20.33 -32.80 6.33
C VAL B 258 21.35 -33.58 5.51
N CYS B 259 21.78 -34.76 5.95
CA CYS B 259 22.77 -35.52 5.22
C CYS B 259 22.08 -36.50 4.29
N PRO B 260 22.29 -36.40 2.97
CA PRO B 260 21.56 -37.29 2.05
C PRO B 260 21.80 -38.76 2.36
N ASN B 261 20.87 -39.59 1.89
CA ASN B 261 21.00 -41.04 2.05
C ASN B 261 22.10 -41.55 1.13
N ASP B 262 22.91 -42.48 1.65
CA ASP B 262 24.04 -43.01 0.89
C ASP B 262 23.70 -44.28 0.11
N GLY B 263 22.54 -44.88 0.36
CA GLY B 263 22.10 -46.02 -0.42
C GLY B 263 22.80 -47.32 -0.15
N ASN B 264 23.43 -47.47 1.01
CA ASN B 264 24.08 -48.72 1.39
C ASN B 264 23.23 -49.45 2.42
N CYS B 265 23.71 -50.64 2.81
CA CYS B 265 23.02 -51.46 3.80
C CYS B 265 23.58 -51.17 5.19
N HIS B 266 22.68 -50.86 6.13
CA HIS B 266 23.07 -50.45 7.48
C HIS B 266 22.23 -51.23 8.50
N LEU B 267 22.53 -52.51 8.69
CA LEU B 267 21.83 -53.35 9.65
C LEU B 267 22.86 -54.04 10.54
N LYS B 268 23.09 -53.49 11.73
CA LYS B 268 24.05 -54.08 12.65
C LYS B 268 23.50 -55.35 13.30
N ASN B 269 22.23 -55.32 13.72
CA ASN B 269 21.57 -56.51 14.25
C ASN B 269 20.14 -56.56 13.70
N ASN B 270 20.04 -56.66 12.37
CA ASN B 270 18.76 -56.75 11.67
C ASN B 270 17.84 -55.57 12.00
N VAL B 271 18.43 -54.39 12.20
CA VAL B 271 17.68 -53.18 12.53
C VAL B 271 18.32 -51.99 11.82
N TYR B 272 17.49 -51.16 11.20
CA TYR B 272 17.98 -49.99 10.49
C TYR B 272 18.42 -48.93 11.50
N VAL B 273 19.72 -48.71 11.59
CA VAL B 273 20.26 -47.82 12.61
C VAL B 273 20.33 -46.37 12.14
N LYS B 274 20.49 -46.15 10.84
CA LYS B 274 20.65 -44.82 10.29
C LYS B 274 19.33 -44.07 10.12
N SER B 275 18.22 -44.64 10.62
CA SER B 275 16.92 -44.00 10.45
C SER B 275 16.86 -42.61 11.07
N THR B 276 17.82 -42.26 11.93
CA THR B 276 17.84 -40.96 12.59
C THR B 276 18.99 -40.08 12.15
N THR B 277 19.82 -40.54 11.22
CA THR B 277 20.98 -39.79 10.76
C THR B 277 20.97 -39.46 9.27
N MET B 278 20.37 -40.30 8.44
CA MET B 278 20.28 -40.06 7.00
C MET B 278 18.85 -39.74 6.62
N GLU B 279 18.68 -38.74 5.75
CA GLU B 279 17.35 -38.35 5.32
C GLU B 279 16.76 -39.42 4.42
N HIS B 280 15.44 -39.32 4.21
CA HIS B 280 14.75 -40.28 3.36
C HIS B 280 15.37 -40.29 1.96
N PRO B 281 15.26 -41.40 1.23
CA PRO B 281 15.76 -41.43 -0.14
C PRO B 281 14.77 -40.78 -1.11
N SER B 282 15.31 -40.15 -2.13
CA SER B 282 14.50 -39.60 -3.21
C SER B 282 14.02 -40.72 -4.12
N LEU B 283 13.04 -40.40 -4.97
CA LEU B 283 12.54 -41.40 -5.90
C LEU B 283 13.62 -41.83 -6.87
N GLY B 284 14.47 -40.88 -7.31
CA GLY B 284 15.58 -41.24 -8.17
C GLY B 284 16.54 -42.19 -7.49
N GLN B 285 16.98 -41.83 -6.28
CA GLN B 285 17.81 -42.74 -5.50
C GLN B 285 17.10 -44.06 -5.24
N LEU B 286 15.80 -43.99 -4.94
CA LEU B 286 15.04 -45.21 -4.68
C LEU B 286 14.89 -46.03 -5.95
N SER B 287 14.54 -45.38 -7.06
CA SER B 287 14.35 -46.11 -8.31
C SER B 287 15.64 -46.80 -8.75
N GLU B 288 16.75 -46.06 -8.74
CA GLU B 288 18.01 -46.62 -9.21
C GLU B 288 18.41 -47.83 -8.37
N LYS B 289 18.32 -47.71 -7.04
CA LYS B 289 18.66 -48.84 -6.19
C LYS B 289 17.66 -49.97 -6.34
N LEU B 290 16.39 -49.65 -6.64
CA LEU B 290 15.42 -50.69 -6.95
C LEU B 290 15.78 -51.42 -8.23
N ILE B 291 16.20 -50.67 -9.26
CA ILE B 291 16.54 -51.28 -10.53
C ILE B 291 17.84 -52.07 -10.43
N ASP B 292 18.85 -51.49 -9.77
CA ASP B 292 20.16 -52.13 -9.67
C ASP B 292 20.07 -53.52 -9.04
N ASN B 293 19.04 -53.79 -8.25
CA ASN B 293 18.85 -55.10 -7.63
C ASN B 293 17.73 -55.90 -8.28
N ASN B 294 17.20 -55.43 -9.42
CA ASN B 294 16.17 -56.15 -10.15
C ASN B 294 15.00 -56.50 -9.24
N ILE B 295 14.49 -55.48 -8.54
CA ILE B 295 13.42 -55.64 -7.57
C ILE B 295 12.20 -54.89 -8.08
N ASN B 296 11.09 -55.60 -8.20
CA ASN B 296 9.81 -55.01 -8.56
C ASN B 296 8.99 -54.77 -7.30
N VAL B 297 8.30 -53.64 -7.26
CA VAL B 297 7.58 -53.21 -6.07
C VAL B 297 6.09 -53.39 -6.30
N ILE B 298 5.38 -53.75 -5.23
CA ILE B 298 3.93 -53.88 -5.23
C ILE B 298 3.41 -53.06 -4.06
N PHE B 299 2.65 -52.00 -4.35
CA PHE B 299 2.09 -51.14 -3.31
C PHE B 299 0.72 -51.64 -2.92
N ALA B 300 0.58 -52.07 -1.66
CA ALA B 300 -0.68 -52.56 -1.12
C ALA B 300 -1.27 -51.46 -0.25
N VAL B 301 -2.14 -50.63 -0.85
CA VAL B 301 -2.69 -49.46 -0.19
C VAL B 301 -4.21 -49.58 -0.13
N GLN B 302 -4.80 -48.84 0.80
CA GLN B 302 -6.23 -48.98 1.11
C GLN B 302 -7.02 -47.71 0.81
N GLY B 303 -6.82 -46.65 1.59
CA GLY B 303 -7.70 -45.50 1.53
C GLY B 303 -7.59 -44.70 0.24
N LYS B 304 -8.15 -43.49 0.29
CA LYS B 304 -8.07 -42.56 -0.84
C LYS B 304 -6.65 -42.31 -1.29
N GLN B 305 -5.66 -42.57 -0.44
CA GLN B 305 -4.26 -42.35 -0.78
C GLN B 305 -3.74 -43.36 -1.79
N PHE B 306 -4.56 -44.32 -2.21
CA PHE B 306 -4.15 -45.23 -3.29
C PHE B 306 -3.81 -44.46 -4.56
N HIS B 307 -4.66 -43.49 -4.94
CA HIS B 307 -4.40 -42.71 -6.15
C HIS B 307 -3.07 -41.98 -6.08
N TRP B 308 -2.57 -41.71 -4.87
CA TRP B 308 -1.26 -41.06 -4.74
C TRP B 308 -0.15 -41.96 -5.29
N TYR B 309 -0.08 -43.21 -4.78
CA TYR B 309 0.92 -44.14 -5.28
C TYR B 309 0.67 -44.48 -6.75
N LYS B 310 -0.58 -44.44 -7.19
CA LYS B 310 -0.89 -44.70 -8.59
C LYS B 310 -0.23 -43.67 -9.50
N ASP B 311 -0.28 -42.40 -9.11
CA ASP B 311 0.28 -41.32 -9.92
C ASP B 311 1.80 -41.25 -9.87
N LEU B 312 2.46 -42.17 -9.14
CA LEU B 312 3.91 -42.19 -9.05
C LEU B 312 4.56 -43.35 -9.80
N LEU B 313 3.78 -44.32 -10.26
CA LEU B 313 4.37 -45.43 -11.00
C LEU B 313 5.14 -45.00 -12.24
N PRO B 314 4.80 -43.91 -12.93
CA PRO B 314 5.66 -43.45 -14.03
C PRO B 314 7.09 -43.17 -13.60
N LEU B 315 7.30 -42.73 -12.36
CA LEU B 315 8.62 -42.39 -11.87
C LEU B 315 9.39 -43.58 -11.29
N LEU B 316 8.77 -44.76 -11.26
CA LEU B 316 9.40 -45.97 -10.70
C LEU B 316 9.14 -47.11 -11.67
N PRO B 317 9.98 -47.26 -12.70
CA PRO B 317 9.80 -48.40 -13.60
C PRO B 317 9.95 -49.73 -12.88
N GLY B 318 9.10 -50.68 -13.24
CA GLY B 318 9.11 -51.99 -12.63
C GLY B 318 8.22 -52.13 -11.42
N THR B 319 7.49 -51.09 -11.04
CA THR B 319 6.63 -51.10 -9.87
C THR B 319 5.17 -51.08 -10.29
N ILE B 320 4.31 -51.53 -9.37
CA ILE B 320 2.86 -51.60 -9.60
C ILE B 320 2.14 -51.28 -8.30
N ALA B 321 0.89 -50.83 -8.45
CA ALA B 321 0.08 -50.42 -7.31
C ALA B 321 -1.26 -51.15 -7.34
N GLY B 322 -1.84 -51.35 -6.16
CA GLY B 322 -3.13 -52.01 -6.03
C GLY B 322 -3.87 -51.60 -4.78
N GLU B 323 -5.16 -51.29 -4.90
CA GLU B 323 -5.95 -50.80 -3.78
C GLU B 323 -6.55 -51.98 -3.00
N ILE B 324 -6.14 -52.12 -1.74
CA ILE B 324 -6.80 -53.06 -0.84
C ILE B 324 -8.23 -52.58 -0.58
N GLU B 325 -9.19 -53.49 -0.75
CA GLU B 325 -10.57 -53.17 -0.41
C GLU B 325 -10.70 -52.97 1.10
N SER B 326 -11.31 -51.86 1.50
CA SER B 326 -11.46 -51.56 2.92
C SER B 326 -12.20 -52.66 3.67
N LYS B 327 -12.88 -53.56 2.95
CA LYS B 327 -13.47 -54.74 3.58
C LYS B 327 -12.42 -55.83 3.81
N ALA B 328 -11.17 -55.57 3.42
CA ALA B 328 -10.02 -56.41 3.74
C ALA B 328 -10.10 -57.79 3.11
N ALA B 329 -9.12 -58.64 3.47
CA ALA B 329 -9.07 -60.02 2.99
C ALA B 329 -9.03 -60.11 1.46
N ASN B 330 -8.46 -59.10 0.82
CA ASN B 330 -8.30 -59.07 -0.63
C ASN B 330 -6.84 -59.16 -1.05
N LEU B 331 -5.93 -59.34 -0.10
CA LEU B 331 -4.49 -59.34 -0.39
C LEU B 331 -4.13 -60.41 -1.41
N ASN B 332 -4.64 -61.62 -1.23
CA ASN B 332 -4.24 -62.72 -2.11
C ASN B 332 -4.66 -62.46 -3.56
N ASN B 333 -5.84 -61.88 -3.77
CA ASN B 333 -6.28 -61.61 -5.14
C ASN B 333 -5.52 -60.44 -5.75
N LEU B 334 -5.06 -59.51 -4.92
CA LEU B 334 -4.32 -58.35 -5.43
C LEU B 334 -2.88 -58.74 -5.81
N VAL B 335 -2.21 -59.52 -4.95
CA VAL B 335 -0.81 -59.86 -5.21
C VAL B 335 -0.70 -60.71 -6.47
N VAL B 336 -1.66 -61.62 -6.69
CA VAL B 336 -1.63 -62.44 -7.91
C VAL B 336 -1.93 -61.57 -9.12
N GLU B 337 -2.93 -60.69 -9.01
CA GLU B 337 -3.23 -59.78 -10.12
C GLU B 337 -2.07 -58.83 -10.37
N ALA B 338 -1.36 -58.42 -9.31
CA ALA B 338 -0.21 -57.55 -9.49
C ALA B 338 0.94 -58.31 -10.14
N TYR B 339 1.15 -59.57 -9.75
CA TYR B 339 2.22 -60.36 -10.35
C TYR B 339 1.95 -60.62 -11.83
N GLN B 340 0.71 -60.98 -12.16
CA GLN B 340 0.35 -61.20 -13.57
C GLN B 340 0.65 -59.97 -14.41
N LYS B 341 0.13 -58.81 -13.99
CA LYS B 341 0.37 -57.58 -14.74
C LYS B 341 1.85 -57.20 -14.75
N LEU B 342 2.57 -57.55 -13.68
CA LEU B 342 3.98 -57.20 -13.59
C LEU B 342 4.81 -57.93 -14.65
N ILE B 343 4.49 -59.20 -14.90
CA ILE B 343 5.25 -59.97 -15.87
C ILE B 343 4.87 -59.58 -17.30
N SER B 344 3.64 -59.13 -17.51
CA SER B 344 3.24 -58.66 -18.84
C SER B 344 3.94 -57.37 -19.23
N GLU B 345 4.44 -56.61 -18.27
CA GLU B 345 5.13 -55.37 -18.55
C GLU B 345 6.58 -55.65 -18.91
N VAL B 346 7.00 -55.15 -20.08
CA VAL B 346 8.35 -55.40 -20.58
C VAL B 346 8.96 -54.12 -21.12
N LYS B 347 9.39 -53.24 -20.22
CA LYS B 347 10.06 -52.02 -20.63
C LYS B 347 11.55 -52.28 -20.86
N VAL B 348 12.25 -51.27 -21.38
CA VAL B 348 13.69 -51.35 -21.60
C VAL B 348 14.30 -50.02 -21.18
N GLN B 349 15.54 -50.09 -20.70
CA GLN B 349 16.25 -48.92 -20.21
C GLN B 349 17.70 -49.01 -20.66
N VAL B 350 18.42 -47.90 -20.53
CA VAL B 350 19.81 -47.83 -20.97
C VAL B 350 20.73 -47.57 -19.79
N GLU B 351 22.02 -47.37 -20.06
CA GLU B 351 23.03 -47.17 -19.02
C GLU B 351 24.34 -46.79 -19.70
N ASN B 352 25.02 -45.79 -19.13
CA ASN B 352 26.33 -45.36 -19.63
C ASN B 352 26.27 -44.95 -21.10
N GLN B 353 27.42 -44.63 -21.67
CA GLN B 353 27.53 -44.24 -23.07
C GLN B 353 29.01 -44.10 -23.40
N VAL B 354 29.30 -43.74 -24.65
CA VAL B 354 30.67 -43.48 -25.09
C VAL B 354 30.88 -41.98 -25.15
N GLN B 355 30.68 -41.30 -24.01
CA GLN B 355 30.82 -39.86 -23.90
C GLN B 355 30.11 -39.13 -25.05
N GLY B 356 28.94 -39.63 -25.42
CA GLY B 356 28.16 -38.99 -26.47
C GLY B 356 27.53 -39.95 -27.47
N ILE B 357 26.30 -40.40 -27.20
CA ILE B 357 25.58 -41.27 -28.11
C ILE B 357 24.09 -40.99 -27.94
N TYR B 358 23.34 -41.19 -29.03
CA TYR B 358 21.88 -41.21 -28.98
C TYR B 358 21.42 -42.66 -28.89
N PHE B 359 20.35 -42.89 -28.12
CA PHE B 359 19.73 -44.21 -27.99
C PHE B 359 18.24 -44.07 -28.27
N ASN B 360 17.94 -43.63 -29.49
CA ASN B 360 16.57 -43.39 -29.92
C ASN B 360 15.86 -44.73 -30.10
N ILE B 361 15.41 -45.28 -28.98
CA ILE B 361 14.66 -46.52 -29.00
C ILE B 361 13.25 -46.23 -29.48
N THR B 362 12.63 -47.22 -30.13
CA THR B 362 11.27 -47.09 -30.64
C THR B 362 10.60 -48.44 -30.48
N ALA B 363 9.74 -48.56 -29.47
CA ALA B 363 9.13 -49.84 -29.15
C ALA B 363 7.96 -50.15 -30.07
N ILE B 364 7.87 -51.41 -30.48
CA ILE B 364 6.76 -51.93 -31.28
C ILE B 364 6.17 -53.12 -30.51
N CYS B 365 4.83 -53.15 -30.41
CA CYS B 365 4.10 -54.21 -29.71
C CYS B 365 3.75 -55.34 -30.66
N PRO B 366 3.30 -56.49 -30.14
CA PRO B 366 2.76 -57.56 -31.02
C PRO B 366 1.43 -57.20 -31.66
N ASP B 367 0.95 -56.00 -31.40
CA ASP B 367 -0.37 -55.55 -31.84
C ASP B 367 -0.37 -54.55 -32.98
N MET B 374 6.24 -45.10 -24.17
CA MET B 374 6.44 -46.20 -23.23
C MET B 374 6.94 -47.45 -23.95
N GLU B 375 8.05 -47.99 -23.46
CA GLU B 375 8.71 -49.12 -24.11
C GLU B 375 8.02 -50.45 -23.86
N GLY B 376 7.19 -50.58 -22.83
CA GLY B 376 6.62 -51.85 -22.50
C GLY B 376 5.41 -52.21 -23.32
N CYS B 377 4.76 -53.32 -22.91
CA CYS B 377 3.54 -53.77 -23.58
C CYS B 377 2.82 -54.78 -22.70
N ARG B 378 1.60 -54.47 -22.26
CA ARG B 378 0.84 -55.38 -21.41
C ARG B 378 -0.23 -56.13 -22.21
N ASN B 379 -0.84 -57.12 -21.56
CA ASN B 379 -1.80 -58.00 -22.20
C ASN B 379 -1.17 -58.73 -23.38
N VAL B 380 0.14 -58.96 -23.29
CA VAL B 380 0.90 -59.63 -24.33
C VAL B 380 0.54 -61.11 -24.39
N SER B 382 2.49 -66.23 -22.56
CA SER B 382 3.58 -66.02 -21.62
C SER B 382 4.89 -65.79 -22.37
N ASN B 383 5.37 -66.83 -23.05
CA ASN B 383 6.59 -66.77 -23.83
C ASN B 383 6.27 -66.37 -25.28
N ASP B 384 5.92 -65.10 -25.42
CA ASP B 384 5.50 -64.54 -26.70
C ASP B 384 6.53 -63.52 -27.19
N GLU B 385 6.42 -63.16 -28.46
CA GLU B 385 7.41 -62.31 -29.10
C GLU B 385 7.33 -60.88 -28.58
N VAL B 386 8.47 -60.19 -28.61
CA VAL B 386 8.56 -58.76 -28.37
C VAL B 386 9.45 -58.15 -29.47
N LEU B 387 9.62 -56.83 -29.41
CA LEU B 387 10.48 -56.15 -30.38
C LEU B 387 10.66 -54.68 -30.03
N PHE B 388 11.92 -54.22 -30.05
CA PHE B 388 12.25 -52.83 -29.75
C PHE B 388 13.28 -52.36 -30.77
N ASN B 389 13.01 -51.24 -31.43
CA ASN B 389 13.90 -50.70 -32.45
C ASN B 389 14.81 -49.64 -31.84
N VAL B 390 16.12 -49.82 -32.00
CA VAL B 390 17.12 -48.91 -31.46
C VAL B 390 17.85 -48.21 -32.59
N THR B 391 18.05 -46.90 -32.45
CA THR B 391 18.83 -46.10 -33.38
C THR B 391 20.12 -45.67 -32.68
N VAL B 392 21.24 -45.76 -33.40
CA VAL B 392 22.56 -45.54 -32.83
C VAL B 392 23.34 -44.54 -33.67
N THR B 393 24.15 -43.74 -33.00
CA THR B 393 24.99 -42.74 -33.65
C THR B 393 26.32 -42.67 -32.92
N MET B 394 27.25 -41.88 -33.49
CA MET B 394 28.58 -41.72 -32.95
C MET B 394 28.62 -40.52 -32.00
N LYS B 395 29.62 -39.66 -32.11
CA LYS B 395 29.76 -38.52 -31.22
C LYS B 395 28.79 -37.40 -31.57
N ASN B 404 34.32 -47.43 -22.89
CA ASN B 404 33.11 -47.63 -23.67
C ASN B 404 32.37 -48.89 -23.22
N TYR B 405 31.81 -48.84 -22.02
CA TYR B 405 31.09 -49.99 -21.47
C TYR B 405 29.65 -49.62 -21.13
N ILE B 407 25.30 -50.87 -21.14
CA ILE B 407 24.41 -51.94 -20.71
C ILE B 407 22.96 -51.58 -21.04
N ILE B 408 22.17 -52.60 -21.35
CA ILE B 408 20.74 -52.47 -21.59
C ILE B 408 20.03 -53.31 -20.54
N LYS B 409 19.21 -52.65 -19.71
CA LYS B 409 18.60 -53.31 -18.56
C LYS B 409 17.13 -53.55 -18.82
N PRO B 410 16.67 -54.80 -18.80
CA PRO B 410 15.23 -55.07 -18.81
C PRO B 410 14.58 -54.70 -17.48
N ILE B 411 13.27 -54.46 -17.55
CA ILE B 411 12.52 -53.98 -16.39
C ILE B 411 12.60 -55.03 -15.29
N GLY B 412 13.51 -54.83 -14.34
CA GLY B 412 13.60 -55.66 -13.17
C GLY B 412 13.94 -57.12 -13.43
N PHE B 413 14.40 -57.45 -14.63
CA PHE B 413 14.74 -58.83 -14.96
C PHE B 413 16.17 -59.16 -14.56
N ASN B 414 16.45 -60.46 -14.53
CA ASN B 414 17.76 -61.01 -14.19
C ASN B 414 18.70 -61.02 -15.38
N ALA B 417 22.25 -57.53 -20.54
CA ALA B 417 22.81 -57.70 -21.87
C ALA B 417 23.67 -56.48 -22.25
N LYS B 418 24.97 -56.61 -22.04
CA LYS B 418 25.90 -55.51 -22.30
C LYS B 418 26.20 -55.39 -23.79
N PHE C 1 -18.99 19.54 -14.49
CA PHE C 1 -19.24 20.36 -15.66
C PHE C 1 -20.52 19.93 -16.38
N ASN C 2 -21.06 18.78 -15.98
CA ASN C 2 -22.17 18.16 -16.69
C ASN C 2 -23.48 18.19 -15.90
N LEU C 3 -23.57 18.99 -14.84
CA LEU C 3 -24.81 19.12 -14.09
C LEU C 3 -25.79 20.03 -14.84
N ASP C 4 -27.02 19.55 -15.02
CA ASP C 4 -28.01 20.30 -15.77
C ASP C 4 -28.50 21.49 -14.96
N VAL C 5 -28.33 22.70 -15.50
CA VAL C 5 -28.84 23.92 -14.89
C VAL C 5 -30.00 24.51 -15.66
N ASP C 6 -30.31 23.99 -16.84
CA ASP C 6 -31.36 24.58 -17.66
C ASP C 6 -32.73 24.40 -17.02
N SER C 7 -33.01 23.22 -16.46
CA SER C 7 -34.34 22.88 -15.97
C SER C 7 -34.22 21.96 -14.76
N PRO C 8 -33.74 22.48 -13.64
CA PRO C 8 -33.68 21.68 -12.42
C PRO C 8 -35.03 21.59 -11.72
N ALA C 9 -35.15 20.58 -10.86
CA ALA C 9 -36.39 20.31 -10.14
C ALA C 9 -36.35 21.02 -8.79
N GLU C 10 -37.19 22.02 -8.62
CA GLU C 10 -37.20 22.86 -7.43
C GLU C 10 -38.33 22.41 -6.49
N TYR C 11 -37.97 22.14 -5.24
CA TYR C 11 -38.93 21.74 -4.21
C TYR C 11 -39.02 22.85 -3.16
N SER C 12 -40.23 23.04 -2.63
CA SER C 12 -40.51 24.11 -1.69
C SER C 12 -41.33 23.59 -0.51
N GLY C 13 -41.01 24.07 0.68
CA GLY C 13 -41.73 23.70 1.87
C GLY C 13 -42.46 24.88 2.50
N PRO C 14 -42.92 24.71 3.74
CA PRO C 14 -43.64 25.80 4.41
C PRO C 14 -42.69 26.94 4.80
N GLU C 15 -43.20 28.16 4.72
CA GLU C 15 -42.37 29.32 5.00
C GLU C 15 -41.89 29.30 6.46
N GLY C 16 -40.67 29.79 6.66
CA GLY C 16 -40.08 29.84 7.98
C GLY C 16 -39.76 28.50 8.60
N SER C 17 -40.00 27.40 7.89
CA SER C 17 -39.78 26.07 8.42
C SER C 17 -38.37 25.55 8.20
N TYR C 18 -37.47 26.36 7.63
CA TYR C 18 -36.11 25.92 7.32
C TYR C 18 -36.12 24.64 6.49
N PHE C 19 -37.12 24.51 5.60
CA PHE C 19 -37.16 23.40 4.66
C PHE C 19 -35.91 23.41 3.79
N GLY C 20 -35.15 22.33 3.83
CA GLY C 20 -33.90 22.23 3.11
C GLY C 20 -32.67 22.30 3.99
N PHE C 21 -32.83 22.34 5.31
CA PHE C 21 -31.69 22.37 6.22
C PHE C 21 -30.89 21.07 6.15
N ALA C 22 -31.52 19.97 5.76
CA ALA C 22 -30.85 18.67 5.67
C ALA C 22 -31.53 17.88 4.57
N VAL C 23 -30.73 17.33 3.66
CA VAL C 23 -31.24 16.66 2.46
C VAL C 23 -30.58 15.31 2.32
N ASP C 24 -31.28 14.39 1.66
CA ASP C 24 -30.73 13.08 1.36
C ASP C 24 -31.65 12.36 0.38
N PHE C 25 -31.12 11.30 -0.22
CA PHE C 25 -31.90 10.44 -1.09
C PHE C 25 -32.53 9.32 -0.28
N PHE C 26 -33.62 8.77 -0.82
CA PHE C 26 -34.27 7.61 -0.22
C PHE C 26 -34.54 6.60 -1.33
N VAL C 27 -33.84 5.46 -1.26
CA VAL C 27 -33.92 4.43 -2.30
C VAL C 27 -34.25 3.12 -1.60
N PRO C 28 -35.54 2.76 -1.47
CA PRO C 28 -35.90 1.68 -0.55
C PRO C 28 -35.54 0.29 -1.05
N SER C 29 -35.57 0.05 -2.36
CA SER C 29 -35.15 -1.23 -2.93
C SER C 29 -36.19 -2.31 -2.67
N ALA C 30 -37.13 -2.05 -1.78
CA ALA C 30 -38.33 -2.88 -1.65
C ALA C 30 -39.53 -2.23 -2.34
N SER C 31 -39.30 -1.12 -3.04
CA SER C 31 -40.34 -0.43 -3.79
C SER C 31 -39.92 -0.07 -5.21
N SER C 32 -38.65 -0.23 -5.57
CA SER C 32 -38.15 0.10 -6.90
C SER C 32 -38.54 1.53 -7.29
N ARG C 33 -38.61 2.42 -6.30
CA ARG C 33 -38.85 3.84 -6.53
C ARG C 33 -37.75 4.61 -5.80
N MET C 34 -37.70 5.93 -6.04
CA MET C 34 -36.69 6.77 -5.42
C MET C 34 -37.30 8.12 -5.08
N PHE C 35 -36.87 8.67 -3.95
CA PHE C 35 -37.43 9.90 -3.42
C PHE C 35 -36.31 10.77 -2.87
N LEU C 36 -36.67 12.00 -2.52
CA LEU C 36 -35.80 12.89 -1.78
C LEU C 36 -36.32 13.02 -0.34
N LEU C 37 -35.39 13.19 0.59
CA LEU C 37 -35.70 13.47 1.98
C LEU C 37 -35.21 14.88 2.31
N VAL C 38 -36.10 15.70 2.86
CA VAL C 38 -35.77 17.08 3.21
C VAL C 38 -36.16 17.33 4.66
N GLY C 39 -35.25 17.94 5.41
CA GLY C 39 -35.51 18.26 6.80
C GLY C 39 -36.10 19.65 6.96
N ALA C 40 -37.09 19.76 7.84
CA ALA C 40 -37.75 21.02 8.17
C ALA C 40 -37.73 21.18 9.68
N PRO C 41 -36.60 21.65 10.25
CA PRO C 41 -36.49 21.69 11.71
C PRO C 41 -37.57 22.52 12.40
N LYS C 42 -37.84 23.73 11.90
CA LYS C 42 -38.75 24.65 12.56
C LYS C 42 -40.16 24.62 11.98
N ALA C 43 -40.57 23.49 11.43
CA ALA C 43 -41.92 23.36 10.89
C ALA C 43 -42.90 22.98 11.99
N ASN C 44 -44.12 23.52 11.89
CA ASN C 44 -45.19 23.16 12.82
C ASN C 44 -45.83 21.84 12.41
N THR C 45 -46.40 21.15 13.39
CA THR C 45 -46.98 19.83 13.19
C THR C 45 -48.35 19.76 13.86
N THR C 46 -48.96 18.58 13.79
CA THR C 46 -50.23 18.32 14.46
C THR C 46 -50.06 17.69 15.84
N GLN C 47 -48.83 17.34 16.21
CA GLN C 47 -48.59 16.72 17.51
C GLN C 47 -49.25 17.55 18.61
N PRO C 48 -49.98 16.93 19.53
CA PRO C 48 -50.81 17.71 20.46
C PRO C 48 -49.99 18.68 21.30
N GLY C 49 -50.30 19.97 21.16
CA GLY C 49 -49.72 20.99 22.01
C GLY C 49 -48.24 21.24 21.80
N ILE C 50 -47.71 20.95 20.61
CA ILE C 50 -46.30 21.11 20.33
C ILE C 50 -46.12 22.18 19.26
N VAL C 51 -45.02 22.92 19.37
CA VAL C 51 -44.73 24.05 18.48
C VAL C 51 -43.37 23.82 17.85
N GLU C 52 -43.33 23.82 16.52
CA GLU C 52 -42.08 23.72 15.76
C GLU C 52 -41.30 22.46 16.15
N GLY C 53 -42.03 21.37 16.39
CA GLY C 53 -41.36 20.10 16.61
C GLY C 53 -40.49 19.67 15.44
N GLY C 54 -40.87 20.06 14.24
CA GLY C 54 -40.11 19.74 13.04
C GLY C 54 -40.68 18.56 12.30
N GLN C 55 -40.42 18.52 10.98
CA GLN C 55 -40.82 17.40 10.15
C GLN C 55 -39.67 16.95 9.28
N VAL C 56 -39.87 15.79 8.64
CA VAL C 56 -39.06 15.31 7.54
C VAL C 56 -40.01 14.91 6.43
N LEU C 57 -39.86 15.54 5.26
CA LEU C 57 -40.77 15.29 4.15
C LEU C 57 -40.11 14.35 3.14
N LYS C 58 -40.93 13.49 2.54
CA LYS C 58 -40.49 12.57 1.49
C LYS C 58 -40.95 13.17 0.16
N CYS C 59 -40.03 13.81 -0.56
CA CYS C 59 -40.34 14.48 -1.81
C CYS C 59 -40.14 13.51 -2.98
N ASP C 60 -41.16 13.38 -3.81
CA ASP C 60 -41.15 12.41 -4.89
C ASP C 60 -40.53 13.04 -6.14
N TRP C 61 -39.63 12.28 -6.78
CA TRP C 61 -38.99 12.76 -8.01
C TRP C 61 -39.87 12.57 -9.22
N SER C 62 -40.55 11.43 -9.32
CA SER C 62 -41.38 11.14 -10.48
C SER C 62 -42.64 11.99 -10.49
N SER C 63 -43.04 12.42 -11.68
CA SER C 63 -44.24 13.25 -11.87
C SER C 63 -44.02 14.57 -11.13
N THR C 64 -45.10 15.23 -10.71
CA THR C 64 -45.01 16.55 -10.13
C THR C 64 -44.06 16.54 -8.93
N ARG C 65 -43.63 17.74 -8.54
CA ARG C 65 -42.66 17.91 -7.46
C ARG C 65 -43.40 18.22 -6.14
N ARG C 66 -44.02 17.17 -5.61
CA ARG C 66 -44.88 17.27 -4.45
C ARG C 66 -44.33 16.42 -3.31
N CYS C 67 -44.32 16.99 -2.12
CA CYS C 67 -43.74 16.36 -0.93
C CYS C 67 -44.83 15.98 0.07
N GLN C 68 -44.57 14.92 0.83
CA GLN C 68 -45.44 14.50 1.91
C GLN C 68 -44.64 14.31 3.18
N PRO C 69 -45.23 14.57 4.35
CA PRO C 69 -44.48 14.39 5.60
C PRO C 69 -44.52 12.94 6.05
N ILE C 70 -43.39 12.48 6.58
CA ILE C 70 -43.28 11.13 7.13
C ILE C 70 -43.78 11.17 8.56
N GLU C 71 -44.53 10.14 8.95
CA GLU C 71 -45.11 10.06 10.29
C GLU C 71 -44.25 9.14 11.14
N PHE C 72 -43.32 9.74 11.89
CA PHE C 72 -42.47 9.00 12.83
C PHE C 72 -43.11 8.94 14.22
N ASP C 73 -43.46 10.10 14.77
CA ASP C 73 -44.02 10.19 16.12
C ASP C 73 -45.19 11.17 16.08
N ALA C 74 -46.41 10.65 16.17
CA ALA C 74 -47.61 11.47 16.19
C ALA C 74 -48.06 11.83 17.59
N THR C 75 -47.37 11.34 18.62
CA THR C 75 -47.72 11.62 20.00
C THR C 75 -47.08 12.93 20.46
N GLY C 76 -47.65 13.51 21.51
CA GLY C 76 -47.11 14.71 22.09
C GLY C 76 -46.07 14.41 23.14
N ASN C 77 -46.02 15.22 24.20
CA ASN C 77 -45.10 14.99 25.30
C ASN C 77 -45.65 13.90 26.21
N ARG C 78 -44.86 12.86 26.43
CA ARG C 78 -45.23 11.84 27.41
C ARG C 78 -45.12 12.41 28.82
N ASP C 79 -45.71 11.70 29.78
CA ASP C 79 -45.66 12.07 31.18
C ASP C 79 -44.91 11.00 31.96
N TYR C 80 -43.99 11.43 32.83
CA TYR C 80 -43.39 10.52 33.79
C TYR C 80 -44.35 10.24 34.95
N ALA C 81 -45.14 11.24 35.32
CA ALA C 81 -46.22 11.08 36.29
C ALA C 81 -47.27 12.14 35.97
N LYS C 82 -48.37 12.12 36.72
CA LYS C 82 -49.42 13.10 36.49
C LYS C 82 -48.89 14.50 36.74
N ASP C 83 -48.94 15.34 35.70
CA ASP C 83 -48.49 16.73 35.75
C ASP C 83 -46.99 16.85 35.91
N ASP C 84 -46.24 15.78 35.61
CA ASP C 84 -44.79 15.79 35.61
C ASP C 84 -44.34 15.43 34.20
N PRO C 85 -44.19 16.41 33.31
CA PRO C 85 -43.90 16.08 31.91
C PRO C 85 -42.51 15.49 31.74
N LEU C 86 -42.43 14.34 31.08
CA LEU C 86 -41.15 13.70 30.81
C LEU C 86 -40.41 14.40 29.68
N GLU C 87 -41.10 14.64 28.57
CA GLU C 87 -40.48 15.13 27.35
C GLU C 87 -40.91 16.57 27.08
N PHE C 88 -40.05 17.29 26.36
CA PHE C 88 -40.32 18.66 25.94
C PHE C 88 -39.98 18.72 24.45
N LYS C 89 -40.87 18.20 23.61
CA LYS C 89 -40.63 18.08 22.18
C LYS C 89 -40.81 19.40 21.44
N SER C 90 -41.19 20.47 22.12
CA SER C 90 -41.37 21.76 21.45
C SER C 90 -40.01 22.37 21.14
N HIS C 91 -39.85 22.84 19.90
CA HIS C 91 -38.61 23.47 19.44
C HIS C 91 -37.44 22.48 19.46
N GLN C 92 -37.72 21.22 19.14
CA GLN C 92 -36.69 20.18 19.20
C GLN C 92 -35.88 20.08 17.91
N TRP C 93 -36.24 20.80 16.86
CA TRP C 93 -35.48 20.81 15.61
C TRP C 93 -35.39 19.42 15.01
N PHE C 94 -36.48 18.66 15.11
CA PHE C 94 -36.53 17.35 14.47
C PHE C 94 -36.37 17.52 12.96
N GLY C 95 -35.51 16.69 12.36
CA GLY C 95 -35.19 16.80 10.96
C GLY C 95 -33.97 17.63 10.65
N ALA C 96 -33.32 18.21 11.67
CA ALA C 96 -32.09 18.96 11.45
C ALA C 96 -30.99 18.08 10.89
N SER C 97 -31.12 16.75 11.00
CA SER C 97 -30.16 15.83 10.41
C SER C 97 -30.94 14.65 9.83
N VAL C 98 -30.73 14.38 8.55
CA VAL C 98 -31.37 13.26 7.86
C VAL C 98 -30.28 12.47 7.15
N ARG C 99 -30.45 11.16 7.09
CA ARG C 99 -29.40 10.27 6.61
C ARG C 99 -30.04 8.91 6.38
N SER C 100 -30.12 8.49 5.12
CA SER C 100 -30.89 7.32 4.73
C SER C 100 -30.00 6.27 4.11
N LYS C 101 -30.21 5.01 4.51
CA LYS C 101 -29.49 3.87 3.96
C LYS C 101 -30.51 2.77 3.64
N GLN C 102 -30.70 2.52 2.35
CA GLN C 102 -31.63 1.48 1.88
C GLN C 102 -33.04 1.88 2.34
N ASP C 103 -33.85 0.96 2.84
CA ASP C 103 -35.19 1.28 3.31
C ASP C 103 -35.20 1.84 4.72
N LYS C 104 -34.05 2.25 5.25
CA LYS C 104 -33.90 2.65 6.64
C LYS C 104 -33.60 4.14 6.71
N ILE C 105 -34.44 4.88 7.45
CA ILE C 105 -34.32 6.32 7.57
C ILE C 105 -34.05 6.68 9.02
N LEU C 106 -33.21 7.68 9.24
CA LEU C 106 -32.81 8.08 10.58
C LEU C 106 -32.84 9.60 10.65
N ALA C 107 -33.81 10.14 11.40
CA ALA C 107 -33.89 11.56 11.68
C ALA C 107 -33.63 11.81 13.16
N CYS C 108 -33.17 13.01 13.48
CA CYS C 108 -32.79 13.35 14.84
C CYS C 108 -33.22 14.76 15.18
N ALA C 109 -33.52 14.97 16.47
CA ALA C 109 -33.92 16.26 17.02
C ALA C 109 -32.87 16.69 18.04
N PRO C 110 -31.85 17.44 17.64
CA PRO C 110 -30.74 17.72 18.57
C PRO C 110 -31.12 18.64 19.73
N LEU C 111 -32.28 19.27 19.69
CA LEU C 111 -32.71 20.17 20.77
C LEU C 111 -33.88 19.59 21.56
N TYR C 112 -34.12 18.28 21.44
CA TYR C 112 -35.08 17.61 22.30
C TYR C 112 -34.59 17.65 23.74
N HIS C 113 -35.50 18.01 24.66
CA HIS C 113 -35.20 18.03 26.09
C HIS C 113 -36.09 17.03 26.80
N TRP C 114 -35.62 16.55 27.96
CA TRP C 114 -36.40 15.63 28.77
C TRP C 114 -36.18 15.93 30.24
N ARG C 115 -37.03 15.32 31.06
CA ARG C 115 -37.08 15.64 32.48
C ARG C 115 -36.03 14.90 33.29
N THR C 116 -35.64 13.70 32.85
CA THR C 116 -34.79 12.80 33.62
C THR C 116 -35.62 12.07 34.67
N GLU C 117 -35.15 10.90 35.10
CA GLU C 117 -35.89 10.07 36.03
C GLU C 117 -35.51 10.30 37.49
N MET C 118 -34.64 11.28 37.76
CA MET C 118 -34.16 11.53 39.11
C MET C 118 -34.42 12.95 39.59
N LYS C 119 -34.95 13.83 38.75
CA LYS C 119 -34.91 15.25 39.04
C LYS C 119 -35.79 16.00 38.05
N GLN C 120 -36.45 17.05 38.53
CA GLN C 120 -37.25 17.92 37.68
C GLN C 120 -36.31 18.90 36.99
N GLU C 121 -35.62 18.40 35.98
CA GLU C 121 -34.68 19.16 35.18
C GLU C 121 -35.18 19.20 33.75
N ARG C 122 -34.55 20.04 32.93
CA ARG C 122 -34.90 20.16 31.50
C ARG C 122 -33.59 20.23 30.74
N GLU C 123 -33.13 19.08 30.23
CA GLU C 123 -31.80 18.94 29.66
C GLU C 123 -31.85 18.44 28.22
N PRO C 124 -30.98 18.95 27.33
CA PRO C 124 -31.05 18.61 25.88
C PRO C 124 -30.22 17.37 25.51
N VAL C 125 -30.71 16.19 25.90
CA VAL C 125 -30.01 14.97 25.54
C VAL C 125 -30.09 14.67 24.05
N GLY C 126 -31.06 15.27 23.36
CA GLY C 126 -31.28 14.95 21.96
C GLY C 126 -31.80 13.54 21.78
N THR C 127 -32.55 13.31 20.70
CA THR C 127 -33.14 12.00 20.45
C THR C 127 -33.23 11.78 18.94
N CYS C 128 -33.40 10.52 18.56
CA CYS C 128 -33.52 10.16 17.15
C CYS C 128 -34.62 9.11 16.99
N PHE C 129 -35.18 9.06 15.79
CA PHE C 129 -36.13 8.03 15.40
C PHE C 129 -35.60 7.29 14.18
N LEU C 130 -35.94 6.01 14.07
CA LEU C 130 -35.44 5.15 13.01
C LEU C 130 -36.61 4.35 12.45
N GLN C 131 -36.98 4.61 11.21
CA GLN C 131 -38.04 3.88 10.53
C GLN C 131 -37.42 2.86 9.58
N ASP C 132 -38.04 1.67 9.55
CA ASP C 132 -37.62 0.59 8.65
C ASP C 132 -38.89 0.00 8.05
N GLY C 133 -39.36 0.62 6.96
CA GLY C 133 -40.57 0.18 6.30
C GLY C 133 -41.80 0.30 7.18
N THR C 134 -42.21 -0.79 7.80
CA THR C 134 -43.45 -0.84 8.57
C THR C 134 -43.26 -0.58 10.05
N LYS C 135 -42.03 -0.63 10.57
CA LYS C 135 -41.76 -0.44 11.98
C LYS C 135 -40.85 0.77 12.18
N THR C 136 -41.21 1.61 13.14
CA THR C 136 -40.40 2.77 13.53
C THR C 136 -40.18 2.74 15.03
N VAL C 137 -38.99 3.17 15.46
CA VAL C 137 -38.60 3.11 16.85
C VAL C 137 -37.85 4.38 17.23
N GLU C 138 -37.68 4.58 18.53
CA GLU C 138 -36.94 5.69 19.09
C GLU C 138 -35.52 5.24 19.42
N TYR C 139 -34.58 6.18 19.37
CA TYR C 139 -33.18 5.89 19.67
C TYR C 139 -32.57 7.13 20.33
N ALA C 140 -32.48 7.11 21.65
CA ALA C 140 -31.88 8.19 22.43
C ALA C 140 -30.82 7.59 23.35
N PRO C 141 -29.60 7.38 22.84
CA PRO C 141 -28.54 6.83 23.71
C PRO C 141 -28.02 7.80 24.75
N CYS C 142 -28.18 9.11 24.52
CA CYS C 142 -27.81 10.10 25.52
C CYS C 142 -28.92 10.32 26.55
N ARG C 143 -30.08 9.70 26.37
CA ARG C 143 -31.15 9.76 27.37
C ARG C 143 -30.93 8.60 28.34
N SER C 144 -30.01 8.83 29.28
CA SER C 144 -29.53 7.78 30.17
C SER C 144 -29.49 8.27 31.60
N GLN C 145 -28.92 7.47 32.51
CA GLN C 145 -28.77 7.87 33.90
C GLN C 145 -27.54 8.74 34.12
N ASP C 146 -26.75 9.00 33.07
CA ASP C 146 -25.57 9.87 33.16
C ASP C 146 -26.02 11.32 32.92
N ILE C 147 -26.77 11.84 33.88
CA ILE C 147 -27.46 13.11 33.70
C ILE C 147 -26.55 14.28 34.05
N ASP C 148 -27.03 15.50 33.79
CA ASP C 148 -26.32 16.74 34.06
C ASP C 148 -25.20 16.98 33.06
N ALA C 149 -24.66 18.21 33.06
CA ALA C 149 -23.57 18.55 32.15
C ALA C 149 -22.34 17.67 32.38
N ASP C 150 -22.12 17.26 33.63
CA ASP C 150 -21.02 16.34 33.93
C ASP C 150 -21.12 15.06 33.12
N GLY C 151 -22.31 14.74 32.61
CA GLY C 151 -22.50 13.56 31.79
C GLY C 151 -23.07 13.88 30.41
N GLN C 152 -24.04 13.08 29.98
CA GLN C 152 -24.67 13.23 28.68
C GLN C 152 -25.88 14.15 28.70
N GLY C 153 -26.15 14.82 29.82
CA GLY C 153 -27.36 15.61 29.94
C GLY C 153 -27.51 16.65 28.85
N PHE C 154 -26.39 17.18 28.34
CA PHE C 154 -26.42 18.20 27.29
C PHE C 154 -25.81 17.67 25.99
N CYS C 155 -25.80 16.35 25.80
CA CYS C 155 -25.06 15.76 24.68
C CYS C 155 -25.62 16.19 23.34
N GLN C 156 -26.93 16.41 23.24
CA GLN C 156 -27.58 16.76 21.97
C GLN C 156 -27.28 15.71 20.90
N GLY C 157 -27.41 14.44 21.29
CA GLY C 157 -27.20 13.34 20.38
C GLY C 157 -28.02 13.46 19.12
N GLY C 158 -27.39 13.30 17.97
CA GLY C 158 -28.03 13.50 16.69
C GLY C 158 -27.68 14.79 15.99
N PHE C 159 -26.83 15.62 16.60
CA PHE C 159 -26.33 16.81 15.92
C PHE C 159 -25.75 16.45 14.55
N SER C 160 -25.03 15.33 14.48
CA SER C 160 -24.59 14.75 13.22
C SER C 160 -24.77 13.25 13.31
N ILE C 161 -25.08 12.63 12.17
CA ILE C 161 -25.34 11.19 12.11
C ILE C 161 -24.86 10.66 10.76
N ASP C 162 -24.58 9.36 10.72
CA ASP C 162 -24.20 8.70 9.49
C ASP C 162 -24.30 7.19 9.68
N PHE C 163 -24.55 6.49 8.58
CA PHE C 163 -24.58 5.04 8.55
C PHE C 163 -23.23 4.50 8.10
N THR C 164 -23.00 3.22 8.37
CA THR C 164 -21.77 2.57 7.98
C THR C 164 -22.05 1.42 7.02
N LYS C 165 -20.96 0.83 6.51
CA LYS C 165 -21.05 -0.23 5.53
C LYS C 165 -21.73 -1.48 6.07
N ALA C 166 -21.64 -1.72 7.38
CA ALA C 166 -22.06 -2.97 7.98
C ALA C 166 -23.22 -2.79 8.96
N ASP C 167 -24.20 -1.97 8.57
CA ASP C 167 -25.42 -1.79 9.36
C ASP C 167 -25.10 -1.38 10.79
N ARG C 168 -24.41 -0.25 10.93
CA ARG C 168 -24.20 0.39 12.21
C ARG C 168 -24.48 1.88 12.07
N VAL C 169 -24.85 2.50 13.17
CA VAL C 169 -25.07 3.94 13.22
C VAL C 169 -23.83 4.59 13.81
N LEU C 170 -23.54 5.81 13.35
CA LEU C 170 -22.54 6.66 13.98
C LEU C 170 -23.24 7.97 14.32
N LEU C 171 -23.36 8.25 15.62
CA LEU C 171 -24.06 9.43 16.10
C LEU C 171 -23.12 10.28 16.93
N GLY C 172 -23.22 11.59 16.77
CA GLY C 172 -22.38 12.53 17.48
C GLY C 172 -23.19 13.41 18.43
N GLY C 173 -22.55 13.85 19.50
CA GLY C 173 -23.18 14.69 20.48
C GLY C 173 -22.20 15.67 21.08
N PRO C 174 -22.14 16.89 20.54
CA PRO C 174 -21.07 17.81 20.93
C PRO C 174 -21.14 18.33 22.36
N GLY C 175 -22.16 17.95 23.13
CA GLY C 175 -22.35 18.54 24.44
C GLY C 175 -21.98 17.65 25.61
N SER C 176 -21.71 16.36 25.36
CA SER C 176 -21.38 15.44 26.43
C SER C 176 -20.21 15.98 27.25
N PHE C 177 -20.25 15.69 28.55
CA PHE C 177 -19.13 15.92 29.46
C PHE C 177 -18.64 17.37 29.36
N TYR C 178 -19.54 18.29 29.68
CA TYR C 178 -19.25 19.72 29.60
C TYR C 178 -18.67 20.07 28.24
N TRP C 179 -19.37 19.62 27.20
CA TRP C 179 -19.08 19.95 25.81
C TRP C 179 -17.73 19.41 25.33
N GLN C 180 -17.20 18.39 25.99
CA GLN C 180 -16.11 17.63 25.39
C GLN C 180 -16.54 16.98 24.09
N GLY C 181 -17.83 16.62 24.00
CA GLY C 181 -18.35 15.90 22.86
C GLY C 181 -18.28 14.39 23.06
N GLN C 182 -18.88 13.68 22.11
CA GLN C 182 -18.96 12.23 22.23
C GLN C 182 -19.39 11.64 20.89
N LEU C 183 -18.96 10.40 20.65
CA LEU C 183 -19.41 9.60 19.53
C LEU C 183 -20.04 8.33 20.07
N ILE C 184 -21.10 7.86 19.41
CA ILE C 184 -21.81 6.66 19.82
C ILE C 184 -22.16 5.86 18.57
N SER C 185 -21.93 4.55 18.63
CA SER C 185 -22.21 3.66 17.51
C SER C 185 -22.90 2.41 18.03
N ASP C 186 -24.12 2.17 17.56
CA ASP C 186 -24.92 1.02 17.94
C ASP C 186 -25.34 0.24 16.71
N GLN C 187 -25.36 -1.09 16.83
CA GLN C 187 -25.86 -1.93 15.76
C GLN C 187 -27.34 -1.64 15.52
N VAL C 188 -27.71 -1.48 14.25
CA VAL C 188 -29.11 -1.21 13.92
C VAL C 188 -29.98 -2.41 14.28
N ALA C 189 -29.42 -3.62 14.25
CA ALA C 189 -30.20 -4.80 14.59
C ALA C 189 -30.67 -4.76 16.04
N GLU C 190 -29.92 -4.07 16.92
CA GLU C 190 -30.30 -3.99 18.32
C GLU C 190 -31.12 -2.76 18.64
N ILE C 191 -30.93 -1.66 17.89
CA ILE C 191 -31.79 -0.49 18.10
C ILE C 191 -33.24 -0.86 17.87
N VAL C 192 -33.50 -1.88 17.04
CA VAL C 192 -34.86 -2.34 16.81
C VAL C 192 -35.23 -3.48 17.76
N SER C 193 -34.26 -4.31 18.15
CA SER C 193 -34.55 -5.48 18.98
C SER C 193 -34.75 -5.13 20.45
N LYS C 194 -34.28 -3.98 20.89
CA LYS C 194 -34.35 -3.59 22.29
C LYS C 194 -35.31 -2.44 22.56
N TYR C 195 -35.93 -1.88 21.53
CA TYR C 195 -36.78 -0.71 21.72
C TYR C 195 -37.99 -1.06 22.59
N ASP C 196 -38.36 -0.11 23.45
CA ASP C 196 -39.51 -0.25 24.34
C ASP C 196 -40.04 1.14 24.64
N PRO C 197 -41.31 1.44 24.33
CA PRO C 197 -41.81 2.81 24.52
C PRO C 197 -42.09 3.17 25.97
N ASN C 198 -42.03 2.22 26.90
CA ASN C 198 -42.19 2.52 28.32
C ASN C 198 -40.85 2.54 29.05
N VAL C 199 -39.75 2.27 28.35
CA VAL C 199 -38.41 2.44 28.88
C VAL C 199 -37.80 3.66 28.21
N TYR C 200 -37.26 4.57 29.02
CA TYR C 200 -36.73 5.83 28.52
C TYR C 200 -35.21 5.81 28.37
N SER C 201 -34.52 4.99 29.16
CA SER C 201 -33.07 4.82 29.07
C SER C 201 -32.83 3.36 28.67
N ILE C 202 -32.57 3.14 27.39
CA ILE C 202 -32.49 1.79 26.84
C ILE C 202 -31.03 1.35 26.78
N LYS C 203 -30.77 0.11 27.17
CA LYS C 203 -29.43 -0.47 27.13
C LYS C 203 -29.21 -1.17 25.80
N TYR C 204 -28.01 -1.00 25.25
CA TYR C 204 -27.63 -1.61 23.98
C TYR C 204 -26.37 -2.43 24.20
N ASN C 205 -26.39 -3.69 23.74
CA ASN C 205 -25.36 -4.65 24.12
C ASN C 205 -24.01 -4.29 23.51
N ASN C 206 -23.98 -4.04 22.21
CA ASN C 206 -22.72 -3.85 21.48
C ASN C 206 -22.42 -2.39 21.23
N GLN C 207 -22.71 -1.52 22.20
CA GLN C 207 -22.52 -0.09 22.00
C GLN C 207 -21.05 0.28 22.09
N LEU C 208 -20.62 1.17 21.20
CA LEU C 208 -19.28 1.75 21.21
C LEU C 208 -19.42 3.25 21.45
N ALA C 209 -18.64 3.77 22.40
CA ALA C 209 -18.77 5.18 22.76
C ALA C 209 -17.46 5.69 23.35
N THR C 210 -17.13 6.94 23.02
CA THR C 210 -16.00 7.60 23.62
C THR C 210 -16.22 7.80 25.12
N ARG C 211 -15.13 8.04 25.84
CA ARG C 211 -15.15 8.09 27.30
C ARG C 211 -14.74 9.46 27.79
N THR C 212 -15.40 9.91 28.86
CA THR C 212 -15.08 11.20 29.46
C THR C 212 -13.59 11.27 29.82
N ALA C 213 -12.99 12.43 29.57
CA ALA C 213 -11.55 12.59 29.76
C ALA C 213 -11.23 13.81 30.60
N GLN C 214 -9.94 14.18 30.67
CA GLN C 214 -9.48 15.30 31.48
C GLN C 214 -10.31 16.54 31.21
N ALA C 215 -10.36 17.46 32.18
CA ALA C 215 -11.16 18.67 32.05
C ALA C 215 -10.57 19.64 31.03
N ILE C 216 -9.28 19.49 30.68
CA ILE C 216 -8.67 20.41 29.72
C ILE C 216 -9.39 20.31 28.37
N PHE C 217 -10.00 19.17 28.08
CA PHE C 217 -10.72 18.97 26.82
C PHE C 217 -12.12 19.57 26.85
N ASP C 218 -12.49 20.30 27.90
CA ASP C 218 -13.78 20.97 27.92
C ASP C 218 -13.89 21.92 26.73
N ASP C 219 -15.11 22.04 26.20
CA ASP C 219 -15.40 22.98 25.11
C ASP C 219 -14.72 22.55 23.81
N SER C 220 -14.85 21.26 23.49
CA SER C 220 -14.20 20.68 22.31
C SER C 220 -15.16 20.43 21.16
N TYR C 221 -16.38 19.97 21.44
CA TYR C 221 -17.41 19.77 20.43
C TYR C 221 -17.15 18.53 19.57
N LEU C 222 -16.61 17.46 20.18
CA LEU C 222 -16.51 16.20 19.46
C LEU C 222 -17.89 15.73 19.05
N GLY C 223 -18.01 15.27 17.81
CA GLY C 223 -19.29 14.90 17.25
C GLY C 223 -20.02 16.01 16.56
N TYR C 224 -19.37 17.17 16.36
CA TYR C 224 -20.00 18.26 15.61
C TYR C 224 -20.38 17.80 14.21
N SER C 225 -19.57 16.93 13.62
CA SER C 225 -19.83 16.37 12.30
C SER C 225 -19.22 14.99 12.25
N VAL C 226 -19.71 14.15 11.34
CA VAL C 226 -19.24 12.77 11.24
C VAL C 226 -19.20 12.32 9.79
N ALA C 227 -18.25 11.44 9.50
CA ALA C 227 -18.16 10.75 8.22
C ALA C 227 -17.64 9.34 8.50
N VAL C 228 -17.61 8.51 7.46
CA VAL C 228 -17.24 7.11 7.62
C VAL C 228 -16.29 6.71 6.50
N GLY C 229 -15.37 5.80 6.82
CA GLY C 229 -14.43 5.28 5.86
C GLY C 229 -13.37 4.40 6.52
N ASP C 230 -12.85 3.44 5.77
CA ASP C 230 -11.83 2.55 6.30
C ASP C 230 -10.46 3.21 6.25
N PHE C 231 -9.78 3.26 7.40
CA PHE C 231 -8.47 3.91 7.49
C PHE C 231 -7.43 3.01 8.15
N ASN C 232 -7.71 1.71 8.25
CA ASN C 232 -6.72 0.74 8.74
C ASN C 232 -6.81 -0.58 7.99
N GLY C 233 -7.56 -0.66 6.91
CA GLY C 233 -7.57 -1.84 6.08
C GLY C 233 -8.21 -3.06 6.72
N ASP C 234 -9.23 -2.86 7.55
CA ASP C 234 -9.94 -3.97 8.17
C ASP C 234 -11.24 -4.32 7.46
N GLY C 235 -11.66 -3.52 6.49
CA GLY C 235 -12.93 -3.69 5.82
C GLY C 235 -14.08 -2.99 6.52
N ILE C 236 -14.05 -2.95 7.85
CA ILE C 236 -15.07 -2.27 8.62
C ILE C 236 -14.86 -0.77 8.54
N ASP C 237 -15.94 -0.03 8.31
CA ASP C 237 -15.85 1.42 8.27
C ASP C 237 -15.43 1.96 9.63
N ASP C 238 -14.53 2.93 9.62
CA ASP C 238 -14.09 3.60 10.83
C ASP C 238 -14.78 4.96 10.95
N PHE C 239 -14.70 5.53 12.15
CA PHE C 239 -15.47 6.73 12.49
C PHE C 239 -14.58 7.96 12.39
N VAL C 240 -15.06 8.97 11.67
CA VAL C 240 -14.35 10.24 11.50
C VAL C 240 -15.26 11.34 12.01
N SER C 241 -14.70 12.27 12.79
CA SER C 241 -15.50 13.31 13.41
C SER C 241 -14.70 14.60 13.54
N GLY C 242 -15.37 15.72 13.33
CA GLY C 242 -14.75 17.02 13.54
C GLY C 242 -14.90 17.47 14.99
N VAL C 243 -13.86 18.14 15.48
CA VAL C 243 -13.81 18.64 16.86
C VAL C 243 -13.42 20.11 16.77
N PRO C 244 -14.32 20.99 16.32
CA PRO C 244 -13.88 22.31 15.84
C PRO C 244 -13.19 23.18 16.88
N ARG C 245 -13.55 23.07 18.16
CA ARG C 245 -12.95 23.90 19.18
C ARG C 245 -11.75 23.24 19.87
N ALA C 246 -11.44 21.99 19.52
CA ALA C 246 -10.34 21.29 20.17
C ALA C 246 -9.02 22.02 19.95
N ALA C 247 -8.08 21.77 20.85
CA ALA C 247 -6.71 22.30 20.75
C ALA C 247 -6.71 23.82 20.67
N ARG C 248 -7.26 24.44 21.73
CA ARG C 248 -7.25 25.89 21.87
C ARG C 248 -7.87 26.57 20.64
N THR C 249 -8.89 25.94 20.07
CA THR C 249 -9.67 26.42 18.93
C THR C 249 -8.93 26.29 17.61
N LEU C 250 -7.78 25.60 17.56
CA LEU C 250 -7.17 25.29 16.27
C LEU C 250 -8.01 24.28 15.49
N GLY C 251 -8.92 23.57 16.15
CA GLY C 251 -9.72 22.56 15.50
C GLY C 251 -8.96 21.26 15.31
N MET C 252 -9.67 20.15 15.37
CA MET C 252 -9.07 18.84 15.14
C MET C 252 -10.10 17.93 14.49
N VAL C 253 -9.63 16.76 14.08
CA VAL C 253 -10.49 15.70 13.53
C VAL C 253 -9.96 14.38 14.04
N TYR C 254 -10.79 13.66 14.79
CA TYR C 254 -10.39 12.37 15.34
C TYR C 254 -10.92 11.25 14.45
N ILE C 255 -10.12 10.20 14.31
CA ILE C 255 -10.53 8.99 13.60
C ILE C 255 -10.44 7.84 14.60
N TYR C 256 -11.52 7.07 14.70
CA TYR C 256 -11.59 5.95 15.64
C TYR C 256 -11.85 4.67 14.87
N ASP C 257 -11.23 3.58 15.32
CA ASP C 257 -11.52 2.28 14.74
C ASP C 257 -13.00 1.96 14.90
N GLY C 258 -13.63 1.54 13.80
CA GLY C 258 -15.03 1.21 13.83
C GLY C 258 -15.37 -0.11 14.46
N LYS C 259 -14.43 -0.73 15.15
CA LYS C 259 -14.62 -2.03 15.78
C LYS C 259 -14.48 -2.01 17.28
N ASN C 260 -13.70 -1.07 17.85
CA ASN C 260 -13.64 -0.93 19.30
C ASN C 260 -13.46 0.52 19.74
N MET C 261 -13.56 1.49 18.83
CA MET C 261 -13.59 2.91 19.19
C MET C 261 -12.28 3.35 19.84
N SER C 262 -11.16 2.87 19.32
CA SER C 262 -9.84 3.31 19.78
C SER C 262 -9.28 4.31 18.77
N SER C 263 -8.68 5.37 19.29
CA SER C 263 -8.20 6.46 18.43
C SER C 263 -7.20 5.95 17.41
N LEU C 264 -7.39 6.37 16.16
CA LEU C 264 -6.53 5.96 15.05
C LEU C 264 -5.66 7.10 14.52
N TYR C 265 -6.25 8.26 14.24
CA TYR C 265 -5.49 9.34 13.62
C TYR C 265 -6.06 10.67 14.06
N ASN C 266 -5.19 11.68 14.11
CA ASN C 266 -5.57 13.03 14.52
C ASN C 266 -5.15 14.02 13.45
N PHE C 267 -6.10 14.81 12.97
CA PHE C 267 -5.80 15.99 12.19
C PHE C 267 -5.86 17.22 13.09
N THR C 268 -5.20 18.29 12.67
CA THR C 268 -5.14 19.51 13.46
C THR C 268 -5.06 20.71 12.53
N GLY C 269 -5.93 21.69 12.77
CA GLY C 269 -5.91 22.91 12.00
C GLY C 269 -4.69 23.75 12.30
N GLU C 270 -4.46 24.74 11.43
CA GLU C 270 -3.30 25.62 11.55
C GLU C 270 -3.63 26.99 12.12
N GLN C 271 -4.88 27.43 12.01
CA GLN C 271 -5.27 28.77 12.43
C GLN C 271 -6.35 28.70 13.50
N MET C 272 -6.26 29.60 14.48
CA MET C 272 -7.25 29.67 15.54
C MET C 272 -8.53 30.33 15.03
N ALA C 273 -9.66 29.86 15.53
CA ALA C 273 -10.99 30.39 15.23
C ALA C 273 -11.41 30.17 13.78
N ALA C 274 -10.59 29.50 12.96
CA ALA C 274 -11.02 29.13 11.62
C ALA C 274 -12.18 28.14 11.63
N TYR C 275 -12.46 27.53 12.78
CA TYR C 275 -13.51 26.52 12.91
C TYR C 275 -13.21 25.32 12.03
N PHE C 276 -11.93 24.98 11.95
CA PHE C 276 -11.48 23.74 11.31
C PHE C 276 -12.21 22.56 11.90
N GLY C 277 -13.01 21.89 11.07
CA GLY C 277 -13.79 20.74 11.50
C GLY C 277 -15.30 20.92 11.40
N PHE C 278 -15.79 22.09 10.98
CA PHE C 278 -17.22 22.29 10.84
C PHE C 278 -17.85 21.21 9.97
N SER C 279 -17.19 20.86 8.88
CA SER C 279 -17.66 19.81 7.98
C SER C 279 -16.56 18.78 7.78
N VAL C 280 -16.96 17.56 7.46
CA VAL C 280 -16.02 16.48 7.15
C VAL C 280 -16.66 15.55 6.13
N ALA C 281 -15.81 14.87 5.37
CA ALA C 281 -16.28 13.88 4.40
C ALA C 281 -15.15 12.90 4.12
N ALA C 282 -15.53 11.70 3.69
CA ALA C 282 -14.57 10.64 3.43
C ALA C 282 -14.99 9.89 2.18
N THR C 283 -14.15 9.94 1.15
CA THR C 283 -14.40 9.23 -0.09
C THR C 283 -13.09 9.07 -0.82
N ASP C 284 -12.98 8.00 -1.60
CA ASP C 284 -11.81 7.79 -2.44
C ASP C 284 -11.92 8.71 -3.65
N ILE C 285 -10.95 9.62 -3.80
CA ILE C 285 -11.00 10.64 -4.84
C ILE C 285 -10.04 10.36 -5.99
N ASN C 286 -9.08 9.45 -5.84
CA ASN C 286 -8.06 9.19 -6.84
C ASN C 286 -8.02 7.72 -7.25
N GLY C 287 -9.15 7.03 -7.16
CA GLY C 287 -9.26 5.69 -7.71
C GLY C 287 -8.29 4.67 -7.16
N ASP C 288 -7.75 4.90 -5.96
CA ASP C 288 -6.84 3.95 -5.34
C ASP C 288 -7.53 2.95 -4.43
N ASP C 289 -8.76 3.26 -3.97
CA ASP C 289 -9.52 2.45 -3.04
C ASP C 289 -9.10 2.72 -1.60
N TYR C 290 -8.58 3.92 -1.34
CA TYR C 290 -8.24 4.37 0.00
C TYR C 290 -9.02 5.64 0.28
N ALA C 291 -9.92 5.58 1.26
CA ALA C 291 -10.77 6.71 1.58
C ALA C 291 -9.92 7.93 1.90
N ASP C 292 -10.15 9.01 1.17
CA ASP C 292 -9.46 10.28 1.37
C ASP C 292 -10.36 11.20 2.18
N VAL C 293 -9.73 12.06 2.98
CA VAL C 293 -10.43 12.84 4.01
C VAL C 293 -10.48 14.29 3.59
N PHE C 294 -11.66 14.91 3.75
CA PHE C 294 -11.90 16.30 3.40
C PHE C 294 -12.42 17.04 4.62
N ILE C 295 -11.80 18.16 4.95
CA ILE C 295 -12.09 18.90 6.17
C ILE C 295 -12.30 20.37 5.82
N GLY C 296 -13.38 20.95 6.33
CA GLY C 296 -13.71 22.34 6.05
C GLY C 296 -13.34 23.26 7.20
N ALA C 297 -12.93 24.47 6.85
CA ALA C 297 -12.60 25.53 7.82
C ALA C 297 -13.25 26.81 7.32
N PRO C 298 -14.56 26.97 7.51
CA PRO C 298 -15.27 28.09 6.88
C PRO C 298 -14.71 29.46 7.21
N LEU C 299 -14.21 29.66 8.43
CA LEU C 299 -13.81 30.98 8.91
C LEU C 299 -12.32 31.23 8.76
N PHE C 300 -11.64 30.47 7.90
CA PHE C 300 -10.21 30.67 7.68
C PHE C 300 -9.97 31.94 6.88
N MET C 301 -8.95 32.70 7.29
CA MET C 301 -8.54 33.92 6.59
C MET C 301 -7.11 33.75 6.09
N ASP C 302 -6.90 34.09 4.82
CA ASP C 302 -5.61 33.95 4.16
C ASP C 302 -4.96 35.31 3.99
N ARG C 303 -3.67 35.39 4.29
CA ARG C 303 -2.88 36.58 3.95
C ARG C 303 -3.00 36.83 2.44
N GLY C 304 -3.86 37.76 2.05
CA GLY C 304 -4.10 38.02 0.65
C GLY C 304 -2.95 38.74 -0.02
N SER C 305 -3.07 38.85 -1.34
CA SER C 305 -1.99 39.42 -2.15
C SER C 305 -1.54 40.78 -1.64
N ASP C 306 -2.45 41.54 -1.02
CA ASP C 306 -2.14 42.88 -0.54
C ASP C 306 -1.56 42.88 0.87
N GLY C 307 -1.06 41.74 1.34
CA GLY C 307 -0.57 41.64 2.70
C GLY C 307 -1.64 41.81 3.77
N LYS C 308 -2.90 41.93 3.38
CA LYS C 308 -4.01 42.11 4.31
C LYS C 308 -4.80 40.81 4.41
N LEU C 309 -5.39 40.59 5.58
CA LEU C 309 -6.18 39.39 5.83
C LEU C 309 -7.57 39.52 5.21
N GLN C 310 -8.19 38.37 4.94
CA GLN C 310 -9.54 38.32 4.41
C GLN C 310 -10.10 36.93 4.63
N GLU C 311 -11.28 36.85 5.23
CA GLU C 311 -11.91 35.58 5.58
C GLU C 311 -12.58 35.01 4.33
N VAL C 312 -12.03 33.93 3.80
CA VAL C 312 -12.61 33.26 2.64
C VAL C 312 -12.97 31.80 2.90
N GLY C 313 -12.39 31.17 3.93
CA GLY C 313 -12.59 29.76 4.17
C GLY C 313 -11.58 28.90 3.45
N GLN C 314 -11.40 27.68 3.95
CA GLN C 314 -10.39 26.78 3.43
C GLN C 314 -10.80 25.34 3.67
N VAL C 315 -10.62 24.51 2.65
CA VAL C 315 -10.79 23.06 2.74
C VAL C 315 -9.41 22.43 2.63
N SER C 316 -9.21 21.32 3.35
CA SER C 316 -7.96 20.59 3.33
C SER C 316 -8.23 19.18 2.80
N VAL C 317 -7.58 18.84 1.69
CA VAL C 317 -7.70 17.52 1.10
C VAL C 317 -6.56 16.66 1.62
N SER C 318 -6.85 15.40 1.93
CA SER C 318 -5.87 14.49 2.50
C SER C 318 -6.04 13.12 1.86
N LEU C 319 -5.05 12.71 1.06
CA LEU C 319 -5.07 11.41 0.42
C LEU C 319 -4.42 10.38 1.32
N GLN C 320 -5.10 9.25 1.50
CA GLN C 320 -4.62 8.17 2.35
C GLN C 320 -3.54 7.39 1.61
N ARG C 321 -2.33 7.42 2.15
CA ARG C 321 -1.21 6.66 1.61
C ARG C 321 -1.33 5.19 1.99
N ALA C 322 -0.84 4.32 1.11
CA ALA C 322 -0.76 2.90 1.45
C ALA C 322 0.13 2.69 2.67
N SER C 323 1.16 3.51 2.85
CA SER C 323 1.99 3.43 4.05
C SER C 323 1.13 3.54 5.30
N GLY C 324 0.18 4.47 5.28
CA GLY C 324 -0.77 4.60 6.36
C GLY C 324 -0.95 6.02 6.86
N ASP C 325 0.02 6.89 6.58
CA ASP C 325 -0.10 8.32 6.82
C ASP C 325 -0.77 8.96 5.61
N PHE C 326 -1.08 10.24 5.71
CA PHE C 326 -1.88 10.91 4.69
C PHE C 326 -1.03 11.90 3.90
N GLN C 327 -1.35 12.05 2.59
CA GLN C 327 -0.76 13.10 1.76
C GLN C 327 -1.78 14.24 1.66
N THR C 328 -1.43 15.40 2.18
CA THR C 328 -2.38 16.48 2.43
C THR C 328 -2.08 17.70 1.57
N THR C 329 -3.11 18.19 0.88
CA THR C 329 -3.10 19.45 0.16
C THR C 329 -4.14 20.38 0.78
N LYS C 330 -3.97 21.68 0.54
CA LYS C 330 -4.91 22.69 1.01
C LYS C 330 -5.50 23.46 -0.16
N LEU C 331 -6.74 23.93 0.03
CA LEU C 331 -7.49 24.61 -1.02
C LEU C 331 -8.32 25.73 -0.40
N ASN C 332 -8.02 26.97 -0.78
CA ASN C 332 -8.66 28.13 -0.17
C ASN C 332 -9.95 28.50 -0.91
N GLY C 333 -10.62 29.54 -0.43
CA GLY C 333 -11.83 30.04 -1.04
C GLY C 333 -11.58 31.21 -1.95
N PHE C 334 -12.67 31.78 -2.46
CA PHE C 334 -12.60 32.80 -3.49
C PHE C 334 -13.18 34.14 -3.07
N GLU C 335 -14.41 34.17 -2.56
CA GLU C 335 -15.08 35.41 -2.21
C GLU C 335 -15.06 35.63 -0.70
N VAL C 336 -15.03 36.92 -0.32
CA VAL C 336 -14.91 37.29 1.07
C VAL C 336 -16.20 37.00 1.81
N PHE C 337 -16.09 36.45 3.03
CA PHE C 337 -17.20 36.16 3.92
C PHE C 337 -18.18 35.15 3.34
N ALA C 338 -17.80 34.44 2.29
CA ALA C 338 -18.70 33.47 1.67
C ALA C 338 -18.78 32.16 2.44
N ARG C 339 -17.96 31.99 3.48
CA ARG C 339 -17.98 30.78 4.29
C ARG C 339 -17.72 29.53 3.45
N PHE C 340 -16.78 29.65 2.51
CA PHE C 340 -16.40 28.52 1.67
C PHE C 340 -15.98 27.34 2.55
N GLY C 341 -16.70 26.24 2.43
CA GLY C 341 -16.43 25.05 3.21
C GLY C 341 -17.48 24.69 4.24
N SER C 342 -18.62 25.38 4.26
CA SER C 342 -19.68 25.02 5.19
C SER C 342 -20.21 23.62 4.92
N ALA C 343 -20.21 23.20 3.66
CA ALA C 343 -20.76 21.90 3.28
C ALA C 343 -19.84 21.23 2.27
N ILE C 344 -19.65 19.93 2.42
CA ILE C 344 -18.81 19.11 1.55
C ILE C 344 -19.55 17.82 1.27
N ALA C 345 -19.92 17.59 0.01
CA ALA C 345 -20.74 16.44 -0.36
C ALA C 345 -20.05 15.58 -1.41
N PRO C 346 -19.58 14.38 -1.08
CA PRO C 346 -19.11 13.47 -2.13
C PRO C 346 -20.19 13.22 -3.17
N LEU C 347 -19.78 13.15 -4.44
CA LEU C 347 -20.70 13.05 -5.55
C LEU C 347 -20.63 11.71 -6.27
N GLY C 348 -19.71 10.83 -5.90
CA GLY C 348 -19.45 9.69 -6.74
C GLY C 348 -18.75 10.16 -8.02
N ASP C 349 -18.88 9.35 -9.06
CA ASP C 349 -18.26 9.63 -10.35
C ASP C 349 -19.24 10.46 -11.16
N LEU C 350 -19.17 11.78 -11.00
CA LEU C 350 -20.15 12.67 -11.64
C LEU C 350 -20.12 12.54 -13.15
N ASP C 351 -18.95 12.35 -13.73
CA ASP C 351 -18.81 12.20 -15.18
C ASP C 351 -18.42 10.78 -15.58
N GLN C 352 -18.48 9.82 -14.67
CA GLN C 352 -18.18 8.42 -14.97
C GLN C 352 -16.84 8.28 -15.68
N ASP C 353 -15.91 9.19 -15.40
CA ASP C 353 -14.61 9.18 -16.03
C ASP C 353 -13.58 8.34 -15.29
N GLY C 354 -14.00 7.58 -14.28
CA GLY C 354 -13.13 6.68 -13.55
C GLY C 354 -12.76 7.15 -12.15
N PHE C 355 -12.99 8.42 -11.82
CA PHE C 355 -12.58 8.99 -10.54
C PHE C 355 -13.76 9.69 -9.89
N ASN C 356 -13.96 9.44 -8.60
CA ASN C 356 -15.05 10.08 -7.88
C ASN C 356 -14.79 11.58 -7.77
N ASP C 357 -15.88 12.32 -7.63
CA ASP C 357 -15.86 13.78 -7.60
C ASP C 357 -16.43 14.27 -6.27
N ILE C 358 -16.53 15.60 -6.13
CA ILE C 358 -16.93 16.18 -4.86
C ILE C 358 -17.42 17.59 -5.10
N ALA C 359 -18.39 18.02 -4.28
CA ALA C 359 -18.92 19.37 -4.32
C ALA C 359 -18.58 20.10 -3.02
N ILE C 360 -18.40 21.41 -3.12
CA ILE C 360 -18.04 22.24 -1.97
C ILE C 360 -18.83 23.55 -2.08
N ALA C 361 -19.52 23.91 -1.00
CA ALA C 361 -20.44 25.04 -1.02
C ALA C 361 -19.84 26.26 -0.34
N ALA C 362 -20.34 27.43 -0.74
CA ALA C 362 -20.07 28.70 -0.08
C ALA C 362 -21.41 29.40 0.12
N PRO C 363 -22.16 29.01 1.17
CA PRO C 363 -23.57 29.41 1.27
C PRO C 363 -23.84 30.90 1.13
N TYR C 364 -22.86 31.76 1.38
CA TYR C 364 -23.09 33.20 1.46
C TYR C 364 -22.22 33.97 0.48
N GLY C 365 -22.01 33.43 -0.71
CA GLY C 365 -21.21 34.06 -1.73
C GLY C 365 -22.00 34.27 -3.02
N GLY C 366 -21.44 35.11 -3.89
CA GLY C 366 -22.01 35.36 -5.20
C GLY C 366 -22.73 36.69 -5.29
N GLU C 367 -23.54 36.81 -6.34
CA GLU C 367 -24.36 37.99 -6.52
C GLU C 367 -25.37 38.09 -5.38
N ASP C 368 -25.27 39.15 -4.59
CA ASP C 368 -26.22 39.42 -3.52
C ASP C 368 -26.23 38.32 -2.47
N LYS C 369 -25.15 37.56 -2.36
CA LYS C 369 -24.96 36.61 -1.27
C LYS C 369 -26.07 35.56 -1.26
N LYS C 370 -26.31 34.95 -2.42
CA LYS C 370 -27.36 33.94 -2.59
C LYS C 370 -26.82 32.52 -2.56
N GLY C 371 -25.52 32.33 -2.35
CA GLY C 371 -24.96 31.00 -2.17
C GLY C 371 -24.53 30.32 -3.46
N ILE C 372 -23.36 29.69 -3.43
CA ILE C 372 -22.79 29.04 -4.62
C ILE C 372 -22.22 27.69 -4.22
N VAL C 373 -22.23 26.76 -5.19
CA VAL C 373 -21.60 25.45 -5.04
C VAL C 373 -20.49 25.33 -6.09
N TYR C 374 -19.43 24.62 -5.72
CA TYR C 374 -18.26 24.45 -6.57
C TYR C 374 -18.02 22.96 -6.80
N ILE C 375 -18.11 22.54 -8.05
CA ILE C 375 -17.91 21.13 -8.42
C ILE C 375 -16.44 20.92 -8.74
N PHE C 376 -15.79 20.05 -7.99
CA PHE C 376 -14.39 19.68 -8.20
C PHE C 376 -14.31 18.22 -8.64
N ASN C 377 -13.57 17.97 -9.71
CA ASN C 377 -13.37 16.62 -10.20
C ASN C 377 -12.04 16.06 -9.69
N GLY C 378 -12.03 14.75 -9.45
CA GLY C 378 -10.83 14.08 -8.98
C GLY C 378 -10.00 13.51 -10.12
N ARG C 379 -8.70 13.35 -9.84
CA ARG C 379 -7.75 12.80 -10.78
C ARG C 379 -6.98 11.68 -10.10
N SER C 380 -6.14 10.99 -10.90
CA SER C 380 -5.24 9.99 -10.35
C SER C 380 -4.23 10.62 -9.40
N THR C 381 -3.93 11.90 -9.58
CA THR C 381 -2.95 12.60 -8.76
C THR C 381 -3.56 13.25 -7.52
N GLY C 382 -4.87 13.37 -7.46
CA GLY C 382 -5.55 13.97 -6.33
C GLY C 382 -6.86 14.62 -6.78
N LEU C 383 -7.11 15.81 -6.26
CA LEU C 383 -8.29 16.59 -6.62
C LEU C 383 -7.84 17.74 -7.52
N ASN C 384 -8.41 17.81 -8.72
CA ASN C 384 -8.16 18.93 -9.61
C ASN C 384 -8.66 20.21 -8.96
N ALA C 385 -7.73 21.07 -8.53
CA ALA C 385 -8.07 22.24 -7.72
C ALA C 385 -8.84 23.31 -8.47
N VAL C 386 -9.18 23.09 -9.74
CA VAL C 386 -9.93 24.08 -10.53
C VAL C 386 -11.37 23.58 -10.64
N PRO C 387 -12.35 24.33 -10.16
CA PRO C 387 -13.74 23.86 -10.26
C PRO C 387 -14.21 23.84 -11.71
N SER C 388 -14.79 22.71 -12.11
CA SER C 388 -15.30 22.56 -13.47
C SER C 388 -16.71 23.13 -13.63
N GLN C 389 -17.41 23.40 -12.54
CA GLN C 389 -18.78 23.89 -12.62
C GLN C 389 -19.09 24.72 -11.38
N ILE C 390 -19.92 25.74 -11.57
CA ILE C 390 -20.35 26.63 -10.51
C ILE C 390 -21.87 26.71 -10.53
N LEU C 391 -22.51 26.44 -9.40
CA LEU C 391 -23.96 26.51 -9.25
C LEU C 391 -24.28 27.73 -8.40
N GLU C 392 -25.08 28.66 -8.94
CA GLU C 392 -25.37 29.93 -8.29
C GLU C 392 -26.78 29.93 -7.74
N GLY C 393 -26.93 30.35 -6.49
CA GLY C 393 -28.26 30.44 -5.90
C GLY C 393 -29.08 31.50 -6.61
N GLN C 394 -30.37 31.18 -6.82
CA GLN C 394 -31.25 31.98 -7.67
C GLN C 394 -32.43 32.55 -6.89
N TRP C 395 -32.26 32.81 -5.60
CA TRP C 395 -33.34 33.36 -4.79
C TRP C 395 -32.81 34.49 -3.91
N ALA C 396 -33.52 35.61 -3.91
CA ALA C 396 -33.24 36.70 -3.00
C ALA C 396 -33.76 36.37 -1.61
N ALA C 397 -33.04 36.83 -0.60
CA ALA C 397 -33.44 36.59 0.79
C ALA C 397 -34.86 37.06 1.02
N ARG C 398 -35.72 36.13 1.48
CA ARG C 398 -37.08 36.50 1.83
C ARG C 398 -37.08 37.55 2.94
N SER C 399 -36.42 37.25 4.06
CA SER C 399 -36.35 38.17 5.18
C SER C 399 -35.43 37.62 6.27
N GLY C 400 -34.76 38.53 6.98
CA GLY C 400 -33.97 38.13 8.14
C GLY C 400 -32.75 37.27 7.83
N CYS C 401 -32.97 36.08 7.28
CA CYS C 401 -31.90 35.11 7.10
C CYS C 401 -31.51 35.01 5.62
N PRO C 402 -30.23 34.86 5.31
CA PRO C 402 -29.83 34.67 3.91
C PRO C 402 -30.33 33.34 3.38
N PRO C 403 -30.47 33.19 2.06
CA PRO C 403 -30.96 31.91 1.52
C PRO C 403 -30.11 30.72 1.94
N SER C 404 -28.81 30.93 2.17
CA SER C 404 -27.91 29.86 2.60
C SER C 404 -27.88 28.72 1.59
N PHE C 405 -27.99 29.05 0.30
CA PHE C 405 -27.94 28.05 -0.75
C PHE C 405 -26.63 27.27 -0.68
N GLY C 406 -26.73 25.97 -0.46
CA GLY C 406 -25.55 25.12 -0.34
C GLY C 406 -25.15 24.79 1.08
N TYR C 407 -25.82 25.38 2.08
CA TYR C 407 -25.53 25.04 3.47
C TYR C 407 -25.62 23.53 3.71
N SER C 408 -26.42 22.84 2.90
CA SER C 408 -26.52 21.39 2.97
C SER C 408 -26.75 20.84 1.56
N MET C 409 -26.20 19.66 1.31
CA MET C 409 -26.34 19.03 0.00
C MET C 409 -25.95 17.55 0.13
N LYS C 410 -26.50 16.75 -0.77
CA LYS C 410 -26.25 15.31 -0.77
C LYS C 410 -26.21 14.82 -2.21
N GLY C 411 -25.35 13.84 -2.45
CA GLY C 411 -25.19 13.32 -3.80
C GLY C 411 -24.82 11.85 -3.85
N ALA C 412 -24.25 11.45 -4.98
CA ALA C 412 -23.78 10.09 -5.24
C ALA C 412 -24.92 9.10 -5.44
N THR C 413 -26.10 9.57 -5.83
CA THR C 413 -27.24 8.71 -6.13
C THR C 413 -27.76 9.07 -7.51
N ASP C 414 -27.94 8.08 -8.36
CA ASP C 414 -28.46 8.27 -9.71
C ASP C 414 -29.97 8.07 -9.66
N ILE C 415 -30.69 9.17 -9.40
CA ILE C 415 -32.11 9.07 -9.11
C ILE C 415 -32.93 8.79 -10.36
N ASP C 416 -32.51 9.30 -11.51
CA ASP C 416 -33.21 9.04 -12.77
C ASP C 416 -32.73 7.76 -13.45
N LYS C 417 -31.83 7.01 -12.82
CA LYS C 417 -31.38 5.73 -13.35
C LYS C 417 -30.75 5.87 -14.74
N ASN C 418 -29.98 6.95 -14.93
CA ASN C 418 -29.30 7.20 -16.19
C ASN C 418 -27.80 6.94 -16.11
N GLY C 419 -27.32 6.39 -15.00
CA GLY C 419 -25.92 6.03 -14.87
C GLY C 419 -25.00 7.15 -14.42
N TYR C 420 -25.54 8.27 -13.94
CA TYR C 420 -24.74 9.42 -13.55
C TYR C 420 -25.26 9.97 -12.22
N PRO C 421 -24.40 10.15 -11.22
CA PRO C 421 -24.89 10.61 -9.90
C PRO C 421 -25.42 12.03 -9.95
N ASP C 422 -26.52 12.25 -9.25
CA ASP C 422 -27.19 13.54 -9.19
C ASP C 422 -26.92 14.18 -7.83
N LEU C 423 -27.41 15.40 -7.66
CA LEU C 423 -27.07 16.23 -6.51
C LEU C 423 -28.29 16.96 -5.99
N ILE C 424 -28.50 16.91 -4.68
CA ILE C 424 -29.55 17.68 -4.02
C ILE C 424 -28.89 18.83 -3.28
N VAL C 425 -29.48 20.02 -3.41
CA VAL C 425 -28.99 21.22 -2.74
C VAL C 425 -30.16 21.84 -1.99
N GLY C 426 -29.92 22.26 -0.77
CA GLY C 426 -30.93 22.90 0.06
C GLY C 426 -30.55 24.32 0.38
N ALA C 427 -31.56 25.20 0.45
CA ALA C 427 -31.39 26.59 0.87
C ALA C 427 -32.48 26.88 1.90
N PHE C 428 -32.25 26.47 3.15
CA PHE C 428 -33.29 26.60 4.18
C PHE C 428 -33.72 28.04 4.36
N GLY C 429 -32.84 29.00 4.08
CA GLY C 429 -33.17 30.40 4.25
C GLY C 429 -34.36 30.85 3.42
N VAL C 430 -34.73 30.10 2.39
CA VAL C 430 -35.90 30.42 1.58
C VAL C 430 -36.79 29.19 1.46
N ASP C 431 -36.46 28.15 2.21
CA ASP C 431 -37.29 26.94 2.28
C ASP C 431 -37.38 26.26 0.91
N ARG C 432 -36.21 25.91 0.37
CA ARG C 432 -36.13 25.36 -0.97
C ARG C 432 -35.12 24.22 -1.00
N ALA C 433 -35.28 23.35 -2.00
CA ALA C 433 -34.33 22.28 -2.27
C ALA C 433 -34.35 21.98 -3.76
N ILE C 434 -33.17 21.83 -4.36
CA ILE C 434 -33.04 21.60 -5.80
C ILE C 434 -32.46 20.21 -6.03
N LEU C 435 -32.92 19.56 -7.10
CA LEU C 435 -32.35 18.31 -7.57
C LEU C 435 -31.65 18.59 -8.90
N TYR C 436 -30.32 18.60 -8.88
CA TYR C 436 -29.52 18.83 -10.07
C TYR C 436 -29.17 17.49 -10.71
N ARG C 437 -29.51 17.32 -11.98
CA ARG C 437 -29.31 16.07 -12.70
C ARG C 437 -28.02 16.14 -13.51
N ALA C 438 -27.31 15.02 -13.56
CA ALA C 438 -26.05 14.94 -14.29
C ALA C 438 -26.31 14.50 -15.73
N ARG C 439 -25.82 15.29 -16.67
CA ARG C 439 -26.03 15.02 -18.09
C ARG C 439 -25.02 13.98 -18.59
N PRO C 440 -25.40 13.17 -19.57
CA PRO C 440 -24.45 12.20 -20.11
C PRO C 440 -23.32 12.88 -20.86
N VAL C 441 -22.14 12.27 -20.78
CA VAL C 441 -20.92 12.82 -21.38
C VAL C 441 -20.61 12.04 -22.65
N ILE C 442 -20.57 12.74 -23.78
CA ILE C 442 -20.15 12.17 -25.06
C ILE C 442 -18.68 12.49 -25.28
N THR C 443 -17.89 11.47 -25.58
CA THR C 443 -16.51 11.66 -26.00
C THR C 443 -16.45 11.56 -27.52
N VAL C 444 -15.88 12.58 -28.16
CA VAL C 444 -15.87 12.70 -29.61
C VAL C 444 -14.42 12.78 -30.08
N ASN C 445 -14.09 11.98 -31.08
CA ASN C 445 -12.83 12.07 -31.80
C ASN C 445 -13.12 12.57 -33.21
N ALA C 446 -12.52 13.70 -33.58
CA ALA C 446 -12.69 14.30 -34.89
C ALA C 446 -11.39 14.20 -35.69
N GLY C 447 -11.53 13.95 -36.99
CA GLY C 447 -10.38 13.84 -37.87
C GLY C 447 -10.54 14.71 -39.09
N LEU C 448 -9.41 15.17 -39.61
CA LEU C 448 -9.40 16.05 -40.77
C LEU C 448 -8.08 15.87 -41.51
N GLU C 449 -8.15 15.47 -42.78
CA GLU C 449 -6.99 15.27 -43.62
C GLU C 449 -7.05 16.17 -44.84
N VAL C 450 -5.88 16.59 -45.31
CA VAL C 450 -5.78 17.42 -46.52
C VAL C 450 -4.61 16.87 -47.34
N TYR C 451 -4.92 16.41 -48.56
CA TYR C 451 -3.92 15.78 -49.40
C TYR C 451 -4.24 16.04 -50.86
N PRO C 452 -3.27 16.51 -51.67
CA PRO C 452 -1.92 16.92 -51.26
C PRO C 452 -1.93 18.25 -50.50
N SER C 453 -0.88 18.52 -49.73
CA SER C 453 -0.77 19.75 -48.96
C SER C 453 0.08 20.82 -49.63
N ILE C 454 0.77 20.48 -50.72
CA ILE C 454 1.50 21.45 -51.53
C ILE C 454 0.85 21.45 -52.91
N LEU C 455 0.19 22.56 -53.25
CA LEU C 455 -0.67 22.62 -54.42
C LEU C 455 0.05 23.31 -55.58
N ASN C 456 -0.04 22.72 -56.77
CA ASN C 456 0.65 23.20 -57.96
C ASN C 456 -0.36 23.86 -58.90
N GLN C 457 -0.27 25.19 -59.00
CA GLN C 457 -1.23 25.92 -59.83
C GLN C 457 -1.32 25.34 -61.24
N ASP C 458 -0.18 25.00 -61.82
CA ASP C 458 -0.15 24.45 -63.18
C ASP C 458 -0.55 22.98 -63.24
N ASN C 459 -0.94 22.38 -62.11
CA ASN C 459 -1.38 20.99 -62.07
C ASN C 459 -2.91 20.97 -62.11
N LYS C 460 -3.44 21.21 -63.30
CA LYS C 460 -4.89 21.21 -63.53
C LYS C 460 -5.31 19.78 -63.91
N THR C 461 -5.96 19.09 -62.99
CA THR C 461 -6.37 17.70 -63.20
C THR C 461 -7.89 17.55 -63.23
N CYS C 462 -8.56 17.84 -62.13
CA CYS C 462 -10.01 17.68 -62.08
C CYS C 462 -10.70 18.66 -63.02
N SER C 463 -11.86 18.25 -63.53
CA SER C 463 -12.69 19.10 -64.37
C SER C 463 -13.78 19.74 -63.53
N LEU C 464 -13.90 21.05 -63.61
CA LEU C 464 -14.90 21.79 -62.88
C LEU C 464 -16.27 21.57 -63.51
N PRO C 465 -17.21 20.90 -62.84
CA PRO C 465 -18.51 20.64 -63.47
C PRO C 465 -19.22 21.93 -63.85
N GLY C 466 -19.84 21.92 -65.04
CA GLY C 466 -20.54 23.07 -65.56
C GLY C 466 -19.75 23.87 -66.57
N THR C 467 -18.44 23.71 -66.61
CA THR C 467 -17.58 24.44 -67.53
C THR C 467 -16.63 23.45 -68.20
N ALA C 468 -16.10 23.86 -69.34
CA ALA C 468 -15.07 23.08 -70.03
C ALA C 468 -13.70 23.24 -69.38
N LEU C 469 -13.62 23.96 -68.26
CA LEU C 469 -12.35 24.32 -67.66
C LEU C 469 -11.76 23.17 -66.85
N LYS C 470 -10.47 23.29 -66.56
CA LYS C 470 -9.77 22.42 -65.64
C LYS C 470 -9.09 23.28 -64.58
N VAL C 471 -9.02 22.74 -63.36
CA VAL C 471 -8.50 23.46 -62.21
C VAL C 471 -7.65 22.51 -61.39
N SER C 472 -6.83 23.10 -60.51
CA SER C 472 -5.99 22.33 -59.61
C SER C 472 -6.80 21.93 -58.38
N CYS C 473 -6.97 20.63 -58.16
CA CYS C 473 -7.79 20.13 -57.08
C CYS C 473 -6.92 19.51 -55.98
N PHE C 474 -7.50 19.46 -54.79
CA PHE C 474 -6.93 18.77 -53.64
C PHE C 474 -8.08 18.26 -52.80
N ASN C 475 -7.83 17.18 -52.08
CA ASN C 475 -8.89 16.52 -51.32
C ASN C 475 -8.95 17.06 -49.89
N VAL C 476 -10.18 17.17 -49.38
CA VAL C 476 -10.44 17.49 -47.98
C VAL C 476 -11.32 16.38 -47.43
N ARG C 477 -10.76 15.59 -46.51
CA ARG C 477 -11.50 14.51 -45.87
C ARG C 477 -11.62 14.80 -44.38
N PHE C 478 -12.82 14.59 -43.84
CA PHE C 478 -13.04 14.73 -42.41
C PHE C 478 -13.77 13.50 -41.89
N CYS C 479 -13.43 13.13 -40.66
CA CYS C 479 -14.02 11.97 -40.00
C CYS C 479 -14.58 12.40 -38.65
N LEU C 480 -15.33 11.48 -38.04
CA LEU C 480 -16.00 11.76 -36.77
C LEU C 480 -16.29 10.43 -36.09
N LYS C 481 -16.13 10.41 -34.77
CA LYS C 481 -16.39 9.23 -33.97
C LYS C 481 -16.86 9.67 -32.59
N ALA C 482 -17.87 8.99 -32.06
CA ALA C 482 -18.46 9.37 -30.79
C ALA C 482 -18.84 8.14 -29.98
N ASP C 483 -18.71 8.26 -28.67
CA ASP C 483 -19.13 7.21 -27.75
C ASP C 483 -19.40 7.85 -26.40
N GLY C 484 -20.08 7.09 -25.55
CA GLY C 484 -20.41 7.57 -24.22
C GLY C 484 -20.86 6.42 -23.33
N LYS C 485 -20.98 6.74 -22.05
CA LYS C 485 -21.37 5.75 -21.04
C LYS C 485 -22.78 6.01 -20.56
N GLY C 486 -23.47 4.93 -20.20
CA GLY C 486 -24.78 5.04 -19.61
C GLY C 486 -25.91 5.09 -20.62
N VAL C 487 -26.95 5.87 -20.31
CA VAL C 487 -28.15 5.95 -21.13
C VAL C 487 -27.93 7.03 -22.18
N LEU C 488 -27.83 6.63 -23.44
CA LEU C 488 -27.61 7.54 -24.54
C LEU C 488 -28.40 7.07 -25.76
N PRO C 489 -28.68 7.97 -26.70
CA PRO C 489 -29.30 7.54 -27.95
C PRO C 489 -28.35 6.67 -28.75
N ARG C 490 -28.94 5.83 -29.60
CA ARG C 490 -28.14 4.90 -30.40
C ARG C 490 -27.35 5.62 -31.48
N LYS C 491 -27.83 6.78 -31.93
CA LYS C 491 -27.14 7.56 -32.95
C LYS C 491 -27.15 9.02 -32.56
N LEU C 492 -26.03 9.70 -32.85
CA LEU C 492 -25.86 11.12 -32.58
C LEU C 492 -25.70 11.87 -33.90
N ASN C 493 -26.04 13.15 -33.88
CA ASN C 493 -26.04 13.98 -35.09
C ASN C 493 -25.20 15.22 -34.84
N PHE C 494 -24.14 15.37 -35.63
CA PHE C 494 -23.26 16.54 -35.57
C PHE C 494 -23.42 17.35 -36.85
N GLN C 495 -23.36 18.68 -36.71
CA GLN C 495 -23.46 19.60 -37.83
C GLN C 495 -22.06 20.15 -38.12
N VAL C 496 -21.43 19.63 -39.16
CA VAL C 496 -20.07 20.02 -39.51
C VAL C 496 -20.09 21.29 -40.35
N GLU C 497 -19.08 22.12 -40.16
CA GLU C 497 -19.00 23.43 -40.84
C GLU C 497 -17.55 23.66 -41.24
N LEU C 498 -17.22 23.38 -42.50
CA LEU C 498 -15.88 23.57 -43.02
C LEU C 498 -15.79 24.90 -43.77
N LEU C 499 -14.65 25.57 -43.63
CA LEU C 499 -14.40 26.82 -44.32
C LEU C 499 -12.97 26.81 -44.86
N LEU C 500 -12.82 27.25 -46.10
CA LEU C 500 -11.53 27.23 -46.79
C LEU C 500 -10.88 28.61 -46.75
N ASP C 501 -9.56 28.62 -46.55
CA ASP C 501 -8.77 29.85 -46.58
C ASP C 501 -9.28 30.83 -45.53
N LYS C 502 -9.34 30.36 -44.27
CA LYS C 502 -9.99 31.13 -43.22
C LYS C 502 -9.22 32.41 -42.86
N LEU C 503 -7.94 32.50 -43.20
CA LEU C 503 -7.15 33.68 -42.83
C LEU C 503 -7.55 34.93 -43.61
N LYS C 504 -8.58 34.88 -44.44
CA LYS C 504 -9.03 36.03 -45.20
C LYS C 504 -10.40 36.49 -44.69
N GLN C 505 -10.62 37.80 -44.74
CA GLN C 505 -11.81 38.44 -44.22
C GLN C 505 -12.70 38.91 -45.37
N LYS C 506 -13.93 39.29 -45.02
CA LYS C 506 -14.88 39.78 -46.01
C LYS C 506 -14.24 40.85 -46.88
N GLY C 507 -14.33 40.66 -48.19
CA GLY C 507 -13.67 41.54 -49.14
C GLY C 507 -12.47 40.85 -49.78
N ALA C 508 -11.54 40.41 -48.94
CA ALA C 508 -10.40 39.64 -49.42
C ALA C 508 -10.90 38.40 -50.15
N ILE C 509 -10.38 38.17 -51.36
CA ILE C 509 -10.87 37.10 -52.21
C ILE C 509 -10.46 35.76 -51.62
N ARG C 510 -11.42 34.84 -51.52
CA ARG C 510 -11.14 33.49 -51.05
C ARG C 510 -10.55 32.67 -52.19
N ARG C 511 -9.39 32.06 -51.93
CA ARG C 511 -8.60 31.47 -53.00
C ARG C 511 -9.06 30.07 -53.37
N ALA C 512 -9.41 29.25 -52.38
CA ALA C 512 -9.83 27.88 -52.61
C ALA C 512 -11.33 27.74 -52.40
N LEU C 513 -11.97 26.99 -53.29
CA LEU C 513 -13.41 26.79 -53.27
C LEU C 513 -13.72 25.32 -53.45
N PHE C 514 -14.92 24.93 -53.02
CA PHE C 514 -15.36 23.54 -53.14
C PHE C 514 -15.83 23.27 -54.56
N LEU C 515 -15.44 22.11 -55.09
CA LEU C 515 -15.63 21.84 -56.51
C LEU C 515 -17.09 21.88 -56.91
N TYR C 516 -17.96 21.25 -56.12
CA TYR C 516 -19.36 21.10 -56.49
C TYR C 516 -20.25 22.24 -56.02
N SER C 517 -19.69 23.25 -55.35
CA SER C 517 -20.44 24.43 -54.96
C SER C 517 -19.81 25.75 -55.40
N ARG C 518 -18.50 25.78 -55.66
CA ARG C 518 -17.82 27.03 -56.01
C ARG C 518 -17.98 28.05 -54.88
N SER C 519 -17.95 27.57 -53.65
CA SER C 519 -18.12 28.37 -52.45
C SER C 519 -17.06 27.94 -51.44
N PRO C 520 -16.68 28.83 -50.51
CA PRO C 520 -15.62 28.46 -49.56
C PRO C 520 -16.12 27.67 -48.37
N SER C 521 -17.42 27.62 -48.10
CA SER C 521 -17.96 26.88 -46.98
C SER C 521 -18.72 25.65 -47.47
N HIS C 522 -18.89 24.69 -46.57
CA HIS C 522 -19.59 23.45 -46.88
C HIS C 522 -20.22 22.91 -45.59
N SER C 523 -21.53 22.68 -45.63
CA SER C 523 -22.28 22.26 -44.45
C SER C 523 -22.82 20.85 -44.66
N LYS C 524 -22.67 20.00 -43.64
CA LYS C 524 -23.17 18.63 -43.70
C LYS C 524 -23.65 18.23 -42.32
N ASN C 525 -24.79 17.55 -42.27
CA ASN C 525 -25.35 16.99 -41.04
C ASN C 525 -25.01 15.51 -41.02
N MET C 526 -23.90 15.17 -40.35
CA MET C 526 -23.40 13.80 -40.31
C MET C 526 -23.98 13.06 -39.11
N THR C 527 -24.36 11.80 -39.35
CA THR C 527 -25.04 10.98 -38.35
C THR C 527 -24.23 9.72 -38.11
N ILE C 528 -23.63 9.61 -36.93
CA ILE C 528 -22.83 8.45 -36.54
C ILE C 528 -23.50 7.77 -35.36
N SER C 529 -23.10 6.52 -35.12
CA SER C 529 -23.69 5.70 -34.07
C SER C 529 -22.74 5.64 -32.88
N ARG C 530 -23.29 5.90 -31.69
CA ARG C 530 -22.50 5.80 -30.46
C ARG C 530 -21.87 4.43 -30.35
N GLY C 531 -20.55 4.40 -30.15
CA GLY C 531 -19.84 3.15 -30.02
C GLY C 531 -19.65 2.37 -31.30
N GLY C 532 -20.10 2.91 -32.44
CA GLY C 532 -19.87 2.28 -33.72
C GLY C 532 -18.59 2.77 -34.36
N LEU C 533 -18.34 2.29 -35.58
CA LEU C 533 -17.15 2.68 -36.30
C LEU C 533 -17.27 4.14 -36.75
N MET C 534 -16.11 4.76 -36.96
CA MET C 534 -16.06 6.15 -37.38
C MET C 534 -16.72 6.33 -38.74
N GLN C 535 -17.15 7.56 -39.01
CA GLN C 535 -17.76 7.90 -40.30
C GLN C 535 -17.05 9.10 -40.89
N CYS C 536 -16.61 8.95 -42.14
CA CYS C 536 -15.88 9.97 -42.85
C CYS C 536 -16.67 10.40 -44.08
N GLU C 537 -16.32 11.58 -44.60
CA GLU C 537 -16.93 12.11 -45.81
C GLU C 537 -15.84 12.80 -46.61
N GLU C 538 -15.60 12.32 -47.83
CA GLU C 538 -14.54 12.84 -48.68
C GLU C 538 -15.07 13.98 -49.54
N LEU C 539 -14.28 15.04 -49.66
CA LEU C 539 -14.63 16.20 -50.46
C LEU C 539 -13.53 16.49 -51.47
N ILE C 540 -13.77 17.52 -52.28
CA ILE C 540 -12.83 17.95 -53.31
C ILE C 540 -12.91 19.47 -53.42
N ALA C 541 -11.77 20.13 -53.34
CA ALA C 541 -11.68 21.58 -53.52
C ALA C 541 -10.73 21.88 -54.68
N TYR C 542 -10.72 23.16 -55.08
CA TYR C 542 -9.84 23.61 -56.15
C TYR C 542 -9.49 25.07 -55.92
N LEU C 543 -8.56 25.58 -56.72
CA LEU C 543 -8.10 26.95 -56.62
C LEU C 543 -8.62 27.79 -57.79
N ARG C 544 -8.67 29.09 -57.56
CA ARG C 544 -9.03 30.02 -58.63
C ARG C 544 -7.93 30.04 -59.69
N ASP C 545 -8.26 30.62 -60.84
CA ASP C 545 -7.28 30.76 -61.91
C ASP C 545 -6.16 31.70 -61.47
N GLU C 546 -4.95 31.45 -61.98
CA GLU C 546 -3.80 32.27 -61.65
C GLU C 546 -4.11 33.77 -61.72
N SER C 547 -4.96 34.16 -62.67
CA SER C 547 -5.24 35.57 -62.94
C SER C 547 -6.38 36.13 -62.10
N GLU C 548 -6.71 35.48 -60.98
CA GLU C 548 -7.78 35.96 -60.12
C GLU C 548 -7.32 36.38 -58.73
N PHE C 549 -6.05 36.17 -58.39
CA PHE C 549 -5.53 36.60 -57.10
C PHE C 549 -4.01 36.64 -57.19
N ARG C 550 -3.41 37.48 -56.34
CA ARG C 550 -1.97 37.71 -56.36
C ARG C 550 -1.23 37.11 -55.17
N ASP C 551 -1.85 37.11 -53.99
CA ASP C 551 -1.19 36.58 -52.80
C ASP C 551 -1.05 35.07 -52.91
N LYS C 552 0.19 34.59 -52.93
CA LYS C 552 0.48 33.16 -52.98
C LYS C 552 1.22 32.67 -51.74
N LEU C 553 1.57 33.56 -50.82
CA LEU C 553 2.40 33.20 -49.67
C LEU C 553 1.57 32.80 -48.46
N THR C 554 0.56 33.58 -48.14
CA THR C 554 -0.29 33.29 -46.99
C THR C 554 -0.77 31.85 -47.04
N PRO C 555 -0.69 31.10 -45.94
CA PRO C 555 -1.15 29.70 -45.98
C PRO C 555 -2.65 29.64 -46.22
N ILE C 556 -3.09 28.55 -46.84
CA ILE C 556 -4.51 28.28 -47.03
C ILE C 556 -4.92 27.37 -45.88
N THR C 557 -5.52 27.95 -44.85
CA THR C 557 -5.94 27.19 -43.68
C THR C 557 -7.36 26.68 -43.88
N ILE C 558 -7.59 25.46 -43.41
CA ILE C 558 -8.88 24.78 -43.54
C ILE C 558 -9.44 24.60 -42.14
N PHE C 559 -10.50 25.34 -41.84
CA PHE C 559 -11.06 25.43 -40.50
C PHE C 559 -12.34 24.61 -40.41
N MET C 560 -12.43 23.76 -39.39
CA MET C 560 -13.61 22.94 -39.17
C MET C 560 -14.14 23.13 -37.76
N GLU C 561 -15.46 23.21 -37.63
CA GLU C 561 -16.14 23.18 -36.35
C GLU C 561 -17.33 22.25 -36.46
N TYR C 562 -17.63 21.53 -35.38
CA TYR C 562 -18.66 20.51 -35.39
C TYR C 562 -19.51 20.65 -34.12
N ARG C 563 -20.72 21.17 -34.27
CA ARG C 563 -21.67 21.21 -33.18
C ARG C 563 -22.33 19.85 -32.99
N LEU C 564 -23.11 19.74 -31.92
CA LEU C 564 -23.98 18.60 -31.67
C LEU C 564 -25.43 19.09 -31.67
N ASP C 565 -26.33 18.30 -32.24
CA ASP C 565 -27.74 18.61 -32.21
C ASP C 565 -28.27 18.16 -30.84
N TYR C 566 -28.14 19.05 -29.85
CA TYR C 566 -28.50 18.69 -28.48
C TYR C 566 -29.97 18.34 -28.38
N ARG C 567 -30.84 19.15 -28.96
CA ARG C 567 -32.28 18.98 -28.76
C ARG C 567 -32.73 17.58 -29.16
N THR C 568 -32.17 17.03 -30.24
CA THR C 568 -32.58 15.72 -30.72
C THR C 568 -31.95 14.60 -29.92
N ALA C 569 -30.75 14.82 -29.37
CA ALA C 569 -30.09 13.81 -28.54
C ALA C 569 -30.71 13.69 -27.17
N ALA C 570 -31.62 14.59 -26.79
CA ALA C 570 -32.22 14.55 -25.47
C ALA C 570 -32.97 13.25 -25.25
N ASP C 571 -33.10 12.87 -23.99
CA ASP C 571 -33.81 11.66 -23.61
C ASP C 571 -35.30 11.98 -23.43
N THR C 572 -36.06 11.03 -22.88
CA THR C 572 -37.49 11.22 -22.73
C THR C 572 -37.83 12.43 -21.88
N THR C 573 -36.97 12.78 -20.93
CA THR C 573 -37.25 13.87 -20.00
C THR C 573 -36.70 15.20 -20.47
N GLY C 574 -36.11 15.26 -21.67
CA GLY C 574 -35.51 16.49 -22.16
C GLY C 574 -34.12 16.78 -21.64
N LEU C 575 -33.46 15.79 -21.03
CA LEU C 575 -32.10 15.94 -20.52
C LEU C 575 -31.12 15.65 -21.67
N GLN C 576 -30.46 16.68 -22.16
CA GLN C 576 -29.65 16.50 -23.38
C GLN C 576 -28.18 16.27 -23.05
N PRO C 577 -27.51 15.37 -23.77
CA PRO C 577 -26.10 15.09 -23.47
C PRO C 577 -25.22 16.34 -23.58
N ILE C 578 -24.00 16.19 -23.11
CA ILE C 578 -23.02 17.27 -23.11
C ILE C 578 -21.69 16.73 -23.63
N LEU C 579 -21.01 17.51 -24.47
CA LEU C 579 -19.70 17.10 -24.95
C LEU C 579 -18.69 17.14 -23.81
N ASN C 580 -17.78 16.18 -23.81
CA ASN C 580 -16.75 16.10 -22.78
C ASN C 580 -16.09 17.46 -22.56
N GLN C 581 -15.52 17.66 -21.38
CA GLN C 581 -15.06 19.00 -20.99
C GLN C 581 -14.08 19.55 -22.02
N PHE C 582 -12.94 18.87 -22.19
CA PHE C 582 -11.86 19.38 -23.05
C PHE C 582 -12.00 18.74 -24.43
N THR C 583 -12.97 19.24 -25.19
CA THR C 583 -13.13 18.89 -26.59
C THR C 583 -12.93 20.15 -27.42
N PRO C 584 -12.01 20.16 -28.38
CA PRO C 584 -11.81 21.38 -29.19
C PRO C 584 -13.10 21.78 -29.90
N ALA C 585 -13.38 23.08 -29.89
CA ALA C 585 -14.51 23.62 -30.63
C ALA C 585 -14.22 23.74 -32.12
N ASN C 586 -13.06 23.27 -32.57
CA ASN C 586 -12.59 23.44 -33.94
C ASN C 586 -11.25 22.77 -34.11
N ILE C 587 -11.01 22.15 -35.26
CA ILE C 587 -9.70 21.62 -35.62
C ILE C 587 -9.37 22.12 -37.01
N SER C 588 -8.09 22.41 -37.24
CA SER C 588 -7.67 23.09 -38.47
C SER C 588 -6.49 22.36 -39.09
N ARG C 589 -6.42 22.43 -40.42
CA ARG C 589 -5.31 21.90 -41.19
C ARG C 589 -4.86 22.99 -42.16
N GLN C 590 -3.80 22.70 -42.93
CA GLN C 590 -3.19 23.71 -43.77
C GLN C 590 -2.69 23.11 -45.07
N ALA C 591 -2.81 23.89 -46.14
CA ALA C 591 -2.17 23.62 -47.42
C ALA C 591 -1.63 24.93 -47.96
N HIS C 592 -0.58 24.84 -48.78
CA HIS C 592 0.09 26.01 -49.30
C HIS C 592 0.20 25.94 -50.82
N ILE C 593 0.23 27.12 -51.45
CA ILE C 593 0.51 27.19 -52.87
C ILE C 593 2.00 26.94 -53.10
N LEU C 594 2.31 26.37 -54.26
CA LEU C 594 3.69 26.03 -54.62
C LEU C 594 4.21 27.08 -55.60
N LEU C 595 5.27 27.77 -55.21
CA LEU C 595 5.81 28.89 -55.98
C LEU C 595 6.98 28.42 -56.83
N THR C 596 6.92 28.72 -58.13
CA THR C 596 7.96 28.33 -59.06
C THR C 596 8.31 26.85 -58.95
N ASN D 70 -7.93 70.77 -3.09
CA ASN D 70 -7.04 71.90 -2.94
C ASN D 70 -6.44 71.94 -1.53
N GLU D 71 -7.31 72.01 -0.53
CA GLU D 71 -6.86 72.04 0.85
C GLU D 71 -6.28 70.69 1.26
N ILE D 72 -5.65 70.67 2.44
CA ILE D 72 -5.03 69.49 3.00
C ILE D 72 -5.48 69.37 4.46
N ASN D 73 -6.75 69.05 4.66
CA ASN D 73 -7.36 69.10 5.99
C ASN D 73 -7.38 67.70 6.61
N THR D 74 -6.19 67.20 6.94
CA THR D 74 -6.13 65.96 7.71
C THR D 74 -4.98 65.99 8.71
N GLN D 75 -4.79 64.86 9.40
CA GLN D 75 -3.65 64.60 10.26
C GLN D 75 -2.64 63.68 9.60
N VAL D 76 -2.80 63.42 8.30
CA VAL D 76 -1.93 62.54 7.54
C VAL D 76 -1.47 63.29 6.30
N THR D 77 -0.20 63.12 5.96
CA THR D 77 0.39 63.85 4.84
C THR D 77 0.61 62.90 3.67
N PRO D 78 -0.10 63.06 2.54
CA PRO D 78 -1.13 64.08 2.28
C PRO D 78 -2.53 63.61 2.73
N GLY D 79 -3.55 64.39 2.41
CA GLY D 79 -4.90 64.03 2.78
C GLY D 79 -5.62 63.24 1.69
N GLU D 80 -5.19 63.41 0.45
CA GLU D 80 -5.78 62.70 -0.67
C GLU D 80 -4.71 62.18 -1.62
N ALA D 91 4.34 54.23 -9.87
CA ALA D 91 4.31 55.39 -8.98
C ALA D 91 4.87 55.05 -7.61
N ASN D 92 5.79 55.88 -7.11
CA ASN D 92 6.38 55.70 -5.78
C ASN D 92 6.25 57.02 -5.02
N PHE D 93 5.07 57.22 -4.43
CA PHE D 93 4.76 58.40 -3.65
C PHE D 93 4.86 58.07 -2.16
N MET D 94 5.44 58.98 -1.38
CA MET D 94 5.59 58.73 0.05
C MET D 94 4.39 59.28 0.81
N LEU D 95 4.24 58.82 2.04
CA LEU D 95 3.15 59.25 2.90
C LEU D 95 3.66 59.36 4.33
N LYS D 96 2.98 60.19 5.12
CA LYS D 96 3.35 60.40 6.51
C LYS D 96 2.08 60.57 7.33
N VAL D 97 2.27 60.69 8.65
CA VAL D 97 1.18 60.98 9.59
C VAL D 97 1.74 61.94 10.62
N HIS D 98 0.85 62.71 11.24
CA HIS D 98 1.27 63.64 12.27
C HIS D 98 0.96 63.02 13.64
N PRO D 99 1.96 62.66 14.43
CA PRO D 99 1.68 62.00 15.72
C PRO D 99 1.29 63.00 16.80
N LEU D 100 0.06 63.51 16.69
CA LEU D 100 -0.42 64.54 17.61
C LEU D 100 -0.22 64.09 19.05
N LYS D 101 0.36 64.97 19.85
CA LYS D 101 0.64 64.68 21.25
C LYS D 101 -0.52 65.14 22.11
N LYS D 102 -0.82 64.35 23.15
CA LYS D 102 -1.93 64.64 24.06
C LYS D 102 -3.28 64.52 23.34
N TYR D 103 -3.67 63.29 22.98
CA TYR D 103 -4.98 63.05 22.40
C TYR D 103 -6.07 63.11 23.47
N PRO D 104 -7.31 63.44 23.08
CA PRO D 104 -8.45 63.17 23.96
C PRO D 104 -8.95 61.75 23.76
N VAL D 105 -9.32 61.10 24.87
CA VAL D 105 -9.55 59.66 24.89
C VAL D 105 -10.98 59.37 25.29
N ASP D 106 -11.55 58.33 24.67
CA ASP D 106 -12.86 57.79 25.05
C ASP D 106 -12.68 56.31 25.34
N LEU D 107 -12.82 55.93 26.60
CA LEU D 107 -12.70 54.55 27.04
C LEU D 107 -14.07 53.97 27.34
N TYR D 108 -14.27 52.70 27.00
CA TYR D 108 -15.50 52.00 27.33
C TYR D 108 -15.16 50.70 28.03
N TYR D 109 -15.60 50.56 29.28
CA TYR D 109 -15.35 49.35 30.06
C TYR D 109 -16.44 48.34 29.75
N LEU D 110 -16.12 47.38 28.88
CA LEU D 110 -17.02 46.28 28.55
C LEU D 110 -16.54 45.05 29.32
N VAL D 111 -17.23 44.74 30.42
CA VAL D 111 -16.78 43.74 31.37
C VAL D 111 -17.69 42.52 31.31
N ASP D 112 -17.09 41.34 31.40
CA ASP D 112 -17.82 40.10 31.56
C ASP D 112 -18.33 39.99 32.99
N VAL D 113 -19.65 39.83 33.15
CA VAL D 113 -20.24 39.74 34.48
C VAL D 113 -20.74 38.32 34.73
N SER D 114 -20.08 37.33 34.14
CA SER D 114 -20.42 35.95 34.41
C SER D 114 -20.03 35.58 35.85
N ALA D 115 -20.42 34.37 36.26
CA ALA D 115 -20.18 33.95 37.63
C ALA D 115 -18.69 33.84 37.92
N SER D 116 -17.90 33.38 36.95
CA SER D 116 -16.47 33.22 37.16
C SER D 116 -15.78 34.55 37.46
N MET D 117 -16.42 35.67 37.12
CA MET D 117 -15.88 37.00 37.39
C MET D 117 -16.36 37.57 38.71
N HIS D 118 -16.92 36.73 39.59
CA HIS D 118 -17.50 37.23 40.82
C HIS D 118 -16.51 38.00 41.66
N ASN D 119 -15.23 37.66 41.59
CA ASN D 119 -14.21 38.32 42.39
C ASN D 119 -13.62 39.55 41.72
N ASN D 120 -13.79 39.70 40.41
CA ASN D 120 -13.18 40.81 39.69
C ASN D 120 -14.05 42.05 39.63
N ILE D 121 -15.38 41.90 39.65
CA ILE D 121 -16.25 43.07 39.65
C ILE D 121 -16.04 43.89 40.91
N GLU D 122 -15.92 43.21 42.06
CA GLU D 122 -15.68 43.91 43.32
C GLU D 122 -14.42 44.75 43.27
N LYS D 123 -13.48 44.42 42.38
CA LYS D 123 -12.26 45.20 42.21
C LYS D 123 -12.43 46.33 41.20
N LEU D 124 -13.44 46.24 40.33
CA LEU D 124 -13.71 47.29 39.35
C LEU D 124 -14.32 48.53 39.97
N ASN D 125 -14.73 48.48 41.24
CA ASN D 125 -15.54 49.55 41.80
C ASN D 125 -14.77 50.86 41.86
N SER D 126 -13.61 50.86 42.52
CA SER D 126 -12.85 52.09 42.77
C SER D 126 -11.72 52.31 41.77
N VAL D 127 -11.89 51.83 40.54
CA VAL D 127 -10.85 52.03 39.54
C VAL D 127 -10.98 53.40 38.88
N GLY D 128 -12.20 53.91 38.77
CA GLY D 128 -12.43 55.19 38.11
C GLY D 128 -11.60 56.32 38.68
N ASN D 129 -11.92 56.76 39.90
CA ASN D 129 -11.29 57.94 40.47
C ASN D 129 -9.78 57.95 40.23
N ASP D 130 -9.12 56.83 40.51
CA ASP D 130 -7.67 56.75 40.28
C ASP D 130 -7.33 56.76 38.79
N LEU D 131 -8.21 56.21 37.95
CA LEU D 131 -7.96 56.24 36.51
C LEU D 131 -7.75 57.66 36.04
N SER D 132 -8.65 58.56 36.42
CA SER D 132 -8.51 59.96 36.05
C SER D 132 -7.24 60.57 36.62
N ARG D 133 -6.89 60.16 37.84
CA ARG D 133 -5.63 60.62 38.46
C ARG D 133 -4.43 60.22 37.60
N LYS D 134 -4.37 58.95 37.21
CA LYS D 134 -3.25 58.46 36.41
C LYS D 134 -3.37 58.89 34.94
N MET D 135 -4.59 59.07 34.44
CA MET D 135 -4.77 59.31 33.02
C MET D 135 -4.61 60.78 32.66
N ALA D 136 -4.66 61.67 33.65
CA ALA D 136 -4.50 63.09 33.39
C ALA D 136 -3.15 63.37 32.74
N PHE D 137 -2.13 62.59 33.09
CA PHE D 137 -0.77 62.86 32.63
C PHE D 137 -0.65 62.66 31.12
N PHE D 138 -1.38 61.70 30.57
CA PHE D 138 -1.28 61.34 29.16
C PHE D 138 -2.44 61.84 28.32
N SER D 139 -3.64 61.83 28.89
CA SER D 139 -4.82 62.27 28.17
C SER D 139 -4.97 63.79 28.24
N ARG D 140 -5.80 64.31 27.36
CA ARG D 140 -6.11 65.74 27.33
C ARG D 140 -7.61 65.90 27.54
N ASP D 141 -8.08 65.45 28.71
CA ASP D 141 -9.50 65.31 29.02
C ASP D 141 -9.99 64.02 28.38
N PHE D 142 -10.80 63.25 29.11
CA PHE D 142 -11.26 61.97 28.61
C PHE D 142 -12.55 61.61 29.34
N ARG D 143 -13.21 60.56 28.84
CA ARG D 143 -14.45 60.07 29.40
C ARG D 143 -14.37 58.56 29.52
N LEU D 144 -15.42 57.96 30.08
CA LEU D 144 -15.48 56.52 30.19
C LEU D 144 -16.93 56.09 30.35
N GLY D 145 -17.34 55.09 29.57
CA GLY D 145 -18.63 54.48 29.69
C GLY D 145 -18.54 53.09 30.31
N PHE D 146 -19.66 52.38 30.27
CA PHE D 146 -19.69 51.07 30.91
C PHE D 146 -20.85 50.24 30.37
N GLY D 147 -20.55 48.97 30.09
CA GLY D 147 -21.56 48.01 29.70
C GLY D 147 -21.10 46.62 30.11
N SER D 148 -22.04 45.68 30.11
CA SER D 148 -21.76 44.33 30.57
C SER D 148 -22.31 43.32 29.57
N TYR D 149 -21.76 42.12 29.64
CA TYR D 149 -22.21 41.02 28.79
C TYR D 149 -22.03 39.72 29.56
N VAL D 150 -22.77 38.69 29.12
CA VAL D 150 -22.67 37.37 29.72
C VAL D 150 -22.61 36.35 28.60
N ASP D 151 -23.75 36.07 27.97
CA ASP D 151 -23.85 35.04 26.94
C ASP D 151 -25.24 35.13 26.34
N LYS D 152 -25.48 34.32 25.31
CA LYS D 152 -26.81 34.27 24.70
C LYS D 152 -27.79 33.58 25.63
N THR D 153 -28.98 34.16 25.76
CA THR D 153 -29.97 33.70 26.74
C THR D 153 -30.86 32.62 26.14
N VAL D 154 -30.20 31.53 25.69
CA VAL D 154 -30.90 30.40 25.10
C VAL D 154 -30.20 29.11 25.50
N SER D 155 -30.91 28.01 25.36
CA SER D 155 -30.32 26.69 25.53
C SER D 155 -29.38 26.40 24.36
N PRO D 156 -28.28 25.67 24.61
CA PRO D 156 -27.84 25.06 25.86
C PRO D 156 -26.84 25.89 26.66
N TYR D 157 -26.74 27.18 26.35
CA TYR D 157 -25.78 28.03 27.06
C TYR D 157 -26.24 28.35 28.47
N ILE D 158 -27.56 28.38 28.70
CA ILE D 158 -28.13 28.64 30.01
C ILE D 158 -29.04 27.48 30.38
N SER D 159 -29.49 27.49 31.63
CA SER D 159 -30.46 26.51 32.12
C SER D 159 -31.87 26.98 31.80
N ILE D 160 -32.66 26.11 31.18
CA ILE D 160 -34.01 26.46 30.76
C ILE D 160 -35.01 26.14 31.86
N HIS D 161 -34.51 25.85 33.06
CA HIS D 161 -35.38 25.54 34.18
C HIS D 161 -36.07 26.82 34.64
N PRO D 162 -37.40 26.80 34.85
CA PRO D 162 -38.09 28.05 35.21
C PRO D 162 -37.44 28.78 36.37
N GLU D 163 -36.94 28.06 37.37
CA GLU D 163 -36.31 28.69 38.51
C GLU D 163 -34.96 29.29 38.17
N ARG D 164 -34.25 28.71 37.20
CA ARG D 164 -32.92 29.18 36.82
C ARG D 164 -32.87 29.91 35.49
N ILE D 165 -33.97 29.93 34.73
CA ILE D 165 -33.97 30.67 33.47
C ILE D 165 -33.68 32.14 33.72
N HIS D 166 -34.20 32.68 34.82
CA HIS D 166 -33.93 34.05 35.23
C HIS D 166 -32.85 34.16 36.29
N ASN D 167 -32.65 33.13 37.11
CA ASN D 167 -31.60 33.12 38.12
C ASN D 167 -30.77 31.84 37.94
N GLN D 168 -29.64 31.97 37.26
CA GLN D 168 -28.77 30.83 36.98
C GLN D 168 -27.98 30.37 38.19
N CYS D 169 -28.23 30.95 39.37
CA CYS D 169 -27.52 30.60 40.60
C CYS D 169 -28.47 30.03 41.65
N SER D 170 -29.55 29.38 41.22
CA SER D 170 -30.57 28.93 42.16
C SER D 170 -30.03 27.84 43.08
N ASP D 171 -29.19 26.94 42.57
CA ASP D 171 -28.64 25.87 43.40
C ASP D 171 -27.73 26.42 44.50
N TYR D 172 -27.12 27.57 44.26
CA TYR D 172 -26.24 28.20 45.23
C TYR D 172 -26.87 29.45 45.85
N ASN D 173 -28.18 29.62 45.67
CA ASN D 173 -28.98 30.71 46.24
C ASN D 173 -28.22 32.02 46.43
N LEU D 174 -27.49 32.44 45.40
CA LEU D 174 -26.80 33.73 45.42
C LEU D 174 -27.62 34.77 44.67
N ASP D 175 -27.43 36.03 45.06
CA ASP D 175 -28.19 37.14 44.50
C ASP D 175 -27.62 37.49 43.12
N CYS D 176 -27.97 36.65 42.14
CA CYS D 176 -27.55 36.83 40.76
C CYS D 176 -28.65 37.52 39.96
N MET D 177 -28.25 38.47 39.11
CA MET D 177 -29.18 39.10 38.19
C MET D 177 -29.37 38.19 36.97
N PRO D 178 -30.38 38.47 36.14
CA PRO D 178 -30.66 37.58 35.01
C PRO D 178 -29.53 37.62 33.99
N PRO D 179 -29.32 36.53 33.24
CA PRO D 179 -28.34 36.57 32.15
C PRO D 179 -28.79 37.49 31.04
N HIS D 180 -27.82 37.84 30.18
CA HIS D 180 -28.11 38.77 29.09
C HIS D 180 -26.97 38.71 28.09
N GLY D 181 -27.28 39.05 26.85
CA GLY D 181 -26.28 39.10 25.79
C GLY D 181 -25.39 40.32 25.89
N TYR D 182 -26.01 41.49 26.04
CA TYR D 182 -25.27 42.74 26.17
C TYR D 182 -26.21 43.81 26.66
N ILE D 183 -25.74 44.61 27.60
CA ILE D 183 -26.52 45.71 28.17
C ILE D 183 -25.64 46.96 28.19
N HIS D 184 -26.23 48.09 27.78
CA HIS D 184 -25.55 49.39 27.84
C HIS D 184 -26.22 50.19 28.95
N VAL D 185 -25.47 50.48 30.00
CA VAL D 185 -26.01 51.18 31.16
C VAL D 185 -25.56 52.64 31.23
N LEU D 186 -24.36 52.96 30.75
CA LEU D 186 -23.80 54.30 30.90
C LEU D 186 -23.08 54.68 29.62
N SER D 187 -23.66 55.61 28.86
CA SER D 187 -22.97 56.18 27.72
C SER D 187 -21.73 56.93 28.19
N LEU D 188 -20.82 57.18 27.24
CA LEU D 188 -19.60 57.89 27.54
C LEU D 188 -19.91 59.21 28.24
N THR D 189 -19.40 59.35 29.47
CA THR D 189 -19.64 60.53 30.28
C THR D 189 -18.31 61.00 30.86
N GLU D 190 -18.12 62.33 30.88
CA GLU D 190 -16.91 62.90 31.44
C GLU D 190 -16.99 63.03 32.96
N ASN D 191 -18.19 62.98 33.51
CA ASN D 191 -18.38 62.99 34.95
C ASN D 191 -17.95 61.65 35.51
N ILE D 192 -16.79 61.61 36.16
CA ILE D 192 -16.23 60.35 36.63
C ILE D 192 -17.12 59.72 37.68
N THR D 193 -17.78 60.54 38.51
CA THR D 193 -18.64 60.01 39.55
C THR D 193 -19.78 59.17 38.94
N GLU D 194 -20.18 59.48 37.71
CA GLU D 194 -21.23 58.72 37.05
C GLU D 194 -20.77 57.28 36.79
N PHE D 195 -19.55 57.12 36.25
CA PHE D 195 -18.98 55.79 36.09
C PHE D 195 -18.88 55.09 37.44
N GLU D 196 -18.40 55.81 38.46
CA GLU D 196 -18.29 55.25 39.80
C GLU D 196 -19.63 54.71 40.28
N LYS D 197 -20.73 55.41 39.94
CA LYS D 197 -22.06 54.97 40.35
C LYS D 197 -22.52 53.76 39.56
N ALA D 198 -22.34 53.78 38.24
CA ALA D 198 -22.84 52.69 37.40
C ALA D 198 -22.16 51.38 37.73
N VAL D 199 -20.89 51.40 38.13
CA VAL D 199 -20.18 50.17 38.46
C VAL D 199 -20.65 49.63 39.81
N HIS D 200 -20.62 50.49 40.84
CA HIS D 200 -21.06 50.07 42.17
C HIS D 200 -22.45 49.42 42.12
N ARG D 201 -23.30 49.88 41.22
CA ARG D 201 -24.65 49.36 41.06
C ARG D 201 -24.70 48.04 40.30
N GLN D 202 -23.56 47.55 39.81
CA GLN D 202 -23.55 46.37 38.94
C GLN D 202 -23.65 45.08 39.75
N LYS D 203 -24.40 44.13 39.21
CA LYS D 203 -24.64 42.82 39.81
C LYS D 203 -23.90 41.76 38.99
N ILE D 204 -23.97 40.51 39.47
CA ILE D 204 -23.29 39.38 38.85
C ILE D 204 -24.34 38.47 38.22
N SER D 205 -24.03 37.94 37.03
CA SER D 205 -24.87 36.97 36.35
C SER D 205 -24.23 35.60 36.40
N GLY D 206 -24.83 34.65 35.68
CA GLY D 206 -24.29 33.31 35.58
C GLY D 206 -24.90 32.55 34.44
N ASN D 207 -24.14 31.56 33.96
CA ASN D 207 -24.63 30.64 32.94
C ASN D 207 -23.85 29.33 33.12
N ILE D 208 -23.84 28.49 32.10
CA ILE D 208 -23.30 27.14 32.24
C ILE D 208 -21.93 27.02 31.57
N ASP D 209 -21.91 27.04 30.24
CA ASP D 209 -20.69 26.71 29.50
C ASP D 209 -19.63 27.79 29.69
N THR D 210 -18.39 27.34 29.91
CA THR D 210 -17.26 28.21 30.22
C THR D 210 -17.15 29.39 29.24
N PRO D 211 -17.06 29.14 27.93
CA PRO D 211 -16.92 30.27 27.00
C PRO D 211 -18.09 31.24 27.10
N GLU D 212 -17.79 32.52 26.95
CA GLU D 212 -18.78 33.58 27.10
C GLU D 212 -18.92 34.34 25.78
N GLY D 213 -20.11 34.88 25.54
CA GLY D 213 -20.39 35.58 24.30
C GLY D 213 -19.95 37.03 24.31
N GLY D 214 -18.65 37.27 24.20
CA GLY D 214 -18.12 38.61 24.28
C GLY D 214 -18.08 39.33 22.95
N PHE D 215 -17.82 38.60 21.86
CA PHE D 215 -17.72 39.24 20.56
C PHE D 215 -19.04 39.88 20.13
N ASP D 216 -20.17 39.30 20.54
CA ASP D 216 -21.46 39.88 20.22
C ASP D 216 -21.56 41.29 20.80
N ALA D 217 -21.11 41.46 22.04
CA ALA D 217 -21.18 42.76 22.70
C ALA D 217 -20.18 43.74 22.10
N MET D 218 -18.96 43.27 21.82
CA MET D 218 -17.96 44.16 21.23
C MET D 218 -18.46 44.78 19.94
N LEU D 219 -19.04 43.98 19.06
CA LEU D 219 -19.57 44.49 17.80
C LEU D 219 -20.60 45.59 18.04
N GLN D 220 -21.61 45.29 18.85
CA GLN D 220 -22.66 46.27 19.12
C GLN D 220 -22.08 47.56 19.68
N ALA D 221 -21.06 47.45 20.54
CA ALA D 221 -20.44 48.65 21.12
C ALA D 221 -19.74 49.47 20.05
N ALA D 222 -19.31 48.84 18.95
CA ALA D 222 -18.59 49.54 17.90
C ALA D 222 -19.53 50.21 16.90
N VAL D 223 -20.57 49.49 16.46
CA VAL D 223 -21.46 50.04 15.44
C VAL D 223 -22.49 50.99 16.04
N CYS D 224 -22.94 50.74 17.26
CA CYS D 224 -23.93 51.59 17.92
C CYS D 224 -23.21 52.86 18.37
N GLU D 225 -23.12 53.84 17.47
CA GLU D 225 -22.42 55.08 17.76
C GLU D 225 -23.30 56.10 18.47
N SER D 226 -24.58 56.16 18.10
CA SER D 226 -25.47 57.14 18.71
C SER D 226 -25.84 56.80 20.15
N HIS D 227 -25.82 55.50 20.50
CA HIS D 227 -26.24 55.10 21.84
C HIS D 227 -25.11 55.26 22.85
N ILE D 228 -23.87 54.91 22.47
CA ILE D 228 -22.75 55.04 23.39
C ILE D 228 -22.19 56.46 23.32
N GLY D 229 -22.11 57.04 22.13
CA GLY D 229 -21.66 58.40 21.98
C GLY D 229 -20.18 58.58 21.73
N TRP D 230 -19.55 57.66 21.00
CA TRP D 230 -18.13 57.79 20.68
C TRP D 230 -17.86 59.17 20.08
N ARG D 231 -16.91 59.89 20.66
CA ARG D 231 -16.56 61.21 20.18
C ARG D 231 -15.90 61.13 18.82
N LYS D 232 -16.18 62.14 17.97
CA LYS D 232 -15.60 62.20 16.65
C LYS D 232 -14.07 62.17 16.74
N GLU D 233 -13.51 63.19 17.38
CA GLU D 233 -12.06 63.33 17.54
C GLU D 233 -11.66 62.75 18.88
N ALA D 234 -11.51 61.44 18.94
CA ALA D 234 -11.07 60.79 20.17
C ALA D 234 -10.56 59.40 19.82
N LYS D 235 -9.31 59.12 20.19
CA LYS D 235 -8.79 57.78 20.01
C LYS D 235 -9.67 56.83 20.82
N ARG D 236 -10.51 56.07 20.13
CA ARG D 236 -11.55 55.28 20.78
C ARG D 236 -10.94 54.02 21.38
N LEU D 237 -11.03 53.91 22.71
CA LEU D 237 -10.51 52.76 23.43
C LEU D 237 -11.68 51.91 23.93
N LEU D 238 -11.49 50.60 23.90
CA LEU D 238 -12.49 49.65 24.36
C LEU D 238 -11.77 48.59 25.19
N LEU D 239 -11.93 48.66 26.50
CA LEU D 239 -11.31 47.70 27.41
C LEU D 239 -12.26 46.53 27.62
N VAL D 240 -11.88 45.36 27.13
CA VAL D 240 -12.65 44.14 27.30
C VAL D 240 -12.06 43.41 28.49
N MET D 241 -12.89 43.13 29.50
CA MET D 241 -12.45 42.53 30.75
C MET D 241 -13.17 41.19 30.91
N THR D 242 -12.40 40.10 30.89
CA THR D 242 -12.96 38.76 31.01
C THR D 242 -11.90 37.86 31.60
N ASP D 243 -12.31 36.63 31.94
CA ASP D 243 -11.39 35.64 32.49
C ASP D 243 -11.42 34.33 31.72
N GLN D 244 -12.09 34.26 30.58
CA GLN D 244 -12.27 33.01 29.86
C GLN D 244 -12.37 33.29 28.36
N THR D 245 -12.26 32.22 27.58
CA THR D 245 -12.32 32.31 26.14
C THR D 245 -13.73 32.66 25.69
N SER D 246 -13.85 33.07 24.42
CA SER D 246 -15.09 33.59 23.88
C SER D 246 -15.74 32.61 22.92
N HIS D 247 -17.06 32.75 22.77
CA HIS D 247 -17.80 31.96 21.80
C HIS D 247 -17.50 32.44 20.38
N LEU D 248 -17.45 31.49 19.45
CA LEU D 248 -17.17 31.79 18.06
C LEU D 248 -18.45 31.80 17.23
N ALA D 249 -18.31 32.23 15.98
CA ALA D 249 -19.47 32.44 15.11
C ALA D 249 -20.33 31.18 15.03
N LEU D 250 -19.73 30.06 14.65
CA LEU D 250 -20.48 28.85 14.37
C LEU D 250 -20.75 28.00 15.61
N ASP D 251 -20.36 28.47 16.80
CA ASP D 251 -20.79 27.81 18.02
C ASP D 251 -22.31 27.84 18.18
N SER D 252 -22.98 28.78 17.52
CA SER D 252 -24.41 28.96 17.70
C SER D 252 -25.24 27.85 17.08
N LYS D 253 -24.65 27.05 16.18
CA LYS D 253 -25.41 25.96 15.58
C LYS D 253 -25.97 25.04 16.65
N LEU D 254 -25.28 24.90 17.78
CA LEU D 254 -25.80 24.12 18.90
C LEU D 254 -27.16 24.64 19.33
N ALA D 255 -27.30 25.96 19.43
CA ALA D 255 -28.56 26.57 19.84
C ALA D 255 -29.58 26.65 18.71
N GLY D 256 -29.26 26.14 17.53
CA GLY D 256 -30.15 26.27 16.39
C GLY D 256 -30.12 27.64 15.75
N ILE D 257 -29.08 28.43 16.00
CA ILE D 257 -28.93 29.75 15.41
C ILE D 257 -27.97 29.60 14.24
N VAL D 258 -28.49 29.79 13.02
CA VAL D 258 -27.72 29.54 11.80
C VAL D 258 -27.68 30.73 10.87
N CYS D 259 -28.25 31.87 11.24
CA CYS D 259 -28.25 33.04 10.38
C CYS D 259 -27.05 33.91 10.73
N PRO D 260 -26.12 34.15 9.81
CA PRO D 260 -24.92 34.94 10.15
C PRO D 260 -25.27 36.31 10.70
N ASN D 261 -24.31 36.87 11.43
CA ASN D 261 -24.47 38.21 12.00
C ASN D 261 -24.46 39.25 10.89
N ASP D 262 -25.33 40.25 11.02
CA ASP D 262 -25.45 41.30 10.01
C ASP D 262 -24.58 42.51 10.30
N GLY D 263 -24.02 42.62 11.50
CA GLY D 263 -23.06 43.67 11.80
C GLY D 263 -23.66 45.05 11.96
N ASN D 264 -24.96 45.14 12.21
CA ASN D 264 -25.62 46.42 12.42
C ASN D 264 -25.89 46.64 13.91
N CYS D 265 -26.48 47.79 14.22
CA CYS D 265 -26.80 48.14 15.60
C CYS D 265 -28.22 47.67 15.93
N HIS D 266 -28.35 46.91 17.02
CA HIS D 266 -29.61 46.30 17.42
C HIS D 266 -29.82 46.52 18.92
N LEU D 267 -30.14 47.76 19.29
CA LEU D 267 -30.42 48.14 20.68
C LEU D 267 -31.78 48.83 20.69
N LYS D 268 -32.82 48.09 21.06
CA LYS D 268 -34.17 48.66 21.08
C LYS D 268 -34.32 49.63 22.25
N ASN D 269 -33.85 49.24 23.43
CA ASN D 269 -33.81 50.12 24.59
C ASN D 269 -32.51 49.89 25.35
N ASN D 270 -31.38 50.18 24.69
CA ASN D 270 -30.06 49.97 25.29
C ASN D 270 -29.85 48.51 25.67
N VAL D 271 -30.42 47.60 24.88
CA VAL D 271 -30.35 46.16 25.13
C VAL D 271 -30.21 45.45 23.80
N TYR D 272 -29.25 44.53 23.71
CA TYR D 272 -29.00 43.78 22.48
C TYR D 272 -30.10 42.73 22.31
N VAL D 273 -30.97 42.93 21.32
CA VAL D 273 -32.14 42.07 21.15
C VAL D 273 -31.84 40.85 20.26
N LYS D 274 -30.93 40.99 19.31
CA LYS D 274 -30.65 39.91 18.36
C LYS D 274 -29.74 38.83 18.93
N SER D 275 -29.40 38.89 20.22
CA SER D 275 -28.49 37.90 20.79
C SER D 275 -29.03 36.48 20.70
N THR D 276 -30.31 36.30 20.42
CA THR D 276 -30.93 34.98 20.35
C THR D 276 -31.37 34.60 18.94
N THR D 277 -31.13 35.46 17.95
CA THR D 277 -31.54 35.20 16.58
C THR D 277 -30.38 35.19 15.59
N MET D 278 -29.32 35.95 15.85
CA MET D 278 -28.15 35.98 15.00
C MET D 278 -26.97 35.33 15.72
N GLU D 279 -26.19 34.53 14.99
CA GLU D 279 -25.05 33.86 15.57
C GLU D 279 -23.94 34.86 15.89
N HIS D 280 -22.99 34.42 16.71
CA HIS D 280 -21.87 35.27 17.06
C HIS D 280 -21.15 35.75 15.79
N PRO D 281 -20.48 36.90 15.84
CA PRO D 281 -19.71 37.34 14.68
C PRO D 281 -18.36 36.65 14.61
N SER D 282 -17.91 36.42 13.38
CA SER D 282 -16.59 35.87 13.17
C SER D 282 -15.54 36.96 13.40
N LEU D 283 -14.28 36.53 13.53
CA LEU D 283 -13.20 37.49 13.75
C LEU D 283 -13.05 38.42 12.55
N GLY D 284 -13.29 37.92 11.34
CA GLY D 284 -13.24 38.77 10.17
C GLY D 284 -14.27 39.89 10.24
N GLN D 285 -15.53 39.53 10.52
CA GLN D 285 -16.57 40.54 10.67
C GLN D 285 -16.23 41.51 11.79
N LEU D 286 -15.69 41.00 12.90
CA LEU D 286 -15.35 41.87 14.03
C LEU D 286 -14.24 42.85 13.66
N SER D 287 -13.19 42.36 12.99
CA SER D 287 -12.07 43.22 12.64
C SER D 287 -12.52 44.37 11.74
N GLU D 288 -13.31 44.05 10.71
CA GLU D 288 -13.72 45.08 9.74
C GLU D 288 -14.51 46.19 10.42
N LYS D 289 -15.47 45.83 11.26
CA LYS D 289 -16.28 46.84 11.94
C LYS D 289 -15.46 47.65 12.94
N LEU D 290 -14.46 47.03 13.57
CA LEU D 290 -13.58 47.77 14.46
C LEU D 290 -12.77 48.80 13.69
N ILE D 291 -12.23 48.43 12.53
CA ILE D 291 -11.39 49.35 11.77
C ILE D 291 -12.23 50.47 11.16
N ASP D 292 -13.38 50.12 10.59
CA ASP D 292 -14.22 51.14 9.96
C ASP D 292 -14.62 52.25 10.93
N ASN D 293 -14.64 51.96 12.23
CA ASN D 293 -14.98 52.96 13.24
C ASN D 293 -13.77 53.43 14.03
N ASN D 294 -12.56 53.06 13.60
CA ASN D 294 -11.33 53.54 14.22
C ASN D 294 -11.32 53.28 15.73
N ILE D 295 -11.57 52.01 16.10
CA ILE D 295 -11.67 51.60 17.49
C ILE D 295 -10.50 50.67 17.81
N ASN D 296 -9.72 51.03 18.82
CA ASN D 296 -8.64 50.19 19.32
C ASN D 296 -9.11 49.43 20.54
N VAL D 297 -8.72 48.15 20.63
CA VAL D 297 -9.20 47.26 21.67
C VAL D 297 -8.08 46.97 22.67
N ILE D 298 -8.47 46.82 23.93
CA ILE D 298 -7.57 46.43 25.01
C ILE D 298 -8.21 45.26 25.74
N PHE D 299 -7.56 44.10 25.71
CA PHE D 299 -8.06 42.90 26.36
C PHE D 299 -7.52 42.83 27.78
N ALA D 300 -8.42 42.91 28.76
CA ALA D 300 -8.07 42.83 30.18
C ALA D 300 -8.47 41.44 30.66
N VAL D 301 -7.52 40.51 30.63
CA VAL D 301 -7.77 39.12 30.95
C VAL D 301 -6.93 38.72 32.16
N GLN D 302 -7.38 37.67 32.84
CA GLN D 302 -6.81 37.29 34.13
C GLN D 302 -6.14 35.93 34.07
N GLY D 303 -6.90 34.84 33.94
CA GLY D 303 -6.35 33.51 34.10
C GLY D 303 -5.37 33.14 33.01
N LYS D 304 -5.05 31.85 32.97
CA LYS D 304 -4.18 31.31 31.93
C LYS D 304 -4.72 31.61 30.53
N GLN D 305 -6.00 31.93 30.42
CA GLN D 305 -6.63 32.23 29.14
C GLN D 305 -6.14 33.53 28.55
N PHE D 306 -5.27 34.26 29.25
CA PHE D 306 -4.63 35.44 28.67
C PHE D 306 -3.86 35.06 27.41
N HIS D 307 -3.12 33.95 27.45
CA HIS D 307 -2.35 33.54 26.29
C HIS D 307 -3.24 33.27 25.08
N TRP D 308 -4.52 32.95 25.30
CA TRP D 308 -5.44 32.76 24.19
C TRP D 308 -5.63 34.06 23.41
N TYR D 309 -6.03 35.13 24.10
CA TYR D 309 -6.19 36.42 23.44
C TYR D 309 -4.87 36.94 22.91
N LYS D 310 -3.75 36.58 23.56
CA LYS D 310 -2.45 36.99 23.06
C LYS D 310 -2.17 36.37 21.70
N ASP D 311 -2.49 35.09 21.53
CA ASP D 311 -2.24 34.40 20.27
C ASP D 311 -3.23 34.78 19.18
N LEU D 312 -4.16 35.71 19.45
CA LEU D 312 -5.11 36.16 18.45
C LEU D 312 -4.83 37.56 17.94
N LEU D 313 -3.92 38.30 18.58
CA LEU D 313 -3.60 39.64 18.11
C LEU D 313 -3.07 39.64 16.67
N PRO D 314 -2.38 38.61 16.18
CA PRO D 314 -2.02 38.61 14.75
C PRO D 314 -3.22 38.70 13.83
N LEU D 315 -4.36 38.16 14.22
CA LEU D 315 -5.56 38.17 13.40
C LEU D 315 -6.41 39.42 13.59
N LEU D 316 -6.02 40.30 14.51
CA LEU D 316 -6.81 41.50 14.80
C LEU D 316 -5.89 42.70 14.91
N PRO D 317 -5.56 43.35 13.79
CA PRO D 317 -4.76 44.58 13.89
C PRO D 317 -5.48 45.65 14.69
N GLY D 318 -4.72 46.37 15.50
CA GLY D 318 -5.25 47.43 16.32
C GLY D 318 -5.64 47.03 17.72
N THR D 319 -5.46 45.78 18.09
CA THR D 319 -5.80 45.30 19.41
C THR D 319 -4.53 44.97 20.18
N ILE D 320 -4.65 44.99 21.51
CA ILE D 320 -3.53 44.68 22.39
C ILE D 320 -4.09 43.93 23.59
N ALA D 321 -3.23 43.14 24.23
CA ALA D 321 -3.64 42.28 25.33
C ALA D 321 -2.78 42.57 26.55
N GLY D 322 -3.35 42.30 27.72
CA GLY D 322 -2.67 42.51 28.98
C GLY D 322 -3.19 41.57 30.04
N GLU D 323 -2.29 40.93 30.78
CA GLU D 323 -2.66 39.94 31.78
C GLU D 323 -2.99 40.66 33.08
N ILE D 324 -4.26 40.58 33.49
CA ILE D 324 -4.63 41.06 34.82
C ILE D 324 -3.92 40.20 35.85
N GLU D 325 -3.25 40.85 36.79
CA GLU D 325 -2.65 40.14 37.90
C GLU D 325 -3.76 39.54 38.77
N SER D 326 -3.66 38.25 39.07
CA SER D 326 -4.69 37.60 39.86
C SER D 326 -4.91 38.28 41.21
N LYS D 327 -3.97 39.11 41.65
CA LYS D 327 -4.15 39.93 42.84
C LYS D 327 -4.90 41.23 42.58
N ALA D 328 -5.37 41.44 41.35
CA ALA D 328 -6.24 42.58 41.07
C ALA D 328 -5.49 43.90 41.19
N ALA D 329 -6.22 45.02 41.13
CA ALA D 329 -5.64 46.35 41.21
C ALA D 329 -4.64 46.59 40.09
N ASN D 330 -4.85 45.95 38.95
CA ASN D 330 -3.98 46.12 37.79
C ASN D 330 -4.69 46.77 36.61
N LEU D 331 -5.98 47.09 36.72
CA LEU D 331 -6.68 47.70 35.60
C LEU D 331 -6.06 49.03 35.23
N ASN D 332 -5.82 49.89 36.22
CA ASN D 332 -5.27 51.21 35.94
C ASN D 332 -3.87 51.11 35.34
N ASN D 333 -3.07 50.15 35.81
CA ASN D 333 -1.72 50.02 35.31
C ASN D 333 -1.68 49.44 33.90
N LEU D 334 -2.65 48.60 33.55
CA LEU D 334 -2.70 48.05 32.19
C LEU D 334 -3.22 49.07 31.19
N VAL D 335 -4.28 49.79 31.54
CA VAL D 335 -4.88 50.72 30.60
C VAL D 335 -3.91 51.83 30.23
N VAL D 336 -3.16 52.33 31.22
CA VAL D 336 -2.16 53.36 30.94
C VAL D 336 -0.97 52.74 30.20
N GLU D 337 -0.50 51.58 30.67
CA GLU D 337 0.61 50.92 29.99
C GLU D 337 0.21 50.46 28.59
N ALA D 338 -1.04 50.02 28.42
CA ALA D 338 -1.50 49.62 27.10
C ALA D 338 -1.66 50.83 26.18
N TYR D 339 -2.13 51.96 26.72
CA TYR D 339 -2.30 53.15 25.91
C TYR D 339 -0.96 53.65 25.37
N GLN D 340 0.08 53.64 26.21
CA GLN D 340 1.40 54.05 25.77
C GLN D 340 1.82 53.27 24.52
N LYS D 341 1.76 51.94 24.60
CA LYS D 341 2.15 51.12 23.46
C LYS D 341 1.23 51.35 22.26
N LEU D 342 -0.05 51.66 22.52
CA LEU D 342 -0.98 51.86 21.41
C LEU D 342 -0.63 53.11 20.61
N ILE D 343 -0.21 54.17 21.29
CA ILE D 343 0.17 55.39 20.59
C ILE D 343 1.52 55.24 19.91
N SER D 344 2.41 54.41 20.47
CA SER D 344 3.68 54.14 19.82
C SER D 344 3.51 53.29 18.57
N GLU D 345 2.40 52.58 18.45
CA GLU D 345 2.14 51.70 17.31
C GLU D 345 1.53 52.50 16.16
N VAL D 346 2.15 52.41 14.97
CA VAL D 346 1.67 53.14 13.80
C VAL D 346 1.71 52.25 12.57
N LYS D 347 0.76 51.33 12.46
CA LYS D 347 0.65 50.48 11.27
C LYS D 347 -0.16 51.18 10.18
N VAL D 348 -0.18 50.55 9.00
CA VAL D 348 -0.91 51.06 7.84
C VAL D 348 -1.60 49.88 7.16
N GLN D 349 -2.74 50.16 6.53
CA GLN D 349 -3.53 49.13 5.86
C GLN D 349 -4.06 49.67 4.54
N VAL D 350 -4.60 48.78 3.72
CA VAL D 350 -5.10 49.14 2.39
C VAL D 350 -6.61 48.92 2.33
N GLU D 351 -7.20 49.12 1.16
CA GLU D 351 -8.65 48.99 1.00
C GLU D 351 -8.99 49.12 -0.48
N ASN D 352 -9.88 48.24 -0.95
CA ASN D 352 -10.38 48.30 -2.33
C ASN D 352 -9.26 48.25 -3.35
N GLN D 353 -9.60 48.37 -4.63
CA GLN D 353 -8.64 48.38 -5.72
C GLN D 353 -9.38 48.70 -7.02
N VAL D 354 -8.63 48.74 -8.11
CA VAL D 354 -9.20 48.93 -9.44
C VAL D 354 -9.25 47.57 -10.13
N GLN D 355 -9.96 46.62 -9.53
CA GLN D 355 -10.02 45.25 -10.03
C GLN D 355 -8.63 44.72 -10.34
N GLY D 356 -7.69 45.03 -9.45
CA GLY D 356 -6.31 44.60 -9.60
C GLY D 356 -5.31 45.69 -9.24
N TYR D 358 -1.37 45.84 -6.55
CA TYR D 358 -0.56 45.17 -5.55
C TYR D 358 -0.39 46.00 -4.27
N PHE D 359 -0.02 47.27 -4.43
CA PHE D 359 0.18 48.17 -3.31
C PHE D 359 1.30 47.65 -2.41
N ASN D 360 2.47 47.45 -3.02
CA ASN D 360 3.64 46.88 -2.32
C ASN D 360 4.24 47.97 -1.42
N ILE D 361 3.64 48.09 -0.22
CA ILE D 361 4.08 49.08 0.75
C ILE D 361 5.40 48.66 1.39
N THR D 362 6.18 49.66 1.81
CA THR D 362 7.43 49.43 2.53
C THR D 362 7.58 50.56 3.54
N ALA D 363 7.26 50.28 4.80
CA ALA D 363 7.28 51.30 5.85
C ALA D 363 8.70 51.51 6.36
N ILE D 364 9.04 52.76 6.65
CA ILE D 364 10.34 53.13 7.19
C ILE D 364 10.15 53.83 8.52
N CYS D 365 11.02 53.53 9.47
CA CYS D 365 10.93 54.04 10.84
C CYS D 365 11.68 55.36 10.98
N PRO D 366 11.56 56.00 12.15
CA PRO D 366 12.42 57.17 12.43
C PRO D 366 13.89 56.81 12.37
N ASP D 367 14.22 55.56 12.67
CA ASP D 367 15.58 55.05 12.61
C ASP D 367 15.65 54.20 11.36
N GLY D 368 16.75 54.34 10.62
CA GLY D 368 16.89 53.59 9.39
C GLY D 368 16.59 52.12 9.57
N SER D 369 15.42 51.69 9.10
CA SER D 369 15.04 50.28 9.19
C SER D 369 14.01 49.99 8.11
N ARG D 370 14.21 48.87 7.42
CA ARG D 370 13.27 48.41 6.39
C ARG D 370 12.17 47.61 7.07
N LYS D 371 11.03 48.25 7.31
CA LYS D 371 9.91 47.63 7.99
C LYS D 371 8.77 47.37 7.02
N PRO D 372 8.26 46.13 6.95
CA PRO D 372 7.10 45.87 6.10
C PRO D 372 5.96 46.84 6.37
N GLY D 373 5.08 47.02 5.39
CA GLY D 373 3.96 47.94 5.53
C GLY D 373 3.16 47.70 6.80
N MET D 374 2.60 46.50 6.94
CA MET D 374 1.84 46.16 8.14
C MET D 374 2.71 46.16 9.39
N GLU D 375 4.03 46.29 9.25
CA GLU D 375 4.91 46.18 10.41
C GLU D 375 4.87 47.41 11.30
N GLY D 376 4.37 48.54 10.79
CA GLY D 376 4.37 49.68 11.68
C GLY D 376 5.75 50.06 12.17
N CYS D 377 5.76 50.83 13.24
CA CYS D 377 7.00 51.26 13.89
C CYS D 377 6.72 51.59 15.34
N ARG D 378 7.45 50.94 16.23
CA ARG D 378 7.28 51.08 17.66
C ARG D 378 8.30 52.09 18.20
N ASN D 379 8.09 52.50 19.45
CA ASN D 379 8.94 53.48 20.10
C ASN D 379 9.00 54.79 19.31
N VAL D 380 7.92 55.13 18.60
CA VAL D 380 7.89 56.36 17.83
C VAL D 380 7.81 57.54 18.78
N SER D 382 8.03 60.55 20.75
CA SER D 382 6.58 60.40 20.58
C SER D 382 6.09 61.20 19.38
N ASN D 383 6.19 62.54 19.48
CA ASN D 383 5.72 63.40 18.40
C ASN D 383 6.85 63.63 17.40
N ASP D 384 7.21 62.55 16.70
CA ASP D 384 8.28 62.55 15.72
C ASP D 384 7.74 62.16 14.35
N GLU D 385 8.54 62.39 13.32
CA GLU D 385 8.09 62.10 11.97
C GLU D 385 7.97 60.59 11.73
N VAL D 386 7.14 60.23 10.76
CA VAL D 386 7.02 58.87 10.27
C VAL D 386 7.25 58.89 8.76
N LEU D 387 7.21 57.73 8.14
CA LEU D 387 7.44 57.63 6.71
C LEU D 387 7.19 56.21 6.25
N PHE D 388 7.20 56.02 4.93
CA PHE D 388 6.95 54.72 4.33
C PHE D 388 6.50 54.85 2.89
N ASN D 389 7.43 54.72 1.94
CA ASN D 389 7.09 54.89 0.53
C ASN D 389 6.22 53.73 0.05
N VAL D 390 5.09 54.07 -0.59
CA VAL D 390 4.15 53.09 -1.10
C VAL D 390 4.25 53.08 -2.62
N THR D 391 4.29 51.88 -3.19
CA THR D 391 4.33 51.70 -4.63
C THR D 391 3.02 51.12 -5.12
N VAL D 392 2.48 51.68 -6.20
CA VAL D 392 1.20 51.26 -6.75
C VAL D 392 1.38 51.02 -8.23
N THR D 393 1.09 49.79 -8.67
CA THR D 393 1.09 49.43 -10.06
C THR D 393 0.14 48.24 -10.23
N MET D 394 -0.13 47.88 -11.48
CA MET D 394 -0.97 46.72 -11.74
C MET D 394 -0.10 45.48 -11.96
N TYR D 405 -11.10 54.05 -7.01
CA TYR D 405 -11.42 54.48 -5.66
C TYR D 405 -10.81 53.54 -4.62
N ALA D 406 -9.87 54.07 -3.82
CA ALA D 406 -9.20 53.29 -2.80
C ALA D 406 -8.91 54.18 -1.61
N ILE D 407 -8.73 53.54 -0.45
CA ILE D 407 -8.49 54.26 0.80
C ILE D 407 -7.27 53.65 1.49
N ILE D 408 -6.51 54.50 2.16
CA ILE D 408 -5.38 54.08 2.99
C ILE D 408 -5.65 54.59 4.40
N LYS D 409 -5.79 53.65 5.34
CA LYS D 409 -6.18 53.96 6.70
C LYS D 409 -5.02 53.72 7.65
N PRO D 410 -4.57 54.70 8.43
CA PRO D 410 -3.71 54.37 9.56
C PRO D 410 -4.53 53.60 10.59
N ILE D 411 -3.85 52.73 11.32
CA ILE D 411 -4.52 51.83 12.24
C ILE D 411 -5.22 52.60 13.35
N GLY D 412 -6.55 52.62 13.31
CA GLY D 412 -7.35 53.21 14.35
C GLY D 412 -7.28 54.72 14.48
N PHE D 413 -6.73 55.42 13.49
CA PHE D 413 -6.70 56.88 13.53
C PHE D 413 -8.01 57.44 12.99
N ASN D 414 -8.28 58.71 13.32
CA ASN D 414 -9.50 59.33 12.89
C ASN D 414 -9.38 59.93 11.48
N GLU D 415 -8.36 59.53 10.72
CA GLU D 415 -8.04 60.16 9.45
C GLU D 415 -7.78 59.09 8.40
N THR D 416 -8.47 59.20 7.27
CA THR D 416 -8.32 58.28 6.15
C THR D 416 -7.91 59.08 4.92
N ALA D 417 -6.70 58.83 4.42
CA ALA D 417 -6.21 59.49 3.22
C ALA D 417 -6.59 58.63 2.02
N LYS D 418 -7.58 59.08 1.25
CA LYS D 418 -8.08 58.31 0.12
C LYS D 418 -7.27 58.61 -1.13
N ILE D 419 -7.33 57.69 -2.08
CA ILE D 419 -6.58 57.79 -3.33
C ILE D 419 -7.40 57.16 -4.44
N HIS D 420 -7.30 57.73 -5.63
CA HIS D 420 -8.09 57.28 -6.77
C HIS D 420 -7.55 57.91 -8.03
N ILE D 421 -7.97 57.37 -9.17
CA ILE D 421 -7.57 57.90 -10.48
C ILE D 421 -8.81 58.11 -11.34
N GLY E 1 -8.96 -30.91 16.73
CA GLY E 1 -9.07 -32.17 17.45
C GLY E 1 -7.79 -32.99 17.39
N ARG E 2 -7.95 -34.27 17.05
CA ARG E 2 -6.82 -35.18 16.92
C ARG E 2 -6.86 -35.82 15.54
N ARG E 3 -5.88 -35.48 14.70
CA ARG E 3 -5.76 -36.02 13.36
C ARG E 3 -4.40 -36.69 13.23
N GLY E 4 -4.15 -37.29 12.07
CA GLY E 4 -2.86 -37.89 11.84
C GLY E 4 -2.86 -39.40 11.95
N ASP E 5 -1.80 -39.95 12.54
CA ASP E 5 -1.66 -41.40 12.68
C ASP E 5 -2.49 -41.94 13.84
N LEU E 6 -2.68 -41.16 14.90
CA LEU E 6 -3.44 -41.58 16.07
C LEU E 6 -4.90 -41.18 15.99
N ALA E 7 -5.38 -40.73 14.82
CA ALA E 7 -6.75 -40.23 14.72
C ALA E 7 -7.77 -41.36 14.69
N THR E 8 -7.48 -42.44 13.96
CA THR E 8 -8.43 -43.54 13.85
C THR E 8 -8.72 -44.16 15.21
N ILE E 9 -7.69 -44.36 16.02
CA ILE E 9 -7.83 -45.00 17.33
C ILE E 9 -8.98 -44.40 18.13
N HIS E 10 -8.92 -43.10 18.36
CA HIS E 10 -9.96 -42.40 19.11
N ARG F 2 -18.57 19.22 39.02
CA ARG F 2 -19.27 20.32 38.37
C ARG F 2 -18.31 21.46 38.04
N ARG F 3 -18.10 21.68 36.74
CA ARG F 3 -17.21 22.71 36.22
C ARG F 3 -17.98 23.69 35.33
N GLY F 4 -17.25 24.61 34.74
CA GLY F 4 -17.83 25.61 33.86
C GLY F 4 -17.84 27.00 34.46
N ASP F 5 -18.92 27.76 34.23
CA ASP F 5 -18.98 29.12 34.75
C ASP F 5 -19.32 29.16 36.24
N LEU F 6 -20.09 28.18 36.72
CA LEU F 6 -20.52 28.12 38.11
C LEU F 6 -19.57 27.30 38.98
N ALA F 7 -18.38 26.97 38.48
CA ALA F 7 -17.48 26.07 39.20
C ALA F 7 -16.79 26.80 40.36
N THR F 8 -16.34 28.03 40.15
CA THR F 8 -15.62 28.74 41.21
C THR F 8 -16.49 28.94 42.44
N ILE F 9 -17.76 29.33 42.23
CA ILE F 9 -18.67 29.59 43.33
C ILE F 9 -18.85 28.35 44.19
N HIS F 10 -19.05 27.20 43.54
CA HIS F 10 -19.23 25.94 44.24
#